data_8F9R
#
_entry.id   8F9R
#
_cell.length_a   114.070
_cell.length_b   152.690
_cell.length_c   81.748
_cell.angle_alpha   90.000
_cell.angle_beta   90.000
_cell.angle_gamma   90.000
#
_symmetry.space_group_name_H-M   'P 21 21 2'
#
loop_
_entity.id
_entity.type
_entity.pdbx_description
1 polymer 'Sialic acid acetylesterase'
2 branched alpha-D-mannopyranose-(1-3)-[alpha-D-mannopyranose-(1-6)]beta-D-mannopyranose-(1-4)-2-acetamido-2-deoxy-beta-D-glucopyranose-(1-4)-2-acetamido-2-deoxy-beta-D-glucopyranose
3 branched beta-D-mannopyranose-(1-4)-2-acetamido-2-deoxy-beta-D-glucopyranose-(1-4)-[alpha-L-fucopyranose-(1-6)]2-acetamido-2-deoxy-beta-D-glucopyranose
4 branched 2-acetamido-2-deoxy-beta-D-glucopyranose-(1-4)-2-acetamido-2-deoxy-beta-D-glucopyranose
5 non-polymer 2-acetamido-2-deoxy-beta-D-glucopyranose
6 water water
#
_entity_poly.entity_id   1
_entity_poly.type   'polypeptide(L)'
_entity_poly.pdbx_seq_one_letter_code
;DRHHHHHHKLVGFRFASYISDYMVLQKEPAGAVIWGFGIPGATVRVILYRGQEAIMEKVTQVKAQSSNTWMVVLDPVKPG
GPFEVMAQQTLGRMNSTLRIHNVLFGDVWLCSGQSNLKMTVSQIFNATKEMYNIAPYQSVRIMSVSLVEAEEELEDLTEI
DLPWSKPTPGNLGHGNFTYMSALCWLYGRYLYDTLRYPVGLVSSVWGGTAIEAWSSERVLKACNVPDHGYIPEESVTGPR
EHSVVWNAMVHPLCNMTLKGVLWYQGESNMDYNRNLYNCTFPALIEDWRQTFHRGSQGQTERFFPFGFVQLSSYLAPPSP
DEGFPHIRWHQTADFGYVPNVKMPNTFMAVTMDLGDRDSPFGSVHPRDKQTVAYRLHLGARAVVYGEKNLIFQGPLPEKI
ELLARQELINITYHQQIQLQRQDNKIFQISCCSNHQCKWLPAPMSTFSTRTLTLNTKPCRDSVAAVRYAWDSWPCEYKQC
PIYHPSSTLPAPPFVAFINGR
;
_entity_poly.pdbx_strand_id   A,B
#
loop_
_chem_comp.id
_chem_comp.type
_chem_comp.name
_chem_comp.formula
BMA D-saccharide, beta linking beta-D-mannopyranose 'C6 H12 O6'
FUC L-saccharide, alpha linking alpha-L-fucopyranose 'C6 H12 O5'
MAN D-saccharide, alpha linking alpha-D-mannopyranose 'C6 H12 O6'
NAG D-saccharide, beta linking 2-acetamido-2-deoxy-beta-D-glucopyranose 'C8 H15 N O6'
#
# COMPACT_ATOMS: atom_id res chain seq x y z
N LYS A 9 16.78 -37.37 9.68
CA LYS A 9 17.31 -38.71 9.47
C LYS A 9 18.83 -38.64 9.30
N LEU A 10 19.29 -37.59 8.61
CA LEU A 10 20.72 -37.35 8.40
C LEU A 10 21.25 -36.59 9.60
N VAL A 11 21.86 -37.30 10.53
CA VAL A 11 22.24 -36.74 11.82
C VAL A 11 23.71 -36.33 11.86
N GLY A 12 24.31 -36.07 10.70
CA GLY A 12 25.71 -35.68 10.65
C GLY A 12 25.93 -34.20 10.90
N PHE A 13 26.68 -33.89 11.95
CA PHE A 13 26.92 -32.50 12.31
C PHE A 13 27.58 -31.76 11.15
N ARG A 14 26.93 -30.67 10.72
CA ARG A 14 27.47 -29.87 9.62
C ARG A 14 26.81 -28.51 9.62
N PHE A 15 27.52 -27.54 9.03
CA PHE A 15 26.93 -26.25 8.74
C PHE A 15 25.90 -26.38 7.63
N ALA A 16 25.09 -25.34 7.45
CA ALA A 16 24.23 -25.30 6.29
C ALA A 16 25.06 -25.30 5.01
N SER A 17 24.41 -25.65 3.91
CA SER A 17 25.14 -25.85 2.65
C SER A 17 25.83 -24.56 2.19
N TYR A 18 25.18 -23.41 2.38
CA TYR A 18 25.73 -22.14 1.95
C TYR A 18 26.60 -21.48 3.01
N ILE A 19 27.02 -22.24 4.02
CA ILE A 19 27.97 -21.76 5.03
C ILE A 19 29.29 -22.46 4.76
N SER A 20 30.24 -21.72 4.20
CA SER A 20 31.53 -22.28 3.80
C SER A 20 32.61 -21.21 3.96
N ASP A 21 33.84 -21.57 3.59
CA ASP A 21 34.95 -20.65 3.66
C ASP A 21 34.74 -19.49 2.69
N TYR A 22 35.41 -18.38 2.99
CA TYR A 22 35.45 -17.17 2.16
C TYR A 22 34.11 -16.45 2.07
N MET A 23 33.13 -16.80 2.89
CA MET A 23 31.81 -16.22 2.71
C MET A 23 31.80 -14.76 3.16
N VAL A 24 30.64 -14.13 2.99
CA VAL A 24 30.36 -12.82 3.56
C VAL A 24 29.08 -12.94 4.38
N LEU A 25 29.11 -12.46 5.61
CA LEU A 25 27.97 -12.45 6.50
C LEU A 25 27.45 -11.02 6.66
N GLN A 26 26.21 -10.91 7.11
CA GLN A 26 25.58 -9.61 7.21
C GLN A 26 26.16 -8.83 8.39
N LYS A 27 26.33 -7.53 8.19
CA LYS A 27 26.99 -6.65 9.13
C LYS A 27 25.97 -5.87 9.98
N GLU A 28 26.47 -5.25 11.05
CA GLU A 28 25.71 -4.36 11.91
C GLU A 28 24.83 -3.45 11.06
N PRO A 29 23.59 -3.14 11.48
CA PRO A 29 22.91 -3.53 12.72
C PRO A 29 22.44 -4.99 12.75
N ALA A 30 22.16 -5.61 11.61
CA ALA A 30 21.66 -6.98 11.61
C ALA A 30 22.74 -7.94 12.13
N GLY A 31 22.27 -9.07 12.63
CA GLY A 31 23.15 -10.11 13.16
C GLY A 31 23.13 -11.33 12.26
N ALA A 32 24.31 -11.87 11.98
CA ALA A 32 24.43 -13.04 11.11
C ALA A 32 23.82 -14.26 11.77
N VAL A 33 23.15 -15.09 10.97
CA VAL A 33 22.56 -16.35 11.42
C VAL A 33 23.48 -17.48 11.01
N ILE A 34 23.81 -18.35 11.97
CA ILE A 34 24.61 -19.55 11.70
C ILE A 34 23.76 -20.75 12.10
N TRP A 35 23.46 -21.62 11.14
CA TRP A 35 22.63 -22.79 11.42
C TRP A 35 23.15 -24.00 10.65
N GLY A 36 22.74 -25.16 11.12
CA GLY A 36 23.16 -26.41 10.52
C GLY A 36 22.39 -27.58 11.10
N PHE A 37 22.93 -28.77 10.88
CA PHE A 37 22.32 -30.01 11.32
C PHE A 37 23.23 -30.72 12.32
N GLY A 38 22.67 -31.68 13.03
CA GLY A 38 23.44 -32.44 13.99
C GLY A 38 22.61 -33.53 14.62
N ILE A 39 23.02 -33.96 15.81
CA ILE A 39 22.29 -34.96 16.56
C ILE A 39 21.19 -34.26 17.36
N PRO A 40 19.94 -34.72 17.26
CA PRO A 40 18.88 -34.12 18.08
C PRO A 40 19.24 -34.12 19.55
N GLY A 41 19.07 -32.96 20.19
CA GLY A 41 19.34 -32.82 21.60
C GLY A 41 20.77 -32.47 21.96
N ALA A 42 21.70 -32.61 21.03
CA ALA A 42 23.08 -32.25 21.31
C ALA A 42 23.22 -30.74 21.45
N THR A 43 24.30 -30.32 22.09
CA THR A 43 24.56 -28.91 22.35
C THR A 43 25.61 -28.39 21.36
N VAL A 44 25.36 -27.20 20.81
CA VAL A 44 26.22 -26.60 19.80
C VAL A 44 26.66 -25.23 20.30
N ARG A 45 27.98 -25.00 20.24
CA ARG A 45 28.60 -23.74 20.62
C ARG A 45 29.23 -23.11 19.39
N VAL A 46 28.76 -21.92 19.02
CA VAL A 46 29.30 -21.22 17.85
C VAL A 46 30.11 -20.04 18.35
N ILE A 47 31.39 -20.00 17.99
CA ILE A 47 32.31 -18.96 18.41
C ILE A 47 32.85 -18.25 17.19
N LEU A 48 32.83 -16.92 17.23
CA LEU A 48 33.39 -16.06 16.21
C LEU A 48 34.74 -15.55 16.68
N TYR A 49 35.76 -15.77 15.84
CA TYR A 49 37.16 -15.43 16.09
C TYR A 49 37.58 -14.28 15.20
N ARG A 50 38.23 -13.27 15.79
CA ARG A 50 38.95 -12.24 15.02
C ARG A 50 40.43 -12.60 15.13
N GLY A 51 40.98 -13.17 14.05
CA GLY A 51 42.30 -13.76 14.11
C GLY A 51 42.30 -14.99 15.00
N GLN A 52 43.07 -14.96 16.08
CA GLN A 52 43.15 -16.07 17.02
C GLN A 52 42.29 -15.86 18.26
N GLU A 53 41.73 -14.66 18.46
CA GLU A 53 40.93 -14.37 19.63
C GLU A 53 39.46 -14.70 19.37
N ALA A 54 38.82 -15.32 20.35
CA ALA A 54 37.39 -15.63 20.28
C ALA A 54 36.61 -14.37 20.63
N ILE A 55 36.09 -13.69 19.61
CA ILE A 55 35.37 -12.45 19.84
C ILE A 55 34.04 -12.71 20.55
N MET A 56 33.28 -13.69 20.08
CA MET A 56 31.97 -13.91 20.70
C MET A 56 31.58 -15.38 20.64
N GLU A 57 30.52 -15.72 21.38
CA GLU A 57 30.04 -17.09 21.47
C GLU A 57 28.54 -17.10 21.71
N LYS A 58 27.84 -17.95 20.96
CA LYS A 58 26.43 -18.28 21.18
C LYS A 58 26.30 -19.77 21.46
N VAL A 59 25.24 -20.15 22.17
CA VAL A 59 24.99 -21.54 22.53
C VAL A 59 23.55 -21.89 22.16
N THR A 60 23.36 -23.07 21.60
CA THR A 60 22.03 -23.58 21.24
C THR A 60 22.08 -25.10 21.35
N GLN A 61 20.94 -25.74 21.16
CA GLN A 61 20.86 -27.19 21.16
C GLN A 61 20.08 -27.65 19.94
N VAL A 62 20.51 -28.77 19.35
CA VAL A 62 19.88 -29.26 18.14
C VAL A 62 18.45 -29.67 18.47
N LYS A 63 17.51 -29.26 17.61
CA LYS A 63 16.11 -29.53 17.86
C LYS A 63 15.88 -31.02 18.04
N ALA A 64 15.21 -31.37 19.14
CA ALA A 64 14.80 -32.76 19.36
C ALA A 64 13.53 -33.12 18.59
N GLN A 65 12.85 -32.14 18.01
CA GLN A 65 11.64 -32.41 17.23
C GLN A 65 11.99 -32.58 15.75
N SER A 66 11.04 -32.26 14.87
CA SER A 66 11.14 -32.69 13.48
C SER A 66 12.38 -32.15 12.78
N SER A 67 12.74 -30.89 13.04
CA SER A 67 13.66 -30.18 12.16
C SER A 67 15.04 -30.84 12.14
N ASN A 68 15.55 -31.26 13.30
CA ASN A 68 16.91 -31.82 13.39
C ASN A 68 17.97 -30.73 13.13
N THR A 69 17.63 -29.48 13.41
CA THR A 69 18.49 -28.35 13.13
C THR A 69 18.98 -27.69 14.42
N TRP A 70 20.12 -27.02 14.31
CA TRP A 70 20.65 -26.17 15.37
C TRP A 70 20.94 -24.80 14.78
N MET A 71 20.57 -23.74 15.50
CA MET A 71 20.64 -22.40 14.94
C MET A 71 20.96 -21.37 16.01
N VAL A 72 21.89 -20.48 15.70
CA VAL A 72 22.25 -19.36 16.57
C VAL A 72 22.23 -18.09 15.74
N VAL A 73 21.96 -16.97 16.41
CA VAL A 73 22.02 -15.65 15.81
C VAL A 73 23.13 -14.88 16.51
N LEU A 74 24.16 -14.52 15.75
CA LEU A 74 25.27 -13.77 16.33
C LEU A 74 24.85 -12.34 16.62
N ASP A 75 25.72 -11.63 17.34
CA ASP A 75 25.51 -10.22 17.59
C ASP A 75 26.03 -9.39 16.42
N PRO A 76 25.53 -8.17 16.27
CA PRO A 76 26.02 -7.31 15.18
C PRO A 76 27.54 -7.26 15.14
N VAL A 77 28.10 -7.31 13.93
CA VAL A 77 29.53 -7.25 13.72
C VAL A 77 29.84 -6.09 12.77
N LYS A 78 30.98 -5.48 12.97
CA LYS A 78 31.36 -4.34 12.14
C LYS A 78 31.92 -4.84 10.79
N PRO A 79 31.60 -4.17 9.69
CA PRO A 79 32.12 -4.62 8.39
C PRO A 79 33.64 -4.70 8.39
N GLY A 80 34.14 -5.78 7.81
CA GLY A 80 35.57 -6.01 7.72
C GLY A 80 35.88 -7.49 7.81
N GLY A 81 37.16 -7.77 8.01
CA GLY A 81 37.64 -9.14 8.12
C GLY A 81 39.14 -9.22 8.12
N PRO A 82 39.68 -10.45 8.08
CA PRO A 82 38.97 -11.73 8.06
C PRO A 82 38.55 -12.20 9.45
N PHE A 83 37.53 -13.05 9.50
CA PHE A 83 37.10 -13.70 10.72
C PHE A 83 37.17 -15.21 10.52
N GLU A 84 36.94 -15.94 11.60
CA GLU A 84 36.76 -17.38 11.56
C GLU A 84 35.51 -17.73 12.35
N VAL A 85 34.81 -18.78 11.93
CA VAL A 85 33.60 -19.21 12.61
C VAL A 85 33.74 -20.70 12.94
N MET A 86 33.61 -21.03 14.22
CA MET A 86 33.71 -22.41 14.68
C MET A 86 32.39 -22.82 15.31
N ALA A 87 31.96 -24.04 15.02
CA ALA A 87 30.82 -24.66 15.69
C ALA A 87 31.28 -25.97 16.32
N GLN A 88 31.00 -26.14 17.61
CA GLN A 88 31.36 -27.34 18.34
C GLN A 88 30.11 -28.08 18.78
N GLN A 89 30.09 -29.38 18.54
CA GLN A 89 28.95 -30.25 18.76
C GLN A 89 29.32 -31.23 19.88
N THR A 90 28.53 -31.23 20.95
CA THR A 90 28.82 -32.10 22.09
C THR A 90 27.55 -32.80 22.55
N LEU A 91 27.68 -34.08 22.87
CA LEU A 91 26.59 -34.83 23.49
C LEU A 91 27.19 -36.01 24.22
N GLY A 92 26.91 -36.11 25.52
CA GLY A 92 27.54 -37.15 26.32
C GLY A 92 29.05 -37.04 26.21
N ARG A 93 29.68 -38.13 25.78
CA ARG A 93 31.12 -38.17 25.58
C ARG A 93 31.49 -38.13 24.09
N MET A 94 30.68 -37.45 23.28
CA MET A 94 30.91 -37.31 21.86
C MET A 94 31.13 -35.85 21.53
N ASN A 95 32.19 -35.58 20.77
CA ASN A 95 32.73 -34.24 20.56
C ASN A 95 33.06 -34.08 19.07
N SER A 96 32.75 -32.91 18.51
CA SER A 96 33.02 -32.65 17.10
C SER A 96 33.18 -31.14 16.89
N THR A 97 34.00 -30.77 15.91
CA THR A 97 34.27 -29.36 15.66
C THR A 97 34.30 -29.07 14.17
N LEU A 98 33.69 -27.95 13.78
CA LEU A 98 33.68 -27.44 12.41
C LEU A 98 34.26 -26.03 12.43
N ARG A 99 35.07 -25.70 11.44
CA ARG A 99 35.66 -24.37 11.35
C ARG A 99 35.69 -23.90 9.90
N ILE A 100 35.18 -22.69 9.67
CA ILE A 100 35.26 -22.05 8.36
C ILE A 100 36.08 -20.77 8.50
N HIS A 101 36.88 -20.49 7.48
CA HIS A 101 37.93 -19.48 7.56
C HIS A 101 37.67 -18.37 6.54
N ASN A 102 38.42 -17.28 6.72
CA ASN A 102 38.40 -16.12 5.82
C ASN A 102 36.99 -15.56 5.67
N VAL A 103 36.19 -15.63 6.74
CA VAL A 103 34.87 -15.04 6.72
C VAL A 103 34.98 -13.52 6.71
N LEU A 104 34.10 -12.86 5.97
CA LEU A 104 34.00 -11.41 5.94
C LEU A 104 32.62 -11.01 6.42
N PHE A 105 32.49 -9.75 6.83
CA PHE A 105 31.22 -9.17 7.23
C PHE A 105 30.95 -7.93 6.39
N GLY A 106 29.72 -7.82 5.90
CA GLY A 106 29.35 -6.74 5.01
C GLY A 106 27.93 -6.86 4.53
N ASP A 107 27.67 -6.39 3.30
CA ASP A 107 26.33 -6.39 2.74
C ASP A 107 26.19 -7.58 1.79
N VAL A 108 25.18 -8.41 2.03
CA VAL A 108 24.91 -9.59 1.22
C VAL A 108 23.72 -9.32 0.31
N TRP A 109 23.87 -9.67 -0.96
CA TRP A 109 22.87 -9.43 -1.98
C TRP A 109 22.54 -10.72 -2.70
N LEU A 110 21.25 -10.99 -2.85
CA LEU A 110 20.76 -12.19 -3.52
C LEU A 110 20.27 -11.81 -4.92
N CYS A 111 20.87 -12.42 -5.94
CA CYS A 111 20.54 -12.17 -7.34
C CYS A 111 19.72 -13.32 -7.88
N SER A 112 18.56 -13.01 -8.46
CA SER A 112 17.72 -14.04 -9.05
C SER A 112 16.98 -13.48 -10.26
N GLY A 113 16.46 -14.39 -11.08
CA GLY A 113 15.79 -14.00 -12.31
C GLY A 113 15.81 -15.15 -13.31
N GLN A 114 15.90 -14.77 -14.59
CA GLN A 114 16.00 -15.78 -15.64
C GLN A 114 17.23 -15.54 -16.51
N SER A 115 17.20 -16.03 -17.75
CA SER A 115 18.43 -16.24 -18.51
C SER A 115 19.27 -14.96 -18.63
N ASN A 116 18.64 -13.79 -18.61
CA ASN A 116 19.41 -12.56 -18.83
C ASN A 116 20.32 -12.25 -17.65
N LEU A 117 19.98 -12.70 -16.45
CA LEU A 117 20.86 -12.54 -15.31
C LEU A 117 21.78 -13.74 -15.12
N LYS A 118 21.43 -14.89 -15.69
CA LYS A 118 22.36 -16.01 -15.71
C LYS A 118 23.59 -15.71 -16.55
N MET A 119 23.41 -14.90 -17.60
CA MET A 119 24.51 -14.56 -18.50
C MET A 119 25.75 -14.15 -17.70
N THR A 120 26.88 -14.70 -18.09
CA THR A 120 28.09 -14.65 -17.27
C THR A 120 29.00 -13.50 -17.72
N VAL A 121 30.11 -13.35 -17.02
CA VAL A 121 31.09 -12.31 -17.37
C VAL A 121 31.76 -12.65 -18.70
N SER A 122 31.97 -13.94 -18.98
CA SER A 122 32.62 -14.33 -20.24
C SER A 122 31.77 -13.97 -21.46
N GLN A 123 30.48 -13.70 -21.27
CA GLN A 123 29.55 -13.55 -22.38
C GLN A 123 29.28 -12.09 -22.78
N ILE A 124 29.63 -11.12 -21.93
CA ILE A 124 29.22 -9.75 -22.18
C ILE A 124 30.29 -8.99 -22.96
N PHE A 125 30.00 -7.73 -23.28
CA PHE A 125 30.99 -6.89 -23.94
C PHE A 125 32.19 -6.68 -23.03
N ASN A 126 33.35 -6.41 -23.64
CA ASN A 126 34.56 -6.08 -22.89
C ASN A 126 34.84 -7.20 -21.87
N ALA A 127 34.68 -8.43 -22.33
CA ALA A 127 34.59 -9.56 -21.40
C ALA A 127 35.91 -9.83 -20.71
N THR A 128 37.00 -9.89 -21.45
CA THR A 128 38.27 -10.28 -20.86
C THR A 128 38.74 -9.26 -19.82
N LYS A 129 38.64 -7.97 -20.15
CA LYS A 129 39.14 -6.95 -19.22
C LYS A 129 38.31 -6.90 -17.95
N GLU A 130 37.00 -7.12 -18.06
CA GLU A 130 36.17 -7.23 -16.85
C GLU A 130 36.51 -8.49 -16.07
N MET A 131 36.78 -9.58 -16.79
CA MET A 131 37.15 -10.84 -16.17
C MET A 131 38.38 -10.69 -15.29
N TYR A 132 39.40 -9.99 -15.80
CA TYR A 132 40.68 -9.87 -15.12
C TYR A 132 40.78 -8.66 -14.20
N ASN A 133 39.72 -7.85 -14.09
CA ASN A 133 39.73 -6.69 -13.19
C ASN A 133 39.11 -7.12 -11.86
N ILE A 134 39.94 -7.73 -11.02
CA ILE A 134 39.49 -8.25 -9.73
C ILE A 134 40.46 -7.88 -8.61
N ALA A 135 41.62 -7.35 -8.99
CA ALA A 135 42.65 -7.03 -7.99
C ALA A 135 42.12 -6.18 -6.84
N PRO A 136 41.38 -5.09 -7.08
CA PRO A 136 40.86 -4.29 -5.97
C PRO A 136 39.56 -4.80 -5.38
N TYR A 137 39.01 -5.90 -5.90
CA TYR A 137 37.71 -6.40 -5.47
C TYR A 137 37.80 -7.80 -4.89
N GLN A 138 38.89 -8.11 -4.20
CA GLN A 138 39.03 -9.44 -3.61
C GLN A 138 38.10 -9.63 -2.41
N SER A 139 37.59 -8.55 -1.84
CA SER A 139 36.60 -8.63 -0.77
C SER A 139 35.18 -8.62 -1.31
N VAL A 140 35.00 -8.75 -2.61
CA VAL A 140 33.69 -8.97 -3.22
C VAL A 140 33.58 -10.48 -3.41
N ARG A 141 32.99 -11.15 -2.43
CA ARG A 141 32.92 -12.60 -2.44
C ARG A 141 31.65 -13.05 -3.18
N ILE A 142 31.73 -14.21 -3.82
CA ILE A 142 30.70 -14.64 -4.76
C ILE A 142 30.33 -16.10 -4.54
N MET A 143 29.11 -16.44 -4.94
CA MET A 143 28.60 -17.79 -4.89
C MET A 143 27.46 -17.90 -5.89
N SER A 144 27.41 -19.03 -6.59
CA SER A 144 26.37 -19.29 -7.57
C SER A 144 25.66 -20.60 -7.21
N VAL A 145 24.34 -20.53 -7.09
CA VAL A 145 23.55 -21.70 -6.72
C VAL A 145 23.27 -22.54 -7.96
N SER A 146 23.43 -23.86 -7.81
CA SER A 146 23.17 -24.77 -8.92
C SER A 146 21.67 -24.93 -9.15
N LEU A 147 21.32 -25.33 -10.36
CA LEU A 147 19.92 -25.43 -10.76
C LEU A 147 19.33 -26.71 -10.18
N VAL A 148 18.39 -26.55 -9.25
CA VAL A 148 17.63 -27.65 -8.68
C VAL A 148 16.19 -27.19 -8.55
N GLU A 149 15.24 -28.11 -8.77
CA GLU A 149 13.83 -27.85 -8.56
C GLU A 149 13.27 -28.92 -7.64
N ALA A 150 12.21 -28.56 -6.90
CA ALA A 150 11.62 -29.48 -5.95
C ALA A 150 10.13 -29.21 -5.85
N GLU A 151 9.36 -30.28 -5.68
CA GLU A 151 7.91 -30.14 -5.53
C GLU A 151 7.53 -29.43 -4.24
N GLU A 152 8.32 -29.60 -3.19
CA GLU A 152 8.06 -29.01 -1.89
C GLU A 152 9.25 -28.16 -1.46
N GLU A 153 8.98 -27.21 -0.56
CA GLU A 153 10.05 -26.34 -0.07
C GLU A 153 11.13 -27.16 0.63
N LEU A 154 12.38 -26.77 0.42
CA LEU A 154 13.52 -27.47 0.96
C LEU A 154 14.15 -26.67 2.11
N GLU A 155 14.72 -27.39 3.07
CA GLU A 155 15.35 -26.73 4.21
C GLU A 155 16.79 -26.31 3.92
N ASP A 156 17.46 -26.98 2.99
CA ASP A 156 18.86 -26.71 2.70
C ASP A 156 19.06 -26.78 1.19
N LEU A 157 20.13 -26.13 0.72
CA LEU A 157 20.45 -26.17 -0.70
C LEU A 157 20.95 -27.57 -1.10
N THR A 158 20.38 -28.09 -2.18
CA THR A 158 20.78 -29.41 -2.66
C THR A 158 22.15 -29.38 -3.30
N GLU A 159 22.43 -28.35 -4.10
CA GLU A 159 23.54 -28.40 -5.05
C GLU A 159 24.00 -26.99 -5.35
N ILE A 160 25.31 -26.76 -5.29
CA ILE A 160 25.90 -25.44 -5.46
C ILE A 160 26.95 -25.52 -6.57
N ASP A 161 26.79 -24.66 -7.59
CA ASP A 161 27.71 -24.65 -8.72
C ASP A 161 29.05 -24.05 -8.32
N LEU A 162 29.04 -22.90 -7.67
CA LEU A 162 30.26 -22.19 -7.27
C LEU A 162 30.16 -21.84 -5.79
N PRO A 163 30.88 -22.55 -4.92
CA PRO A 163 30.82 -22.22 -3.48
C PRO A 163 31.37 -20.82 -3.24
N TRP A 164 31.14 -20.32 -2.03
CA TRP A 164 31.71 -19.06 -1.61
C TRP A 164 33.19 -19.03 -1.97
N SER A 165 33.59 -18.03 -2.75
CA SER A 165 34.96 -17.99 -3.22
C SER A 165 35.33 -16.55 -3.57
N LYS A 166 36.62 -16.25 -3.46
CA LYS A 166 37.11 -14.97 -3.94
C LYS A 166 37.02 -14.94 -5.47
N PRO A 167 36.81 -13.77 -6.06
CA PRO A 167 36.70 -13.69 -7.51
C PRO A 167 38.04 -13.94 -8.19
N THR A 168 38.02 -14.76 -9.23
CA THR A 168 39.15 -15.02 -10.10
C THR A 168 38.67 -14.90 -11.54
N PRO A 169 39.58 -14.72 -12.50
CA PRO A 169 39.13 -14.62 -13.89
C PRO A 169 38.37 -15.85 -14.35
N GLY A 170 38.79 -17.04 -13.90
CA GLY A 170 38.14 -18.25 -14.38
C GLY A 170 36.72 -18.41 -13.88
N ASN A 171 36.53 -18.23 -12.57
CA ASN A 171 35.20 -18.43 -12.00
C ASN A 171 34.26 -17.27 -12.33
N LEU A 172 34.79 -16.10 -12.70
CA LEU A 172 33.92 -15.02 -13.15
C LEU A 172 33.36 -15.32 -14.55
N GLY A 173 34.23 -15.71 -15.48
CA GLY A 173 33.80 -16.08 -16.81
C GLY A 173 34.04 -17.54 -17.11
N HIS A 174 33.22 -18.42 -16.50
CA HIS A 174 33.48 -19.85 -16.48
C HIS A 174 32.62 -20.62 -17.47
N GLY A 175 31.97 -19.96 -18.41
CA GLY A 175 31.22 -20.65 -19.43
C GLY A 175 30.05 -19.81 -19.92
N ASN A 176 29.18 -20.49 -20.68
CA ASN A 176 27.95 -19.89 -21.20
C ASN A 176 26.82 -20.16 -20.23
N PHE A 177 26.32 -19.11 -19.59
CA PHE A 177 25.19 -19.21 -18.64
C PHE A 177 25.51 -20.15 -17.48
N THR A 178 26.72 -20.07 -16.95
CA THR A 178 27.10 -20.95 -15.85
C THR A 178 27.40 -20.19 -14.56
N TYR A 179 28.65 -19.82 -14.33
CA TYR A 179 29.06 -19.51 -12.96
C TYR A 179 28.59 -18.15 -12.49
N MET A 180 29.20 -17.05 -12.91
CA MET A 180 28.94 -15.78 -12.24
C MET A 180 28.20 -14.81 -13.16
N SER A 181 27.03 -14.36 -12.69
CA SER A 181 26.25 -13.36 -13.40
C SER A 181 27.07 -12.10 -13.62
N ALA A 182 27.18 -11.69 -14.89
CA ALA A 182 27.83 -10.41 -15.18
C ALA A 182 27.13 -9.27 -14.47
N LEU A 183 25.80 -9.31 -14.43
CA LEU A 183 25.05 -8.22 -13.81
C LEU A 183 25.23 -8.22 -12.30
N CYS A 184 25.06 -9.38 -11.67
CA CYS A 184 25.28 -9.47 -10.23
C CYS A 184 26.68 -9.01 -9.85
N TRP A 185 27.70 -9.52 -10.56
CA TRP A 185 29.07 -9.19 -10.23
C TRP A 185 29.36 -7.71 -10.43
N LEU A 186 28.96 -7.16 -11.59
CA LEU A 186 29.22 -5.75 -11.87
C LEU A 186 28.49 -4.86 -10.89
N TYR A 187 27.26 -5.23 -10.51
CA TYR A 187 26.52 -4.45 -9.52
C TYR A 187 27.22 -4.48 -8.17
N GLY A 188 27.67 -5.67 -7.74
CA GLY A 188 28.43 -5.76 -6.52
C GLY A 188 29.75 -5.02 -6.59
N ARG A 189 30.30 -4.87 -7.79
CA ARG A 189 31.55 -4.16 -7.96
C ARG A 189 31.36 -2.65 -7.83
N TYR A 190 30.31 -2.12 -8.44
CA TYR A 190 29.92 -0.73 -8.18
C TYR A 190 29.63 -0.52 -6.70
N LEU A 191 28.92 -1.47 -6.09
CA LEU A 191 28.63 -1.36 -4.67
C LEU A 191 29.91 -1.32 -3.84
N TYR A 192 30.91 -2.11 -4.20
CA TYR A 192 32.15 -2.09 -3.43
C TYR A 192 32.92 -0.79 -3.68
N ASP A 193 32.94 -0.32 -4.93
CA ASP A 193 33.54 0.98 -5.21
C ASP A 193 32.95 2.05 -4.32
N THR A 194 31.64 2.02 -4.11
CA THR A 194 31.00 3.05 -3.29
C THR A 194 31.19 2.80 -1.80
N LEU A 195 30.83 1.61 -1.32
CA LEU A 195 30.80 1.32 0.11
C LEU A 195 32.20 1.09 0.67
N ARG A 196 33.09 0.48 -0.09
CA ARG A 196 34.47 0.23 0.32
C ARG A 196 34.57 -0.75 1.49
N TYR A 197 33.55 -1.61 1.68
CA TYR A 197 33.64 -2.68 2.67
C TYR A 197 33.09 -3.97 2.06
N PRO A 198 33.32 -5.12 2.70
CA PRO A 198 33.02 -6.40 2.04
C PRO A 198 31.59 -6.48 1.54
N VAL A 199 31.43 -7.08 0.35
CA VAL A 199 30.13 -7.37 -0.23
C VAL A 199 30.08 -8.85 -0.59
N GLY A 200 28.94 -9.47 -0.37
CA GLY A 200 28.71 -10.85 -0.75
C GLY A 200 27.61 -10.92 -1.78
N LEU A 201 27.81 -11.77 -2.79
CA LEU A 201 26.89 -11.89 -3.91
C LEU A 201 26.51 -13.36 -4.07
N VAL A 202 25.28 -13.71 -3.72
CA VAL A 202 24.75 -15.06 -3.92
C VAL A 202 23.76 -15.00 -5.06
N SER A 203 24.03 -15.73 -6.13
CA SER A 203 23.17 -15.75 -7.30
C SER A 203 22.54 -17.13 -7.44
N SER A 204 21.21 -17.17 -7.37
CA SER A 204 20.44 -18.37 -7.67
C SER A 204 19.45 -17.97 -8.76
N VAL A 205 19.69 -18.43 -9.98
CA VAL A 205 18.96 -17.98 -11.16
C VAL A 205 18.77 -19.15 -12.10
N TRP A 206 17.60 -19.19 -12.75
CA TRP A 206 17.24 -20.25 -13.68
C TRP A 206 16.69 -19.62 -14.95
N GLY A 207 17.31 -19.93 -16.08
CA GLY A 207 16.92 -19.31 -17.32
C GLY A 207 15.55 -19.76 -17.79
N GLY A 208 14.88 -18.87 -18.51
CA GLY A 208 13.59 -19.17 -19.10
C GLY A 208 12.57 -19.68 -18.11
N THR A 209 12.42 -19.00 -16.98
CA THR A 209 11.42 -19.34 -15.99
C THR A 209 10.43 -18.19 -15.85
N ALA A 210 9.16 -18.54 -15.65
CA ALA A 210 8.15 -17.54 -15.33
C ALA A 210 8.17 -17.24 -13.83
N ILE A 211 7.61 -16.07 -13.49
CA ILE A 211 7.63 -15.61 -12.10
C ILE A 211 6.88 -16.57 -11.18
N GLU A 212 6.01 -17.41 -11.72
CA GLU A 212 5.27 -18.36 -10.89
C GLU A 212 6.21 -19.40 -10.27
N ALA A 213 7.25 -19.79 -11.00
CA ALA A 213 8.22 -20.75 -10.44
C ALA A 213 8.99 -20.12 -9.28
N TRP A 214 9.15 -18.80 -9.28
CA TRP A 214 9.90 -18.11 -8.24
C TRP A 214 9.03 -17.71 -7.05
N SER A 215 7.71 -17.75 -7.19
CA SER A 215 6.81 -17.36 -6.12
C SER A 215 6.33 -18.59 -5.35
N SER A 216 6.12 -18.40 -4.05
CA SER A 216 5.55 -19.45 -3.21
C SER A 216 4.05 -19.54 -3.45
N GLU A 217 3.39 -20.45 -2.72
CA GLU A 217 1.94 -20.59 -2.84
C GLU A 217 1.21 -19.34 -2.37
N ARG A 218 1.80 -18.60 -1.43
CA ARG A 218 1.12 -17.45 -0.86
C ARG A 218 0.85 -16.39 -1.92
N VAL A 219 1.85 -16.10 -2.76
CA VAL A 219 1.67 -15.12 -3.82
C VAL A 219 0.63 -15.60 -4.82
N LEU A 220 0.66 -16.88 -5.17
CA LEU A 220 -0.31 -17.44 -6.09
C LEU A 220 -1.73 -17.27 -5.56
N LYS A 221 -1.93 -17.58 -4.28
CA LYS A 221 -3.23 -17.37 -3.67
C LYS A 221 -3.63 -15.90 -3.72
N ALA A 222 -2.70 -15.01 -3.38
CA ALA A 222 -3.02 -13.59 -3.30
C ALA A 222 -3.41 -13.03 -4.66
N CYS A 223 -2.83 -13.55 -5.75
CA CYS A 223 -3.07 -13.01 -7.08
C CYS A 223 -4.01 -13.86 -7.92
N ASN A 224 -4.53 -14.96 -7.39
CA ASN A 224 -5.47 -15.81 -8.11
C ASN A 224 -4.91 -16.20 -9.48
N VAL A 225 -3.74 -16.80 -9.46
CA VAL A 225 -3.12 -17.30 -10.69
C VAL A 225 -3.81 -18.60 -11.06
N PRO A 226 -4.14 -18.85 -12.33
CA PRO A 226 -4.77 -20.12 -12.70
C PRO A 226 -3.92 -21.30 -12.27
N ASP A 227 -4.52 -22.20 -11.49
CA ASP A 227 -3.83 -23.39 -11.00
C ASP A 227 -3.79 -24.48 -12.07
N HIS A 228 -3.17 -24.13 -13.19
CA HIS A 228 -2.84 -25.14 -14.20
C HIS A 228 -1.84 -26.14 -13.66
N GLY A 229 -0.85 -25.66 -12.91
CA GLY A 229 0.34 -26.44 -12.63
C GLY A 229 1.34 -26.48 -13.76
N TYR A 230 0.94 -26.09 -14.97
CA TYR A 230 1.82 -26.11 -16.15
C TYR A 230 1.68 -24.79 -16.91
N ILE A 231 2.65 -24.54 -17.79
CA ILE A 231 2.76 -23.24 -18.46
C ILE A 231 3.12 -23.40 -19.92
N PRO A 232 2.39 -22.76 -20.86
CA PRO A 232 2.63 -22.93 -22.30
C PRO A 232 4.07 -23.19 -22.72
N GLU A 233 4.30 -24.25 -23.50
CA GLU A 233 5.67 -24.73 -23.76
C GLU A 233 6.58 -23.58 -24.15
N GLU A 234 6.31 -22.97 -25.29
CA GLU A 234 7.25 -22.03 -25.87
C GLU A 234 7.48 -20.85 -24.94
N SER A 235 6.42 -20.35 -24.33
CA SER A 235 6.52 -19.16 -23.49
C SER A 235 7.69 -19.27 -22.52
N VAL A 236 7.76 -20.40 -21.79
CA VAL A 236 8.81 -20.65 -20.81
C VAL A 236 9.51 -21.94 -21.16
N THR A 237 10.84 -21.90 -21.25
CA THR A 237 11.63 -23.07 -21.60
C THR A 237 12.19 -23.80 -20.38
N GLY A 238 11.98 -23.26 -19.18
CA GLY A 238 12.52 -23.85 -17.99
C GLY A 238 11.50 -24.69 -17.24
N PRO A 239 11.66 -24.81 -15.92
CA PRO A 239 10.67 -25.55 -15.13
C PRO A 239 9.32 -24.85 -15.16
N ARG A 240 8.30 -25.60 -15.62
CA ARG A 240 6.96 -25.04 -15.68
C ARG A 240 6.33 -24.98 -14.31
N GLU A 241 6.37 -26.10 -13.58
CA GLU A 241 5.61 -26.26 -12.34
C GLU A 241 5.67 -25.00 -11.47
N HIS A 242 4.61 -24.75 -10.71
CA HIS A 242 4.54 -23.56 -9.88
C HIS A 242 5.40 -23.74 -8.64
N SER A 243 6.19 -22.71 -8.32
CA SER A 243 6.93 -22.55 -7.08
C SER A 243 8.09 -23.54 -6.92
N VAL A 244 8.40 -24.36 -7.93
CA VAL A 244 9.44 -25.37 -7.76
C VAL A 244 10.82 -24.71 -7.62
N VAL A 245 11.10 -23.74 -8.49
CA VAL A 245 12.37 -23.02 -8.41
C VAL A 245 12.51 -22.35 -7.05
N TRP A 246 11.45 -21.65 -6.62
CA TRP A 246 11.44 -21.07 -5.28
C TRP A 246 11.71 -22.14 -4.23
N ASN A 247 11.02 -23.29 -4.34
CA ASN A 247 11.13 -24.31 -3.31
C ASN A 247 12.57 -24.78 -3.13
N ALA A 248 13.28 -24.99 -4.23
CA ALA A 248 14.58 -25.65 -4.13
C ALA A 248 15.77 -24.69 -4.11
N MET A 249 15.63 -23.46 -4.61
CA MET A 249 16.77 -22.59 -4.80
C MET A 249 16.71 -21.26 -4.04
N VAL A 250 15.56 -20.90 -3.47
CA VAL A 250 15.41 -19.64 -2.77
C VAL A 250 14.97 -19.85 -1.32
N HIS A 251 14.10 -20.82 -1.07
CA HIS A 251 13.62 -21.02 0.30
C HIS A 251 14.74 -21.37 1.26
N PRO A 252 15.65 -22.30 0.96
CA PRO A 252 16.74 -22.59 1.91
C PRO A 252 17.57 -21.36 2.26
N LEU A 253 17.67 -20.39 1.35
CA LEU A 253 18.47 -19.19 1.59
C LEU A 253 17.79 -18.19 2.52
N CYS A 254 16.49 -18.34 2.78
CA CYS A 254 15.79 -17.32 3.54
C CYS A 254 16.17 -17.31 5.03
N ASN A 255 16.99 -18.26 5.48
CA ASN A 255 17.53 -18.24 6.83
C ASN A 255 18.85 -17.50 6.91
N MET A 256 19.35 -16.99 5.80
CA MET A 256 20.58 -16.21 5.74
C MET A 256 20.23 -14.73 5.81
N THR A 257 20.92 -14.00 6.69
CA THR A 257 20.73 -12.56 6.75
C THR A 257 21.42 -11.90 5.56
N LEU A 258 20.66 -11.07 4.85
CA LEU A 258 21.16 -10.45 3.63
C LEU A 258 20.79 -8.97 3.62
N LYS A 259 21.60 -8.19 2.91
CA LYS A 259 21.31 -6.77 2.76
C LYS A 259 20.13 -6.56 1.82
N GLY A 260 20.14 -7.21 0.67
CA GLY A 260 19.08 -6.93 -0.29
C GLY A 260 19.00 -7.95 -1.41
N VAL A 261 18.15 -7.64 -2.39
CA VAL A 261 17.89 -8.54 -3.51
C VAL A 261 17.96 -7.78 -4.82
N LEU A 262 18.55 -8.43 -5.82
CA LEU A 262 18.60 -7.98 -7.20
C LEU A 262 17.82 -8.96 -8.06
N TRP A 263 16.97 -8.45 -8.94
CA TRP A 263 15.99 -9.27 -9.63
C TRP A 263 15.90 -8.88 -11.09
N TYR A 264 16.04 -9.87 -11.97
CA TYR A 264 15.96 -9.67 -13.41
C TYR A 264 15.07 -10.77 -13.98
N GLN A 265 13.77 -10.49 -14.08
CA GLN A 265 12.84 -11.50 -14.56
C GLN A 265 11.60 -10.83 -15.13
N GLY A 266 10.94 -11.53 -16.04
CA GLY A 266 9.70 -11.06 -16.63
C GLY A 266 9.56 -11.46 -18.09
N GLU A 267 10.68 -11.86 -18.70
CA GLU A 267 10.67 -12.19 -20.12
C GLU A 267 9.78 -13.39 -20.40
N SER A 268 9.76 -14.37 -19.50
CA SER A 268 8.94 -15.56 -19.71
C SER A 268 7.46 -15.30 -19.45
N ASN A 269 7.10 -14.15 -18.90
CA ASN A 269 5.71 -13.81 -18.66
C ASN A 269 5.11 -12.92 -19.73
N MET A 270 5.80 -12.72 -20.86
CA MET A 270 5.25 -11.88 -21.91
C MET A 270 3.95 -12.47 -22.47
N ASP A 271 3.91 -13.79 -22.65
CA ASP A 271 2.73 -14.45 -23.19
C ASP A 271 2.12 -15.43 -22.20
N TYR A 272 2.51 -15.36 -20.93
CA TYR A 272 1.96 -16.23 -19.88
C TYR A 272 1.59 -15.39 -18.67
N ASN A 273 0.28 -15.35 -18.36
CA ASN A 273 -0.22 -14.60 -17.21
C ASN A 273 0.31 -13.17 -17.23
N ARG A 274 0.25 -12.55 -18.41
CA ARG A 274 0.76 -11.19 -18.55
C ARG A 274 0.01 -10.21 -17.67
N ASN A 275 -1.33 -10.23 -17.75
CA ASN A 275 -2.14 -9.23 -17.08
C ASN A 275 -2.16 -9.38 -15.57
N LEU A 276 -1.61 -10.46 -15.03
CA LEU A 276 -1.50 -10.65 -13.59
C LEU A 276 -0.14 -10.25 -13.04
N TYR A 277 0.77 -9.76 -13.89
CA TYR A 277 2.13 -9.49 -13.43
C TYR A 277 2.17 -8.32 -12.46
N ASN A 278 1.37 -7.28 -12.71
CA ASN A 278 1.33 -6.15 -11.79
C ASN A 278 0.79 -6.55 -10.42
N CYS A 279 0.12 -7.70 -10.33
CA CYS A 279 -0.21 -8.27 -9.04
C CYS A 279 0.93 -9.11 -8.49
N THR A 280 1.44 -10.05 -9.30
CA THR A 280 2.36 -11.06 -8.78
C THR A 280 3.68 -10.45 -8.33
N PHE A 281 4.25 -9.56 -9.14
CA PHE A 281 5.59 -9.07 -8.84
C PHE A 281 5.64 -8.31 -7.52
N PRO A 282 4.78 -7.31 -7.27
CA PRO A 282 4.76 -6.69 -5.93
C PRO A 282 4.48 -7.71 -4.83
N ALA A 283 3.51 -8.59 -5.06
CA ALA A 283 3.24 -9.65 -4.11
C ALA A 283 4.47 -10.53 -3.92
N LEU A 284 5.21 -10.81 -4.99
CA LEU A 284 6.41 -11.62 -4.86
C LEU A 284 7.42 -10.95 -3.94
N ILE A 285 7.71 -9.67 -4.17
CA ILE A 285 8.71 -9.02 -3.33
C ILE A 285 8.23 -8.94 -1.89
N GLU A 286 6.93 -8.69 -1.69
CA GLU A 286 6.41 -8.60 -0.34
C GLU A 286 6.52 -9.94 0.39
N ASP A 287 6.15 -11.03 -0.29
CA ASP A 287 6.24 -12.35 0.31
C ASP A 287 7.68 -12.73 0.59
N TRP A 288 8.60 -12.41 -0.33
CA TRP A 288 10.02 -12.65 -0.06
C TRP A 288 10.46 -11.87 1.16
N ARG A 289 10.06 -10.61 1.27
CA ARG A 289 10.43 -9.80 2.43
C ARG A 289 9.95 -10.46 3.72
N GLN A 290 8.67 -10.83 3.78
CA GLN A 290 8.13 -11.41 5.00
C GLN A 290 8.79 -12.75 5.33
N THR A 291 8.99 -13.59 4.31
CA THR A 291 9.54 -14.93 4.55
C THR A 291 11.00 -14.87 4.97
N PHE A 292 11.79 -13.98 4.35
CA PHE A 292 13.17 -13.80 4.80
C PHE A 292 13.22 -13.18 6.18
N HIS A 293 12.29 -12.28 6.49
CA HIS A 293 12.25 -11.67 7.81
C HIS A 293 12.04 -12.73 8.89
N ARG A 294 11.05 -13.61 8.69
CA ARG A 294 10.81 -14.65 9.69
C ARG A 294 11.89 -15.71 9.68
N GLY A 295 12.47 -16.02 8.51
CA GLY A 295 13.46 -17.07 8.44
C GLY A 295 14.76 -16.71 9.14
N SER A 296 15.17 -15.45 9.02
CA SER A 296 16.39 -14.95 9.66
C SER A 296 16.14 -14.48 11.08
N GLN A 297 14.93 -14.67 11.61
CA GLN A 297 14.59 -14.25 12.95
C GLN A 297 14.70 -12.73 13.09
N GLY A 298 14.13 -12.02 12.11
CA GLY A 298 14.03 -10.58 12.16
C GLY A 298 15.28 -9.83 11.78
N GLN A 299 16.37 -10.52 11.45
CA GLN A 299 17.62 -9.82 11.15
C GLN A 299 17.57 -9.15 9.78
N THR A 300 17.07 -9.85 8.76
CA THR A 300 16.82 -9.21 7.47
C THR A 300 15.71 -8.19 7.63
N GLU A 301 15.94 -6.98 7.13
CA GLU A 301 14.94 -5.93 7.22
C GLU A 301 13.62 -6.41 6.62
N ARG A 302 12.52 -6.10 7.32
CA ARG A 302 11.20 -6.48 6.83
C ARG A 302 10.86 -5.79 5.51
N PHE A 303 11.50 -4.67 5.21
CA PHE A 303 11.38 -4.02 3.92
C PHE A 303 12.74 -3.88 3.27
N PHE A 304 13.45 -4.98 3.04
CA PHE A 304 14.81 -4.88 2.53
C PHE A 304 14.80 -4.36 1.09
N PRO A 305 15.91 -3.81 0.62
CA PRO A 305 15.95 -3.28 -0.74
C PRO A 305 15.69 -4.36 -1.77
N PHE A 306 14.82 -4.05 -2.73
CA PHE A 306 14.52 -4.93 -3.86
C PHE A 306 14.75 -4.14 -5.14
N GLY A 307 15.95 -4.27 -5.70
CA GLY A 307 16.29 -3.63 -6.97
C GLY A 307 16.06 -4.62 -8.09
N PHE A 308 15.42 -4.14 -9.16
CA PHE A 308 15.10 -5.01 -10.28
C PHE A 308 15.38 -4.29 -11.59
N VAL A 309 15.43 -5.08 -12.66
CA VAL A 309 15.72 -4.58 -14.00
C VAL A 309 14.43 -4.60 -14.82
N GLN A 310 14.10 -3.46 -15.41
CA GLN A 310 13.03 -3.43 -16.39
C GLN A 310 13.50 -4.09 -17.67
N LEU A 311 12.63 -4.89 -18.28
CA LEU A 311 13.02 -5.69 -19.44
C LEU A 311 13.70 -4.81 -20.48
N SER A 312 14.65 -5.40 -21.19
CA SER A 312 15.43 -4.70 -22.19
C SER A 312 14.76 -4.87 -23.56
N SER A 313 15.43 -4.43 -24.61
CA SER A 313 14.86 -4.53 -25.95
C SER A 313 14.83 -5.98 -26.41
N TYR A 314 14.06 -6.23 -27.47
CA TYR A 314 13.90 -7.58 -27.99
C TYR A 314 13.38 -7.48 -29.43
N LEU A 315 14.19 -7.94 -30.38
CA LEU A 315 13.73 -8.04 -31.76
C LEU A 315 12.75 -9.19 -31.87
N ALA A 316 11.47 -8.88 -32.02
CA ALA A 316 10.42 -9.88 -31.98
C ALA A 316 9.68 -9.94 -33.30
N PRO A 317 9.20 -11.11 -33.70
CA PRO A 317 8.33 -11.19 -34.88
C PRO A 317 7.16 -10.24 -34.74
N PRO A 318 6.69 -9.65 -35.84
CA PRO A 318 5.59 -8.69 -35.74
C PRO A 318 4.37 -9.33 -35.07
N SER A 319 3.72 -8.56 -34.19
CA SER A 319 2.59 -9.08 -33.44
C SER A 319 1.62 -7.94 -33.17
N PRO A 320 0.31 -8.22 -33.15
CA PRO A 320 -0.64 -7.16 -32.76
C PRO A 320 -0.43 -6.70 -31.33
N ASP A 321 -0.35 -7.63 -30.38
CA ASP A 321 -0.13 -7.33 -28.97
C ASP A 321 1.20 -7.94 -28.56
N GLU A 322 2.14 -7.10 -28.17
CA GLU A 322 3.45 -7.54 -27.72
C GLU A 322 3.45 -7.60 -26.19
N GLY A 323 3.99 -8.70 -25.66
CA GLY A 323 4.01 -8.85 -24.21
C GLY A 323 5.05 -7.97 -23.54
N PHE A 324 6.22 -7.82 -24.18
CA PHE A 324 7.33 -7.11 -23.55
C PHE A 324 6.98 -5.73 -23.03
N PRO A 325 6.35 -4.83 -23.79
CA PRO A 325 5.98 -3.53 -23.21
C PRO A 325 4.98 -3.67 -22.07
N HIS A 326 4.04 -4.60 -22.18
CA HIS A 326 3.09 -4.83 -21.09
C HIS A 326 3.81 -5.23 -19.81
N ILE A 327 4.83 -6.09 -19.93
CA ILE A 327 5.56 -6.55 -18.75
C ILE A 327 6.44 -5.44 -18.21
N ARG A 328 7.04 -4.64 -19.10
CA ARG A 328 7.77 -3.47 -18.64
C ARG A 328 6.87 -2.56 -17.82
N TRP A 329 5.61 -2.44 -18.23
CA TRP A 329 4.67 -1.61 -17.49
C TRP A 329 4.31 -2.26 -16.15
N HIS A 330 3.93 -3.55 -16.19
CA HIS A 330 3.48 -4.25 -14.99
C HIS A 330 4.60 -4.45 -13.97
N GLN A 331 5.86 -4.34 -14.38
CA GLN A 331 6.96 -4.46 -13.43
C GLN A 331 7.04 -3.26 -12.48
N THR A 332 6.35 -2.16 -12.80
CA THR A 332 6.27 -1.00 -11.93
C THR A 332 4.91 -0.89 -11.24
N ALA A 333 4.09 -1.95 -11.30
CA ALA A 333 2.71 -1.91 -10.82
C ALA A 333 1.90 -0.88 -11.59
N ASP A 334 2.18 -0.78 -12.89
CA ASP A 334 1.46 0.13 -13.78
C ASP A 334 1.60 1.60 -13.33
N PHE A 335 2.68 1.92 -12.62
CA PHE A 335 2.91 3.26 -12.13
C PHE A 335 4.02 4.00 -12.87
N GLY A 336 4.88 3.30 -13.60
CA GLY A 336 5.92 3.93 -14.40
C GLY A 336 7.23 4.18 -13.69
N TYR A 337 7.24 4.18 -12.36
CA TYR A 337 8.46 4.42 -11.61
C TYR A 337 8.47 3.59 -10.34
N VAL A 338 9.67 3.46 -9.76
CA VAL A 338 9.82 2.96 -8.40
C VAL A 338 10.84 3.80 -7.68
N PRO A 339 10.74 3.87 -6.34
CA PRO A 339 9.75 3.22 -5.47
C PRO A 339 8.38 3.86 -5.61
N ASN A 340 7.32 3.11 -5.34
CA ASN A 340 5.96 3.65 -5.33
C ASN A 340 5.23 3.02 -4.15
N VAL A 341 3.95 3.37 -4.00
CA VAL A 341 3.19 2.93 -2.84
C VAL A 341 3.10 1.41 -2.79
N LYS A 342 2.90 0.77 -3.95
CA LYS A 342 2.77 -0.68 -3.98
C LYS A 342 4.10 -1.40 -3.85
N MET A 343 5.23 -0.71 -4.04
CA MET A 343 6.55 -1.29 -3.88
C MET A 343 7.42 -0.29 -3.15
N PRO A 344 7.39 -0.28 -1.82
CA PRO A 344 8.29 0.60 -1.07
C PRO A 344 9.72 0.07 -1.05
N ASN A 345 10.66 1.00 -0.99
CA ASN A 345 12.08 0.65 -0.85
C ASN A 345 12.55 -0.24 -1.99
N THR A 346 12.23 0.17 -3.22
CA THR A 346 12.63 -0.55 -4.42
C THR A 346 13.18 0.44 -5.45
N PHE A 347 14.20 0.01 -6.19
CA PHE A 347 14.79 0.81 -7.25
C PHE A 347 14.85 -0.02 -8.53
N MET A 348 14.98 0.67 -9.65
CA MET A 348 14.82 0.06 -10.97
C MET A 348 15.85 0.64 -11.93
N ALA A 349 16.14 -0.12 -12.99
CA ALA A 349 17.00 0.35 -14.07
C ALA A 349 16.30 0.12 -15.40
N VAL A 350 16.17 1.19 -16.19
CA VAL A 350 15.55 1.10 -17.50
C VAL A 350 16.59 0.66 -18.52
N THR A 351 16.28 -0.39 -19.29
CA THR A 351 17.27 -1.01 -20.17
C THR A 351 16.75 -1.25 -21.58
N MET A 352 15.65 -0.60 -21.97
CA MET A 352 15.10 -0.83 -23.30
C MET A 352 15.94 -0.18 -24.40
N ASP A 353 16.76 0.81 -24.05
CA ASP A 353 17.61 1.48 -25.02
C ASP A 353 18.97 0.82 -25.16
N LEU A 354 19.23 -0.25 -24.40
CA LEU A 354 20.50 -0.98 -24.47
C LEU A 354 20.33 -2.25 -25.28
N GLY A 355 19.73 -2.12 -26.47
CA GLY A 355 19.44 -3.29 -27.29
C GLY A 355 20.65 -3.74 -28.08
N ASP A 356 20.75 -5.07 -28.24
CA ASP A 356 21.84 -5.70 -28.98
C ASP A 356 21.22 -6.48 -30.14
N ARG A 357 21.40 -5.97 -31.35
CA ARG A 357 20.81 -6.60 -32.52
C ARG A 357 21.59 -7.85 -32.95
N ASP A 358 22.92 -7.76 -32.94
CA ASP A 358 23.79 -8.82 -33.45
C ASP A 358 24.37 -9.69 -32.34
N SER A 359 23.71 -9.76 -31.19
CA SER A 359 24.23 -10.60 -30.10
C SER A 359 24.17 -12.06 -30.51
N PRO A 360 25.18 -12.86 -30.16
CA PRO A 360 25.17 -14.27 -30.57
C PRO A 360 24.18 -15.12 -29.80
N PHE A 361 23.67 -14.63 -28.67
CA PHE A 361 22.72 -15.38 -27.87
C PHE A 361 21.28 -15.02 -28.19
N GLY A 362 21.05 -13.89 -28.83
CA GLY A 362 19.72 -13.45 -29.20
C GLY A 362 19.55 -11.98 -28.90
N SER A 363 18.64 -11.33 -29.62
CA SER A 363 18.32 -9.94 -29.33
C SER A 363 17.83 -9.78 -27.90
N VAL A 364 17.21 -10.84 -27.35
CA VAL A 364 16.67 -10.80 -25.99
C VAL A 364 17.76 -10.82 -24.94
N HIS A 365 18.98 -11.19 -25.30
CA HIS A 365 20.09 -11.33 -24.36
C HIS A 365 21.19 -10.34 -24.73
N PRO A 366 20.94 -9.04 -24.53
CA PRO A 366 21.95 -8.04 -24.90
C PRO A 366 23.21 -8.17 -24.05
N ARG A 367 24.35 -7.92 -24.69
CA ARG A 367 25.64 -8.08 -24.02
C ARG A 367 26.07 -6.85 -23.22
N ASP A 368 25.36 -5.73 -23.35
CA ASP A 368 25.67 -4.56 -22.55
C ASP A 368 25.00 -4.72 -21.19
N LYS A 369 25.76 -5.26 -20.24
CA LYS A 369 25.33 -5.35 -18.85
C LYS A 369 26.02 -4.34 -17.95
N GLN A 370 27.05 -3.65 -18.45
CA GLN A 370 27.71 -2.65 -17.62
C GLN A 370 26.81 -1.45 -17.38
N THR A 371 26.11 -0.99 -18.42
CA THR A 371 25.20 0.14 -18.24
C THR A 371 24.07 -0.22 -17.28
N VAL A 372 23.57 -1.46 -17.37
CA VAL A 372 22.53 -1.90 -16.44
C VAL A 372 23.03 -1.86 -15.02
N ALA A 373 24.25 -2.35 -14.79
CA ALA A 373 24.83 -2.31 -13.46
C ALA A 373 25.00 -0.87 -12.99
N TYR A 374 25.37 0.03 -13.89
CA TYR A 374 25.52 1.43 -13.51
C TYR A 374 24.19 2.04 -13.06
N ARG A 375 23.13 1.79 -13.82
CA ARG A 375 21.83 2.38 -13.47
C ARG A 375 21.28 1.76 -12.19
N LEU A 376 21.45 0.45 -12.02
CA LEU A 376 21.07 -0.18 -10.75
C LEU A 376 21.88 0.36 -9.60
N HIS A 377 23.16 0.68 -9.83
CA HIS A 377 24.01 1.22 -8.78
C HIS A 377 23.55 2.62 -8.39
N LEU A 378 23.11 3.41 -9.36
CA LEU A 378 22.46 4.69 -9.06
C LEU A 378 21.23 4.48 -8.17
N GLY A 379 20.33 3.59 -8.60
CA GLY A 379 19.15 3.32 -7.82
C GLY A 379 19.46 2.90 -6.39
N ALA A 380 20.46 2.02 -6.23
CA ALA A 380 20.82 1.55 -4.90
C ALA A 380 21.40 2.65 -4.05
N ARG A 381 22.30 3.47 -4.62
CA ARG A 381 22.88 4.57 -3.86
C ARG A 381 21.79 5.53 -3.39
N ALA A 382 20.83 5.83 -4.26
CA ALA A 382 19.79 6.79 -3.89
C ALA A 382 18.83 6.20 -2.85
N VAL A 383 18.29 5.02 -3.13
CA VAL A 383 17.21 4.48 -2.30
C VAL A 383 17.77 3.85 -1.03
N VAL A 384 18.91 3.18 -1.11
CA VAL A 384 19.39 2.32 -0.04
C VAL A 384 20.46 3.00 0.80
N TYR A 385 21.50 3.54 0.14
CA TYR A 385 22.67 4.04 0.84
C TYR A 385 22.65 5.55 1.03
N GLY A 386 21.47 6.13 1.20
CA GLY A 386 21.35 7.50 1.65
C GLY A 386 22.03 8.52 0.76
N GLU A 387 22.17 8.22 -0.52
CA GLU A 387 22.69 9.20 -1.48
C GLU A 387 21.54 9.95 -2.15
N LYS A 388 20.71 10.57 -1.30
CA LYS A 388 19.60 11.36 -1.78
C LYS A 388 20.09 12.47 -2.71
N ASN A 389 19.14 13.08 -3.41
CA ASN A 389 19.43 14.14 -4.37
C ASN A 389 20.32 13.65 -5.51
N LEU A 390 20.30 12.34 -5.77
CA LEU A 390 21.00 11.73 -6.88
C LEU A 390 19.96 11.19 -7.85
N ILE A 391 20.02 11.65 -9.10
CA ILE A 391 19.01 11.30 -10.10
C ILE A 391 19.15 9.82 -10.42
N PHE A 392 18.14 9.01 -10.06
CA PHE A 392 18.14 7.60 -10.38
C PHE A 392 16.90 7.15 -11.15
N GLN A 393 15.90 8.02 -11.30
CA GLN A 393 14.74 7.75 -12.15
C GLN A 393 14.81 8.63 -13.38
N GLY A 394 14.29 8.12 -14.50
CA GLY A 394 14.32 8.84 -15.73
C GLY A 394 13.20 9.85 -15.83
N PRO A 395 13.32 10.82 -16.75
CA PRO A 395 12.30 11.87 -16.86
C PRO A 395 10.93 11.27 -17.16
N LEU A 396 9.98 11.52 -16.25
CA LEU A 396 8.61 11.05 -16.41
C LEU A 396 7.64 12.21 -16.35
N PRO A 397 6.61 12.21 -17.20
CA PRO A 397 5.69 13.38 -17.26
C PRO A 397 4.80 13.46 -16.03
N GLU A 398 4.89 14.60 -15.34
CA GLU A 398 4.00 14.86 -14.21
C GLU A 398 2.63 15.34 -14.67
N LYS A 399 2.54 16.04 -15.80
CA LYS A 399 1.29 16.60 -16.29
C LYS A 399 1.08 16.23 -17.75
N ILE A 400 -0.12 15.77 -18.09
CA ILE A 400 -0.56 15.61 -19.46
C ILE A 400 -1.88 16.36 -19.61
N GLU A 401 -1.97 17.23 -20.61
CA GLU A 401 -3.20 17.95 -20.90
C GLU A 401 -3.42 18.00 -22.39
N LEU A 402 -4.70 18.07 -22.79
CA LEU A 402 -5.10 18.01 -24.18
C LEU A 402 -5.73 19.34 -24.58
N LEU A 403 -5.22 19.93 -25.66
CA LEU A 403 -5.78 21.16 -26.23
C LEU A 403 -6.56 20.76 -27.47
N ALA A 404 -7.88 20.61 -27.33
CA ALA A 404 -8.70 20.09 -28.42
C ALA A 404 -8.80 21.09 -29.56
N ARG A 405 -8.85 22.39 -29.25
CA ARG A 405 -8.94 23.39 -30.30
C ARG A 405 -7.64 23.44 -31.12
N GLN A 406 -6.49 23.35 -30.45
CA GLN A 406 -5.22 23.36 -31.16
C GLN A 406 -4.86 22.00 -31.76
N GLU A 407 -5.59 20.95 -31.43
CA GLU A 407 -5.30 19.60 -31.92
C GLU A 407 -3.96 19.10 -31.39
N LEU A 408 -3.63 19.43 -30.15
CA LEU A 408 -2.34 19.12 -29.57
C LEU A 408 -2.51 18.45 -28.21
N ILE A 409 -1.39 17.98 -27.66
CA ILE A 409 -1.32 17.46 -26.30
C ILE A 409 -0.07 18.03 -25.65
N ASN A 410 -0.22 18.75 -24.55
CA ASN A 410 0.88 19.41 -23.87
C ASN A 410 1.30 18.57 -22.67
N ILE A 411 2.57 18.16 -22.64
CA ILE A 411 3.09 17.25 -21.62
C ILE A 411 4.26 17.96 -20.93
N THR A 412 4.27 17.93 -19.60
CA THR A 412 5.32 18.54 -18.81
C THR A 412 5.94 17.49 -17.90
N TYR A 413 7.28 17.45 -17.87
CA TYR A 413 8.01 16.42 -17.13
C TYR A 413 8.54 16.98 -15.82
N HIS A 414 8.69 16.08 -14.83
CA HIS A 414 9.16 16.49 -13.51
C HIS A 414 10.60 16.98 -13.57
N GLN A 415 11.44 16.31 -14.34
CA GLN A 415 12.81 16.71 -14.55
C GLN A 415 12.98 17.30 -15.95
N GLN A 416 13.99 18.14 -16.10
CA GLN A 416 14.31 18.67 -17.42
C GLN A 416 14.62 17.54 -18.39
N ILE A 417 14.26 17.74 -19.66
CA ILE A 417 14.44 16.74 -20.69
C ILE A 417 15.37 17.28 -21.76
N GLN A 418 15.98 16.36 -22.49
CA GLN A 418 16.92 16.68 -23.56
C GLN A 418 16.62 15.77 -24.73
N LEU A 419 16.52 16.34 -25.93
CA LEU A 419 16.06 15.61 -27.10
C LEU A 419 17.26 15.00 -27.82
N GLN A 420 17.29 13.68 -27.92
CA GLN A 420 18.33 12.97 -28.66
C GLN A 420 17.90 12.64 -30.08
N ARG A 421 16.61 12.42 -30.32
CA ARG A 421 16.11 12.17 -31.66
C ARG A 421 14.61 12.35 -31.68
N GLN A 422 14.09 12.75 -32.83
CA GLN A 422 12.65 12.77 -33.08
C GLN A 422 12.25 11.47 -33.74
N ASP A 423 11.14 10.92 -33.26
CA ASP A 423 10.58 9.68 -33.79
C ASP A 423 9.09 9.88 -33.94
N ASN A 424 8.62 10.06 -35.16
CA ASN A 424 7.21 10.28 -35.41
C ASN A 424 6.37 9.15 -34.84
N LYS A 425 6.92 7.94 -34.79
CA LYS A 425 6.14 6.74 -34.48
C LYS A 425 6.25 6.29 -33.04
N ILE A 426 7.09 6.92 -32.22
CA ILE A 426 7.31 6.39 -30.87
C ILE A 426 6.13 6.74 -29.96
N PHE A 427 5.59 7.94 -30.10
CA PHE A 427 4.40 8.34 -29.34
C PHE A 427 3.15 7.85 -30.06
N GLN A 428 2.27 7.18 -29.33
CA GLN A 428 1.05 6.64 -29.89
C GLN A 428 -0.14 7.09 -29.06
N ILE A 429 -1.25 7.41 -29.73
CA ILE A 429 -2.47 7.82 -29.04
C ILE A 429 -3.64 6.98 -29.56
N SER A 430 -4.64 6.81 -28.71
CA SER A 430 -5.76 5.92 -28.99
C SER A 430 -6.94 6.71 -29.54
N CYS A 431 -7.54 6.20 -30.62
CA CYS A 431 -8.62 6.88 -31.34
C CYS A 431 -9.91 6.08 -31.17
N CYS A 432 -10.77 6.54 -30.25
CA CYS A 432 -12.02 5.84 -29.94
C CYS A 432 -13.17 6.56 -30.66
N SER A 433 -13.45 6.10 -31.88
CA SER A 433 -14.58 6.58 -32.67
C SER A 433 -15.62 5.48 -32.77
N ASN A 434 -16.89 5.85 -32.66
CA ASN A 434 -17.97 4.89 -32.40
C ASN A 434 -17.68 4.10 -31.13
N HIS A 435 -16.89 4.69 -30.24
CA HIS A 435 -16.46 4.06 -28.99
C HIS A 435 -15.58 2.84 -29.23
N GLN A 436 -14.89 2.82 -30.38
CA GLN A 436 -13.98 1.73 -30.73
C GLN A 436 -12.60 2.34 -30.95
N CYS A 437 -11.66 1.95 -30.10
CA CYS A 437 -10.37 2.63 -30.03
C CYS A 437 -9.37 2.05 -31.02
N LYS A 438 -8.31 2.81 -31.27
CA LYS A 438 -7.30 2.46 -32.27
C LYS A 438 -6.03 3.22 -31.92
N TRP A 439 -4.90 2.52 -31.87
CA TRP A 439 -3.62 3.14 -31.55
C TRP A 439 -2.96 3.63 -32.84
N LEU A 440 -2.60 4.92 -32.86
CA LEU A 440 -2.03 5.56 -34.03
C LEU A 440 -0.81 6.37 -33.65
N PRO A 441 0.18 6.47 -34.54
CA PRO A 441 1.37 7.29 -34.23
C PRO A 441 1.01 8.76 -34.07
N ALA A 442 1.58 9.38 -33.05
CA ALA A 442 1.41 10.80 -32.78
C ALA A 442 2.76 11.49 -32.86
N PRO A 443 3.02 12.37 -33.83
CA PRO A 443 4.34 12.98 -33.95
C PRO A 443 4.54 14.12 -32.96
N MET A 444 5.76 14.20 -32.43
CA MET A 444 6.13 15.34 -31.59
C MET A 444 6.19 16.60 -32.44
N SER A 445 5.64 17.69 -31.90
CA SER A 445 5.61 18.98 -32.60
C SER A 445 6.58 19.97 -31.99
N THR A 446 6.47 20.25 -30.69
CA THR A 446 7.33 21.24 -30.05
C THR A 446 8.04 20.64 -28.86
N PHE A 447 9.25 21.10 -28.59
CA PHE A 447 10.05 20.58 -27.50
C PHE A 447 10.60 21.75 -26.67
N SER A 448 10.78 21.50 -25.38
CA SER A 448 11.32 22.50 -24.48
C SER A 448 12.09 21.80 -23.36
N THR A 449 12.77 22.61 -22.54
CA THR A 449 13.62 22.06 -21.50
C THR A 449 12.85 21.13 -20.56
N ARG A 450 11.57 21.42 -20.31
CA ARG A 450 10.78 20.63 -19.39
C ARG A 450 9.44 20.18 -19.95
N THR A 451 9.08 20.57 -21.17
CA THR A 451 7.78 20.24 -21.73
C THR A 451 7.91 19.98 -23.21
N LEU A 452 6.96 19.20 -23.74
CA LEU A 452 6.86 18.96 -25.17
C LEU A 452 5.39 18.86 -25.55
N THR A 453 5.10 19.20 -26.80
CA THR A 453 3.75 19.23 -27.34
C THR A 453 3.67 18.25 -28.50
N LEU A 454 2.77 17.28 -28.36
CA LEU A 454 2.42 16.24 -29.31
C LEU A 454 1.26 16.68 -30.19
N ASN A 455 1.08 16.00 -31.31
CA ASN A 455 0.09 16.37 -32.32
C ASN A 455 -1.00 15.31 -32.43
N THR A 456 -2.24 15.77 -32.58
CA THR A 456 -3.43 14.92 -32.63
C THR A 456 -4.02 14.83 -34.02
N LYS A 457 -3.46 15.51 -35.01
CA LYS A 457 -4.10 15.63 -36.33
C LYS A 457 -4.60 14.31 -36.90
N PRO A 458 -3.89 13.18 -36.79
CA PRO A 458 -4.35 11.95 -37.46
C PRO A 458 -5.61 11.34 -36.87
N CYS A 459 -6.02 11.74 -35.66
CA CYS A 459 -7.12 11.09 -34.96
C CYS A 459 -8.34 11.99 -34.82
N ARG A 460 -8.38 13.13 -35.50
CA ARG A 460 -9.49 14.08 -35.36
C ARG A 460 -9.54 14.48 -33.89
N ASP A 461 -10.67 14.33 -33.20
CA ASP A 461 -10.80 14.80 -31.82
C ASP A 461 -11.07 13.69 -30.80
N SER A 462 -11.33 12.46 -31.22
CA SER A 462 -11.64 11.38 -30.28
C SER A 462 -10.34 10.79 -29.74
N VAL A 463 -9.73 11.51 -28.81
CA VAL A 463 -8.50 11.07 -28.13
C VAL A 463 -8.88 10.51 -26.76
N ALA A 464 -8.23 9.43 -26.37
CA ALA A 464 -8.48 8.82 -25.08
C ALA A 464 -7.23 8.58 -24.25
N ALA A 465 -6.13 8.19 -24.87
CA ALA A 465 -4.94 7.81 -24.13
C ALA A 465 -3.70 8.04 -24.99
N VAL A 466 -2.56 8.23 -24.31
CA VAL A 466 -1.26 8.39 -24.94
C VAL A 466 -0.32 7.36 -24.34
N ARG A 467 0.73 7.04 -25.10
CA ARG A 467 1.74 6.10 -24.61
C ARG A 467 3.04 6.36 -25.35
N TYR A 468 4.15 6.07 -24.66
CA TYR A 468 5.49 6.40 -25.13
C TYR A 468 6.40 5.21 -24.92
N ALA A 469 7.05 4.77 -26.01
CA ALA A 469 8.07 3.72 -26.00
C ALA A 469 7.45 2.35 -25.74
N TRP A 470 6.26 2.10 -26.30
CA TRP A 470 5.53 0.87 -26.07
C TRP A 470 5.78 -0.15 -27.17
N ASP A 471 7.05 -0.41 -27.47
CA ASP A 471 7.44 -1.43 -28.43
C ASP A 471 8.48 -2.35 -27.80
N SER A 472 8.45 -3.63 -28.20
CA SER A 472 9.43 -4.57 -27.67
C SER A 472 10.85 -4.13 -28.01
N TRP A 473 11.08 -3.64 -29.23
CA TRP A 473 12.34 -3.02 -29.63
C TRP A 473 12.03 -1.56 -29.95
N PRO A 474 12.01 -0.70 -28.93
CA PRO A 474 11.61 0.70 -29.17
C PRO A 474 12.62 1.52 -29.95
N CYS A 475 13.90 1.38 -29.66
CA CYS A 475 14.91 2.24 -30.27
C CYS A 475 16.19 1.45 -30.46
N GLU A 476 17.12 2.04 -31.20
CA GLU A 476 18.44 1.44 -31.37
C GLU A 476 19.33 1.78 -30.18
N TYR A 477 20.48 1.13 -30.12
CA TYR A 477 21.30 1.16 -28.90
C TYR A 477 21.58 2.59 -28.45
N LYS A 478 21.19 2.89 -27.20
CA LYS A 478 21.43 4.19 -26.59
C LYS A 478 21.00 5.32 -27.54
N GLN A 479 19.86 5.12 -28.20
CA GLN A 479 19.40 6.05 -29.23
C GLN A 479 17.90 6.29 -29.11
N CYS A 480 17.38 6.30 -27.88
CA CYS A 480 15.98 6.59 -27.67
C CYS A 480 15.75 8.11 -27.71
N PRO A 481 14.52 8.55 -27.99
CA PRO A 481 14.31 10.00 -28.19
C PRO A 481 14.56 10.88 -26.98
N ILE A 482 13.96 10.59 -25.84
CA ILE A 482 13.97 11.50 -24.70
C ILE A 482 14.98 11.01 -23.67
N TYR A 483 15.80 11.93 -23.17
CA TYR A 483 16.87 11.62 -22.24
C TYR A 483 17.02 12.78 -21.26
N HIS A 484 17.56 12.47 -20.10
CA HIS A 484 17.96 13.53 -19.19
C HIS A 484 19.36 14.01 -19.57
N PRO A 485 19.59 15.32 -19.66
CA PRO A 485 20.94 15.77 -20.05
C PRO A 485 22.00 15.47 -19.01
N SER A 486 21.67 15.61 -17.72
CA SER A 486 22.66 15.43 -16.67
C SER A 486 22.91 13.95 -16.37
N SER A 487 21.85 13.20 -16.09
CA SER A 487 21.99 11.85 -15.54
C SER A 487 22.18 10.78 -16.59
N THR A 488 22.05 11.11 -17.88
CA THR A 488 22.18 10.13 -18.95
C THR A 488 21.22 8.97 -18.74
N LEU A 489 20.05 9.27 -18.16
CA LEU A 489 19.00 8.27 -17.95
C LEU A 489 17.89 8.47 -18.97
N PRO A 490 17.37 7.40 -19.58
CA PRO A 490 16.33 7.57 -20.60
C PRO A 490 14.97 7.79 -19.98
N ALA A 491 14.11 8.47 -20.72
CA ALA A 491 12.73 8.62 -20.30
C ALA A 491 12.07 7.25 -20.31
N PRO A 492 11.61 6.74 -19.17
CA PRO A 492 11.05 5.38 -19.14
C PRO A 492 9.76 5.30 -19.91
N PRO A 493 9.38 4.12 -20.40
CA PRO A 493 8.14 3.99 -21.16
C PRO A 493 6.94 4.18 -20.26
N PHE A 494 5.82 4.58 -20.85
CA PHE A 494 4.64 4.79 -20.03
C PHE A 494 3.38 4.82 -20.88
N VAL A 495 2.25 4.70 -20.18
CA VAL A 495 0.93 4.90 -20.76
C VAL A 495 0.15 5.81 -19.81
N ALA A 496 -0.62 6.74 -20.38
CA ALA A 496 -1.43 7.67 -19.62
C ALA A 496 -2.80 7.78 -20.27
N PHE A 497 -3.81 8.07 -19.46
CA PHE A 497 -5.18 8.18 -19.91
C PHE A 497 -5.67 9.62 -19.73
N ILE A 498 -6.63 10.01 -20.56
CA ILE A 498 -7.18 11.36 -20.52
C ILE A 498 -8.60 11.33 -19.99
N LYS B 9 -16.06 37.74 -9.11
CA LYS B 9 -16.95 38.89 -9.20
C LYS B 9 -17.07 39.55 -7.82
N LEU B 10 -17.11 38.73 -6.77
CA LEU B 10 -17.17 39.22 -5.39
C LEU B 10 -15.75 39.50 -4.93
N VAL B 11 -15.35 40.77 -4.97
CA VAL B 11 -13.95 41.15 -4.75
C VAL B 11 -13.73 41.64 -3.32
N GLY B 12 -14.59 41.25 -2.38
CA GLY B 12 -14.46 41.69 -1.01
C GLY B 12 -13.46 40.86 -0.21
N PHE B 13 -12.41 41.50 0.29
CA PHE B 13 -11.37 40.81 1.02
C PHE B 13 -11.96 40.08 2.23
N ARG B 14 -11.74 38.77 2.30
CA ARG B 14 -12.26 37.99 3.41
C ARG B 14 -11.54 36.65 3.47
N PHE B 15 -11.54 36.06 4.67
CA PHE B 15 -11.11 34.69 4.84
C PHE B 15 -12.12 33.74 4.20
N ALA B 16 -11.71 32.49 4.03
CA ALA B 16 -12.66 31.46 3.61
C ALA B 16 -13.75 31.32 4.68
N SER B 17 -14.87 30.73 4.27
CA SER B 17 -16.04 30.69 5.14
C SER B 17 -15.76 29.93 6.43
N TYR B 18 -15.00 28.84 6.36
CA TYR B 18 -14.70 28.04 7.53
C TYR B 18 -13.46 28.51 8.28
N ILE B 19 -13.01 29.72 8.01
CA ILE B 19 -11.91 30.33 8.75
C ILE B 19 -12.52 31.42 9.63
N SER B 20 -12.62 31.13 10.92
CA SER B 20 -13.27 32.04 11.87
C SER B 20 -12.59 31.90 13.23
N ASP B 21 -13.10 32.64 14.20
CA ASP B 21 -12.57 32.60 15.55
C ASP B 21 -12.77 31.21 16.16
N TYR B 22 -11.93 30.92 17.16
CA TYR B 22 -12.00 29.70 17.97
C TYR B 22 -11.67 28.43 17.19
N MET B 23 -11.16 28.53 15.97
CA MET B 23 -10.99 27.33 15.17
C MET B 23 -9.83 26.48 15.71
N VAL B 24 -9.62 25.34 15.06
CA VAL B 24 -8.45 24.51 15.25
C VAL B 24 -7.81 24.29 13.89
N LEU B 25 -6.50 24.53 13.81
CA LEU B 25 -5.72 24.33 12.60
C LEU B 25 -4.83 23.10 12.76
N GLN B 26 -4.38 22.57 11.64
CA GLN B 26 -3.59 21.34 11.66
C GLN B 26 -2.19 21.61 12.19
N LYS B 27 -1.67 20.67 12.97
CA LYS B 27 -0.42 20.82 13.68
C LYS B 27 0.71 20.12 12.93
N GLU B 28 1.95 20.41 13.35
CA GLU B 28 3.16 19.76 12.87
C GLU B 28 2.92 18.25 12.77
N PRO B 29 3.46 17.56 11.75
CA PRO B 29 4.30 18.06 10.64
C PRO B 29 3.56 18.86 9.57
N ALA B 30 2.27 18.64 9.38
CA ALA B 30 1.56 19.36 8.33
C ALA B 30 1.47 20.84 8.67
N GLY B 31 1.32 21.65 7.63
CA GLY B 31 1.20 23.10 7.77
C GLY B 31 -0.20 23.56 7.43
N ALA B 32 -0.74 24.45 8.26
CA ALA B 32 -2.09 24.95 8.07
C ALA B 32 -2.18 25.81 6.81
N VAL B 33 -3.29 25.68 6.09
CA VAL B 33 -3.56 26.48 4.90
C VAL B 33 -4.51 27.60 5.27
N ILE B 34 -4.17 28.83 4.89
CA ILE B 34 -5.03 29.99 5.10
C ILE B 34 -5.33 30.59 3.73
N TRP B 35 -6.60 30.62 3.34
CA TRP B 35 -6.97 31.13 2.03
C TRP B 35 -8.27 31.92 2.12
N GLY B 36 -8.48 32.76 1.11
CA GLY B 36 -9.65 33.60 1.08
C GLY B 36 -9.77 34.29 -0.27
N PHE B 37 -10.58 35.35 -0.29
CA PHE B 37 -10.84 36.12 -1.50
C PHE B 37 -10.38 37.57 -1.31
N GLY B 38 -10.28 38.28 -2.42
CA GLY B 38 -9.87 39.66 -2.38
C GLY B 38 -9.91 40.30 -3.75
N ILE B 39 -9.12 41.36 -3.90
CA ILE B 39 -9.00 42.05 -5.19
C ILE B 39 -7.95 41.31 -6.03
N PRO B 40 -8.27 40.94 -7.27
CA PRO B 40 -7.24 40.31 -8.12
C PRO B 40 -5.99 41.18 -8.21
N GLY B 41 -4.83 40.53 -8.01
CA GLY B 41 -3.55 41.22 -8.09
C GLY B 41 -3.08 41.87 -6.82
N ALA B 42 -3.96 42.05 -5.84
CA ALA B 42 -3.54 42.64 -4.57
C ALA B 42 -2.63 41.68 -3.81
N THR B 43 -1.87 42.26 -2.87
CA THR B 43 -0.93 41.50 -2.08
C THR B 43 -1.49 41.24 -0.69
N VAL B 44 -1.34 40.01 -0.21
CA VAL B 44 -1.89 39.57 1.07
C VAL B 44 -0.75 39.05 1.94
N ARG B 45 -0.69 39.55 3.17
CA ARG B 45 0.30 39.16 4.16
C ARG B 45 -0.42 38.48 5.32
N VAL B 46 -0.12 37.21 5.56
CA VAL B 46 -0.74 36.46 6.64
C VAL B 46 0.30 36.27 7.74
N ILE B 47 -0.01 36.75 8.94
CA ILE B 47 0.90 36.68 10.08
C ILE B 47 0.23 35.90 11.19
N LEU B 48 0.98 34.95 11.76
CA LEU B 48 0.55 34.17 12.91
C LEU B 48 1.21 34.73 14.16
N TYR B 49 0.37 35.05 15.15
CA TYR B 49 0.75 35.66 16.41
C TYR B 49 0.59 34.65 17.54
N ARG B 50 1.61 34.51 18.39
CA ARG B 50 1.47 33.81 19.66
C ARG B 50 1.36 34.90 20.72
N GLY B 51 0.15 35.11 21.22
CA GLY B 51 -0.12 36.28 22.04
C GLY B 51 -0.04 37.56 21.23
N GLN B 52 0.90 38.43 21.60
CA GLN B 52 1.10 39.70 20.92
C GLN B 52 2.28 39.67 19.94
N GLU B 53 3.07 38.61 19.96
CA GLU B 53 4.23 38.49 19.09
C GLU B 53 3.85 37.83 17.79
N ALA B 54 4.36 38.38 16.69
CA ALA B 54 4.18 37.81 15.37
C ALA B 54 5.16 36.65 15.20
N ILE B 55 4.66 35.41 15.34
CA ILE B 55 5.52 34.25 15.24
C ILE B 55 6.01 34.07 13.81
N MET B 56 5.10 34.16 12.84
CA MET B 56 5.52 33.90 11.46
C MET B 56 4.70 34.72 10.48
N GLU B 57 5.15 34.74 9.22
CA GLU B 57 4.51 35.51 8.17
C GLU B 57 4.72 34.84 6.83
N LYS B 58 3.64 34.75 6.05
CA LYS B 58 3.66 34.34 4.66
C LYS B 58 3.12 35.47 3.80
N VAL B 59 3.54 35.50 2.54
CA VAL B 59 3.12 36.53 1.58
C VAL B 59 2.63 35.84 0.30
N THR B 60 1.53 36.36 -0.25
CA THR B 60 0.97 35.85 -1.50
C THR B 60 0.27 37.01 -2.18
N GLN B 61 -0.22 36.79 -3.39
CA GLN B 61 -0.98 37.78 -4.12
C GLN B 61 -2.25 37.15 -4.65
N VAL B 62 -3.34 37.91 -4.64
CA VAL B 62 -4.63 37.39 -5.08
C VAL B 62 -4.56 37.06 -6.56
N LYS B 63 -5.05 35.88 -6.93
CA LYS B 63 -4.97 35.45 -8.32
C LYS B 63 -5.60 36.48 -9.24
N ALA B 64 -4.86 36.88 -10.27
CA ALA B 64 -5.39 37.76 -11.31
C ALA B 64 -6.21 37.00 -12.34
N GLN B 65 -6.19 35.67 -12.32
CA GLN B 65 -6.97 34.88 -13.25
C GLN B 65 -8.32 34.51 -12.64
N SER B 66 -8.90 33.38 -13.04
CA SER B 66 -10.30 33.11 -12.79
C SER B 66 -10.62 33.06 -11.29
N SER B 67 -9.73 32.47 -10.49
CA SER B 67 -10.12 32.05 -9.14
C SER B 67 -10.51 33.24 -8.26
N ASN B 68 -9.76 34.34 -8.34
CA ASN B 68 -9.97 35.50 -7.46
C ASN B 68 -9.64 35.15 -6.00
N THR B 69 -8.73 34.21 -5.80
CA THR B 69 -8.39 33.72 -4.47
C THR B 69 -6.96 34.09 -4.11
N TRP B 70 -6.70 34.16 -2.81
CA TRP B 70 -5.35 34.31 -2.26
C TRP B 70 -5.15 33.21 -1.24
N MET B 71 -3.96 32.58 -1.26
CA MET B 71 -3.74 31.41 -0.43
C MET B 71 -2.29 31.32 0.01
N VAL B 72 -2.08 31.03 1.29
CA VAL B 72 -0.77 30.81 1.86
C VAL B 72 -0.79 29.51 2.65
N VAL B 73 0.37 28.86 2.74
CA VAL B 73 0.54 27.67 3.56
C VAL B 73 1.53 28.02 4.66
N LEU B 74 1.08 27.97 5.90
CA LEU B 74 1.93 28.28 7.04
C LEU B 74 2.95 27.16 7.25
N ASP B 75 3.92 27.44 8.11
CA ASP B 75 4.89 26.43 8.49
C ASP B 75 4.33 25.58 9.63
N PRO B 76 4.84 24.37 9.81
CA PRO B 76 4.37 23.52 10.92
C PRO B 76 4.35 24.27 12.24
N VAL B 77 3.29 24.05 13.01
CA VAL B 77 3.13 24.67 14.31
C VAL B 77 2.92 23.57 15.35
N LYS B 78 3.40 23.82 16.56
CA LYS B 78 3.29 22.83 17.62
C LYS B 78 1.89 22.88 18.22
N PRO B 79 1.30 21.73 18.55
CA PRO B 79 -0.04 21.73 19.14
C PRO B 79 -0.10 22.60 20.39
N GLY B 80 -1.18 23.37 20.49
CA GLY B 80 -1.37 24.24 21.62
C GLY B 80 -2.09 25.51 21.20
N GLY B 81 -2.09 26.49 22.10
CA GLY B 81 -2.73 27.76 21.84
C GLY B 81 -2.78 28.62 23.08
N PRO B 82 -3.47 29.77 22.99
CA PRO B 82 -4.17 30.29 21.81
C PRO B 82 -3.23 31.03 20.86
N PHE B 83 -3.61 31.14 19.60
CA PHE B 83 -2.92 31.95 18.62
C PHE B 83 -3.88 32.97 18.05
N GLU B 84 -3.34 33.87 17.23
CA GLU B 84 -4.13 34.79 16.44
C GLU B 84 -3.63 34.75 15.00
N VAL B 85 -4.53 34.94 14.04
CA VAL B 85 -4.17 34.93 12.64
C VAL B 85 -4.67 36.21 12.00
N MET B 86 -3.76 36.96 11.38
CA MET B 86 -4.11 38.21 10.71
C MET B 86 -3.77 38.09 9.23
N ALA B 87 -4.66 38.62 8.40
CA ALA B 87 -4.41 38.76 6.97
C ALA B 87 -4.56 40.22 6.60
N GLN B 88 -3.55 40.77 5.93
CA GLN B 88 -3.59 42.16 5.50
C GLN B 88 -3.57 42.22 3.98
N GLN B 89 -4.47 43.04 3.44
CA GLN B 89 -4.73 43.17 2.02
C GLN B 89 -4.29 44.56 1.59
N THR B 90 -3.39 44.65 0.62
CA THR B 90 -2.87 45.92 0.17
C THR B 90 -2.84 45.95 -1.35
N LEU B 91 -3.24 47.10 -1.91
CA LEU B 91 -3.08 47.33 -3.34
C LEU B 91 -3.09 48.84 -3.58
N GLY B 92 -2.03 49.35 -4.20
CA GLY B 92 -1.91 50.79 -4.36
C GLY B 92 -1.98 51.45 -3.00
N ARG B 93 -2.93 52.38 -2.84
CA ARG B 93 -3.13 53.08 -1.59
C ARG B 93 -4.37 52.58 -0.85
N MET B 94 -4.69 51.29 -1.02
CA MET B 94 -5.84 50.67 -0.37
C MET B 94 -5.36 49.58 0.57
N ASN B 95 -5.86 49.61 1.80
CA ASN B 95 -5.35 48.83 2.92
C ASN B 95 -6.53 48.22 3.66
N SER B 96 -6.38 46.97 4.10
CA SER B 96 -7.44 46.28 4.82
C SER B 96 -6.84 45.19 5.70
N THR B 97 -7.47 44.92 6.84
CA THR B 97 -6.94 43.93 7.78
C THR B 97 -8.07 43.07 8.35
N LEU B 98 -7.80 41.77 8.43
CA LEU B 98 -8.68 40.78 9.02
C LEU B 98 -7.93 40.08 10.14
N ARG B 99 -8.60 39.82 11.25
CA ARG B 99 -7.98 39.13 12.37
C ARG B 99 -8.97 38.16 12.99
N ILE B 100 -8.52 36.91 13.19
CA ILE B 100 -9.29 35.90 13.90
C ILE B 100 -8.51 35.49 15.14
N HIS B 101 -9.23 35.24 16.23
CA HIS B 101 -8.66 35.10 17.55
C HIS B 101 -8.92 33.72 18.13
N ASN B 102 -8.20 33.40 19.21
CA ASN B 102 -8.37 32.16 19.95
C ASN B 102 -8.17 30.93 19.06
N VAL B 103 -7.29 31.05 18.06
CA VAL B 103 -6.98 29.91 17.21
C VAL B 103 -6.19 28.88 18.01
N LEU B 104 -6.46 27.60 17.75
CA LEU B 104 -5.71 26.50 18.33
C LEU B 104 -5.08 25.69 17.21
N PHE B 105 -4.06 24.90 17.58
CA PHE B 105 -3.41 24.00 16.65
C PHE B 105 -3.46 22.58 17.20
N GLY B 106 -3.82 21.63 16.34
CA GLY B 106 -4.00 20.27 16.77
C GLY B 106 -4.48 19.38 15.62
N ASP B 107 -5.25 18.35 15.95
CA ASP B 107 -5.73 17.39 14.97
C ASP B 107 -7.15 17.74 14.55
N VAL B 108 -7.36 17.90 13.25
CA VAL B 108 -8.68 18.25 12.70
C VAL B 108 -9.29 17.01 12.07
N TRP B 109 -10.56 16.76 12.39
CA TRP B 109 -11.29 15.59 11.91
C TRP B 109 -12.58 16.03 11.25
N LEU B 110 -12.83 15.48 10.08
CA LEU B 110 -14.02 15.77 9.28
C LEU B 110 -15.01 14.62 9.43
N CYS B 111 -16.20 14.91 9.93
CA CYS B 111 -17.26 13.93 10.14
C CYS B 111 -18.32 14.07 9.08
N SER B 112 -18.64 12.97 8.39
CA SER B 112 -19.68 12.99 7.37
C SER B 112 -20.40 11.65 7.34
N GLY B 113 -21.55 11.65 6.70
CA GLY B 113 -22.40 10.46 6.65
C GLY B 113 -23.85 10.85 6.43
N GLN B 114 -24.75 10.06 7.00
CA GLN B 114 -26.17 10.36 6.91
C GLN B 114 -26.79 10.45 8.29
N SER B 115 -28.11 10.22 8.39
CA SER B 115 -28.87 10.67 9.55
C SER B 115 -28.31 10.15 10.85
N ASN B 116 -27.66 8.98 10.86
CA ASN B 116 -27.21 8.40 12.12
C ASN B 116 -26.04 9.18 12.72
N LEU B 117 -25.27 9.87 11.89
CA LEU B 117 -24.22 10.75 12.41
C LEU B 117 -24.70 12.18 12.59
N LYS B 118 -25.80 12.56 11.93
CA LYS B 118 -26.43 13.85 12.21
C LYS B 118 -27.00 13.89 13.62
N MET B 119 -27.45 12.74 14.13
CA MET B 119 -28.04 12.67 15.46
C MET B 119 -27.17 13.39 16.47
N THR B 120 -27.81 14.22 17.31
CA THR B 120 -27.10 15.18 18.13
C THR B 120 -26.90 14.64 19.55
N VAL B 121 -26.23 15.45 20.38
CA VAL B 121 -26.00 15.06 21.76
C VAL B 121 -27.29 15.07 22.55
N SER B 122 -28.22 15.97 22.22
CA SER B 122 -29.50 16.02 22.91
C SER B 122 -30.34 14.77 22.69
N GLN B 123 -30.02 13.97 21.67
CA GLN B 123 -30.87 12.87 21.25
C GLN B 123 -30.44 11.51 21.80
N ILE B 124 -29.22 11.38 22.31
CA ILE B 124 -28.69 10.06 22.65
C ILE B 124 -28.97 9.72 24.11
N PHE B 125 -28.57 8.52 24.53
CA PHE B 125 -28.69 8.12 25.92
C PHE B 125 -27.81 9.02 26.79
N ASN B 126 -28.21 9.16 28.06
CA ASN B 126 -27.41 9.92 29.02
C ASN B 126 -27.14 11.31 28.48
N ALA B 127 -28.18 11.91 27.90
CA ALA B 127 -27.99 13.09 27.06
C ALA B 127 -27.55 14.30 27.88
N THR B 128 -28.24 14.59 28.98
CA THR B 128 -27.95 15.82 29.72
C THR B 128 -26.54 15.80 30.30
N LYS B 129 -26.13 14.67 30.90
CA LYS B 129 -24.82 14.61 31.53
C LYS B 129 -23.70 14.72 30.50
N GLU B 130 -23.89 14.14 29.32
CA GLU B 130 -22.92 14.31 28.24
C GLU B 130 -22.93 15.76 27.74
N MET B 131 -24.11 16.36 27.66
CA MET B 131 -24.25 17.75 27.24
C MET B 131 -23.44 18.68 28.13
N TYR B 132 -23.51 18.49 29.44
CA TYR B 132 -22.88 19.40 30.39
C TYR B 132 -21.46 18.99 30.78
N ASN B 133 -20.93 17.90 30.22
CA ASN B 133 -19.55 17.48 30.50
C ASN B 133 -18.63 18.05 29.43
N ILE B 134 -18.25 19.31 29.63
CA ILE B 134 -17.43 20.03 28.66
C ILE B 134 -16.29 20.78 29.35
N ALA B 135 -16.34 20.84 30.68
CA ALA B 135 -15.34 21.61 31.42
C ALA B 135 -13.91 21.24 31.06
N PRO B 136 -13.53 19.96 30.99
CA PRO B 136 -12.16 19.61 30.61
C PRO B 136 -11.92 19.55 29.11
N TYR B 137 -12.93 19.83 28.29
CA TYR B 137 -12.82 19.68 26.84
C TYR B 137 -13.08 21.01 26.11
N GLN B 138 -12.66 22.12 26.71
CA GLN B 138 -12.85 23.42 26.07
C GLN B 138 -11.93 23.60 24.87
N SER B 139 -10.86 22.81 24.77
CA SER B 139 -9.99 22.84 23.60
C SER B 139 -10.42 21.85 22.53
N VAL B 140 -11.60 21.24 22.69
CA VAL B 140 -12.22 20.43 21.64
C VAL B 140 -13.18 21.37 20.91
N ARG B 141 -12.69 21.99 19.84
CA ARG B 141 -13.47 22.99 19.12
C ARG B 141 -14.30 22.32 18.05
N ILE B 142 -15.47 22.89 17.77
CA ILE B 142 -16.48 22.23 16.96
C ILE B 142 -17.06 23.18 15.93
N MET B 143 -17.56 22.59 14.84
CA MET B 143 -18.23 23.32 13.77
C MET B 143 -19.13 22.35 13.04
N SER B 144 -20.32 22.82 12.66
CA SER B 144 -21.28 22.01 11.93
C SER B 144 -21.66 22.73 10.63
N VAL B 145 -21.51 22.04 9.51
CA VAL B 145 -21.80 22.63 8.20
C VAL B 145 -23.29 22.53 7.92
N SER B 146 -23.87 23.62 7.41
CA SER B 146 -25.28 23.65 7.08
C SER B 146 -25.54 22.86 5.80
N LEU B 147 -26.78 22.41 5.65
CA LEU B 147 -27.16 21.56 4.52
C LEU B 147 -27.33 22.43 3.28
N VAL B 148 -26.44 22.24 2.31
CA VAL B 148 -26.53 22.90 1.01
C VAL B 148 -26.16 21.87 -0.05
N GLU B 149 -26.82 21.94 -1.20
CA GLU B 149 -26.48 21.09 -2.34
C GLU B 149 -26.27 21.98 -3.56
N ALA B 150 -25.45 21.50 -4.48
CA ALA B 150 -25.11 22.27 -5.66
C ALA B 150 -24.86 21.34 -6.83
N GLU B 151 -25.28 21.78 -8.02
CA GLU B 151 -25.08 20.98 -9.23
C GLU B 151 -23.60 20.85 -9.58
N GLU B 152 -22.80 21.86 -9.27
CA GLU B 152 -21.38 21.88 -9.56
C GLU B 152 -20.59 22.10 -8.28
N GLU B 153 -19.32 21.68 -8.31
CA GLU B 153 -18.46 21.84 -7.15
C GLU B 153 -18.31 23.32 -6.80
N LEU B 154 -18.29 23.61 -5.50
CA LEU B 154 -18.21 24.97 -5.00
C LEU B 154 -16.82 25.23 -4.43
N GLU B 155 -16.39 26.49 -4.52
CA GLU B 155 -15.09 26.88 -4.01
C GLU B 155 -15.11 27.20 -2.53
N ASP B 156 -16.27 27.62 -2.00
CA ASP B 156 -16.39 28.02 -0.60
C ASP B 156 -17.71 27.48 -0.05
N LEU B 157 -17.78 27.37 1.28
CA LEU B 157 -19.01 26.92 1.92
C LEU B 157 -20.09 28.00 1.81
N THR B 158 -21.28 27.59 1.39
CA THR B 158 -22.39 28.54 1.26
C THR B 158 -22.93 28.95 2.61
N GLU B 159 -23.07 28.00 3.53
CA GLU B 159 -23.91 28.18 4.71
C GLU B 159 -23.43 27.28 5.83
N ILE B 160 -23.27 27.85 7.03
CA ILE B 160 -22.72 27.14 8.17
C ILE B 160 -23.71 27.24 9.33
N ASP B 161 -24.13 26.08 9.86
CA ASP B 161 -25.09 26.05 10.96
C ASP B 161 -24.46 26.52 12.27
N LEU B 162 -23.30 25.97 12.60
CA LEU B 162 -22.60 26.29 13.85
C LEU B 162 -21.16 26.65 13.53
N PRO B 163 -20.80 27.94 13.58
CA PRO B 163 -19.41 28.31 13.29
C PRO B 163 -18.46 27.71 14.31
N TRP B 164 -17.17 27.78 14.00
CA TRP B 164 -16.14 27.36 14.96
C TRP B 164 -16.45 27.96 16.32
N SER B 165 -16.60 27.11 17.32
CA SER B 165 -16.98 27.59 18.64
C SER B 165 -16.53 26.60 19.70
N LYS B 166 -16.30 27.11 20.90
CA LYS B 166 -16.03 26.23 22.03
C LYS B 166 -17.31 25.47 22.39
N PRO B 167 -17.19 24.24 22.89
CA PRO B 167 -18.39 23.48 23.23
C PRO B 167 -19.10 24.06 24.44
N THR B 168 -20.42 24.17 24.33
CA THR B 168 -21.31 24.55 25.41
C THR B 168 -22.48 23.57 25.43
N PRO B 169 -23.19 23.47 26.55
CA PRO B 169 -24.32 22.53 26.58
C PRO B 169 -25.35 22.81 25.50
N GLY B 170 -25.61 24.08 25.20
CA GLY B 170 -26.65 24.41 24.24
C GLY B 170 -26.29 24.01 22.83
N ASN B 171 -25.09 24.37 22.38
CA ASN B 171 -24.69 24.05 21.02
C ASN B 171 -24.36 22.57 20.83
N LEU B 172 -24.05 21.85 21.91
CA LEU B 172 -23.86 20.41 21.79
C LEU B 172 -25.20 19.70 21.56
N GLY B 173 -26.20 20.02 22.36
CA GLY B 173 -27.53 19.45 22.19
C GLY B 173 -28.54 20.50 21.80
N HIS B 174 -28.47 20.96 20.56
CA HIS B 174 -29.22 22.14 20.12
C HIS B 174 -30.47 21.79 19.31
N GLY B 175 -30.89 20.53 19.32
CA GLY B 175 -32.13 20.17 18.66
C GLY B 175 -32.08 18.73 18.18
N ASN B 176 -33.06 18.41 17.33
CA ASN B 176 -33.18 17.09 16.71
C ASN B 176 -32.49 17.14 15.35
N PHE B 177 -31.39 16.40 15.22
CA PHE B 177 -30.63 16.30 13.97
C PHE B 177 -30.14 17.68 13.49
N THR B 178 -29.65 18.50 14.43
CA THR B 178 -29.20 19.83 14.04
C THR B 178 -27.71 20.04 14.29
N TYR B 179 -27.32 20.53 15.47
CA TYR B 179 -26.00 21.15 15.58
C TYR B 179 -24.88 20.14 15.66
N MET B 180 -24.67 19.48 16.80
CA MET B 180 -23.44 18.72 16.97
C MET B 180 -23.70 17.23 17.03
N SER B 181 -23.06 16.50 16.12
CA SER B 181 -23.10 15.04 16.10
C SER B 181 -22.64 14.47 17.42
N ALA B 182 -23.50 13.65 18.05
CA ALA B 182 -23.08 12.96 19.26
C ALA B 182 -21.86 12.09 18.99
N LEU B 183 -21.83 11.43 17.82
CA LEU B 183 -20.73 10.54 17.51
C LEU B 183 -19.44 11.33 17.27
N CYS B 184 -19.51 12.36 16.43
CA CYS B 184 -18.34 13.19 16.17
C CYS B 184 -17.79 13.78 17.47
N TRP B 185 -18.67 14.34 18.30
CA TRP B 185 -18.23 14.99 19.53
C TRP B 185 -17.63 13.97 20.50
N LEU B 186 -18.32 12.85 20.72
CA LEU B 186 -17.81 11.85 21.65
C LEU B 186 -16.50 11.25 21.17
N TYR B 187 -16.37 11.04 19.86
CA TYR B 187 -15.11 10.54 19.32
C TYR B 187 -13.99 11.55 19.53
N GLY B 188 -14.25 12.83 19.26
CA GLY B 188 -13.26 13.84 19.53
C GLY B 188 -12.94 13.97 21.02
N ARG B 189 -13.91 13.63 21.87
CA ARG B 189 -13.69 13.72 23.31
C ARG B 189 -12.77 12.59 23.78
N TYR B 190 -13.01 11.36 23.30
CA TYR B 190 -12.05 10.29 23.54
C TYR B 190 -10.68 10.65 22.99
N LEU B 191 -10.66 11.23 21.79
CA LEU B 191 -9.39 11.64 21.19
C LEU B 191 -8.67 12.66 22.07
N TYR B 192 -9.40 13.59 22.67
CA TYR B 192 -8.75 14.58 23.52
C TYR B 192 -8.28 13.94 24.83
N ASP B 193 -9.10 13.05 25.40
CA ASP B 193 -8.66 12.30 26.57
C ASP B 193 -7.32 11.64 26.31
N THR B 194 -7.15 11.05 25.12
CA THR B 194 -5.90 10.35 24.84
C THR B 194 -4.77 11.31 24.48
N LEU B 195 -4.99 12.19 23.51
CA LEU B 195 -3.93 13.03 22.97
C LEU B 195 -3.58 14.18 23.90
N ARG B 196 -4.57 14.75 24.58
CA ARG B 196 -4.36 15.84 25.52
C ARG B 196 -3.89 17.12 24.85
N TYR B 197 -4.18 17.28 23.55
CA TYR B 197 -3.90 18.55 22.86
C TYR B 197 -5.09 18.93 21.97
N PRO B 198 -5.16 20.16 21.47
CA PRO B 198 -6.39 20.62 20.82
C PRO B 198 -6.85 19.70 19.70
N VAL B 199 -8.16 19.51 19.62
CA VAL B 199 -8.80 18.77 18.54
C VAL B 199 -9.88 19.64 17.94
N GLY B 200 -10.01 19.57 16.62
CA GLY B 200 -11.06 20.28 15.91
C GLY B 200 -11.97 19.28 15.22
N LEU B 201 -13.27 19.54 15.28
CA LEU B 201 -14.28 18.63 14.73
C LEU B 201 -15.19 19.41 13.80
N VAL B 202 -15.05 19.17 12.50
CA VAL B 202 -15.91 19.77 11.49
C VAL B 202 -16.85 18.68 10.99
N SER B 203 -18.16 18.86 11.18
CA SER B 203 -19.15 17.89 10.76
C SER B 203 -19.99 18.48 9.63
N SER B 204 -19.93 17.85 8.47
CA SER B 204 -20.81 18.15 7.34
C SER B 204 -21.52 16.86 6.98
N VAL B 205 -22.80 16.77 7.31
CA VAL B 205 -23.56 15.53 7.22
C VAL B 205 -24.98 15.84 6.77
N TRP B 206 -25.54 14.96 5.94
CA TRP B 206 -26.88 15.12 5.41
C TRP B 206 -27.62 13.80 5.57
N GLY B 207 -28.75 13.84 6.26
CA GLY B 207 -29.48 12.61 6.54
C GLY B 207 -30.09 12.00 5.31
N GLY B 208 -30.22 10.68 5.33
CA GLY B 208 -30.87 9.95 4.26
C GLY B 208 -30.29 10.23 2.88
N THR B 209 -28.97 10.18 2.76
CA THR B 209 -28.29 10.34 1.48
C THR B 209 -27.56 9.06 1.12
N ALA B 210 -27.56 8.72 -0.16
CA ALA B 210 -26.76 7.62 -0.65
C ALA B 210 -25.31 8.08 -0.89
N ILE B 211 -24.40 7.11 -0.93
CA ILE B 211 -22.99 7.41 -1.07
C ILE B 211 -22.70 8.13 -2.39
N GLU B 212 -23.60 8.02 -3.37
CA GLU B 212 -23.38 8.69 -4.65
C GLU B 212 -23.42 10.20 -4.50
N ALA B 213 -24.25 10.72 -3.59
CA ALA B 213 -24.27 12.16 -3.36
C ALA B 213 -22.98 12.65 -2.73
N TRP B 214 -22.29 11.78 -1.99
CA TRP B 214 -21.04 12.15 -1.33
C TRP B 214 -19.81 11.95 -2.20
N SER B 215 -19.93 11.22 -3.30
CA SER B 215 -18.81 10.96 -4.19
C SER B 215 -18.80 11.93 -5.36
N SER B 216 -17.60 12.27 -5.81
CA SER B 216 -17.42 13.09 -7.00
C SER B 216 -17.67 12.25 -8.25
N GLU B 217 -17.52 12.89 -9.41
CA GLU B 217 -17.69 12.16 -10.67
C GLU B 217 -16.61 11.10 -10.86
N ARG B 218 -15.43 11.31 -10.27
CA ARG B 218 -14.33 10.38 -10.50
C ARG B 218 -14.67 8.99 -9.95
N VAL B 219 -15.23 8.93 -8.74
CA VAL B 219 -15.62 7.65 -8.16
C VAL B 219 -16.71 6.99 -8.99
N LEU B 220 -17.68 7.78 -9.45
CA LEU B 220 -18.75 7.25 -10.28
C LEU B 220 -18.19 6.61 -11.55
N LYS B 221 -17.27 7.31 -12.21
CA LYS B 221 -16.62 6.75 -13.40
C LYS B 221 -15.89 5.46 -13.05
N ALA B 222 -15.12 5.47 -11.95
CA ALA B 222 -14.32 4.31 -11.60
C ALA B 222 -15.18 3.09 -11.30
N CYS B 223 -16.37 3.28 -10.75
CA CYS B 223 -17.21 2.16 -10.36
C CYS B 223 -18.38 1.89 -11.30
N ASN B 224 -18.50 2.66 -12.38
CA ASN B 224 -19.55 2.44 -13.37
C ASN B 224 -20.92 2.39 -12.72
N VAL B 225 -21.25 3.46 -11.99
CA VAL B 225 -22.56 3.58 -11.36
C VAL B 225 -23.56 3.99 -12.44
N PRO B 226 -24.76 3.41 -12.48
CA PRO B 226 -25.74 3.82 -13.50
C PRO B 226 -26.01 5.32 -13.44
N ASP B 227 -25.81 5.99 -14.57
CA ASP B 227 -26.02 7.44 -14.65
C ASP B 227 -27.51 7.75 -14.82
N HIS B 228 -28.29 7.32 -13.81
CA HIS B 228 -29.68 7.76 -13.73
C HIS B 228 -29.77 9.26 -13.48
N GLY B 229 -28.88 9.79 -12.62
CA GLY B 229 -29.06 11.10 -12.04
C GLY B 229 -30.06 11.14 -10.91
N TYR B 230 -30.87 10.10 -10.74
CA TYR B 230 -31.89 10.04 -9.70
C TYR B 230 -31.84 8.69 -9.01
N ILE B 231 -32.50 8.60 -7.86
CA ILE B 231 -32.42 7.42 -6.99
C ILE B 231 -33.79 7.09 -6.43
N PRO B 232 -34.24 5.80 -6.50
CA PRO B 232 -35.58 5.44 -6.02
C PRO B 232 -36.05 6.16 -4.76
N GLU B 233 -37.27 6.71 -4.80
CA GLU B 233 -37.71 7.65 -3.76
C GLU B 233 -37.42 7.13 -2.36
N GLU B 234 -38.06 6.01 -2.00
CA GLU B 234 -38.05 5.59 -0.61
C GLU B 234 -36.64 5.28 -0.12
N SER B 235 -35.84 4.63 -0.96
CA SER B 235 -34.50 4.20 -0.55
C SER B 235 -33.75 5.35 0.12
N VAL B 236 -33.74 6.52 -0.52
CA VAL B 236 -33.04 7.71 -0.02
C VAL B 236 -34.04 8.84 0.08
N THR B 237 -34.10 9.47 1.25
CA THR B 237 -35.03 10.56 1.50
C THR B 237 -34.39 11.93 1.31
N GLY B 238 -33.08 11.99 1.06
CA GLY B 238 -32.38 13.24 0.92
C GLY B 238 -32.17 13.64 -0.53
N PRO B 239 -31.12 14.41 -0.79
CA PRO B 239 -30.82 14.78 -2.19
C PRO B 239 -30.48 13.55 -3.02
N ARG B 240 -31.25 13.34 -4.08
CA ARG B 240 -30.99 12.21 -4.96
C ARG B 240 -29.78 12.46 -5.84
N GLU B 241 -29.75 13.62 -6.51
CA GLU B 241 -28.78 13.89 -7.56
C GLU B 241 -27.39 13.41 -7.16
N HIS B 242 -26.60 13.02 -8.17
CA HIS B 242 -25.27 12.50 -7.90
C HIS B 242 -24.30 13.64 -7.59
N SER B 243 -23.50 13.45 -6.55
CA SER B 243 -22.37 14.30 -6.18
C SER B 243 -22.77 15.68 -5.68
N VAL B 244 -24.06 15.99 -5.53
CA VAL B 244 -24.46 17.35 -5.14
C VAL B 244 -24.02 17.66 -3.72
N VAL B 245 -24.25 16.72 -2.80
CA VAL B 245 -23.81 16.92 -1.41
C VAL B 245 -22.30 17.12 -1.37
N TRP B 246 -21.56 16.26 -2.06
CA TRP B 246 -20.12 16.44 -2.18
C TRP B 246 -19.79 17.82 -2.72
N ASN B 247 -20.49 18.23 -3.78
CA ASN B 247 -20.15 19.48 -4.44
C ASN B 247 -20.27 20.66 -3.49
N ALA B 248 -21.32 20.70 -2.66
CA ALA B 248 -21.59 21.90 -1.89
C ALA B 248 -21.07 21.85 -0.46
N MET B 249 -20.85 20.67 0.12
CA MET B 249 -20.56 20.55 1.55
C MET B 249 -19.22 19.91 1.88
N VAL B 250 -18.52 19.31 0.92
CA VAL B 250 -17.25 18.65 1.18
C VAL B 250 -16.13 19.22 0.32
N HIS B 251 -16.42 19.58 -0.93
CA HIS B 251 -15.37 20.08 -1.80
C HIS B 251 -14.74 21.36 -1.27
N PRO B 252 -15.50 22.37 -0.84
CA PRO B 252 -14.86 23.58 -0.29
C PRO B 252 -13.92 23.29 0.86
N LEU B 253 -14.18 22.24 1.64
CA LEU B 253 -13.36 21.91 2.79
C LEU B 253 -12.03 21.25 2.42
N CYS B 254 -11.86 20.80 1.18
CA CYS B 254 -10.67 20.04 0.84
C CYS B 254 -9.41 20.90 0.77
N ASN B 255 -9.53 22.22 0.90
CA ASN B 255 -8.38 23.10 1.00
C ASN B 255 -7.94 23.31 2.45
N MET B 256 -8.64 22.70 3.40
CA MET B 256 -8.28 22.77 4.80
C MET B 256 -7.44 21.56 5.16
N THR B 257 -6.32 21.79 5.83
CA THR B 257 -5.50 20.68 6.31
C THR B 257 -6.18 20.02 7.51
N LEU B 258 -6.34 18.70 7.44
CA LEU B 258 -7.05 17.97 8.48
C LEU B 258 -6.27 16.72 8.85
N LYS B 259 -6.47 16.26 10.08
CA LYS B 259 -5.84 15.02 10.51
C LYS B 259 -6.50 13.81 9.86
N GLY B 260 -7.83 13.74 9.89
CA GLY B 260 -8.48 12.56 9.38
C GLY B 260 -9.96 12.75 9.15
N VAL B 261 -10.64 11.64 8.83
CA VAL B 261 -12.05 11.65 8.51
C VAL B 261 -12.77 10.54 9.26
N LEU B 262 -13.97 10.87 9.75
CA LEU B 262 -14.91 9.94 10.37
C LEU B 262 -16.15 9.86 9.49
N TRP B 263 -16.62 8.65 9.25
CA TRP B 263 -17.63 8.40 8.22
C TRP B 263 -18.67 7.42 8.74
N TYR B 264 -19.95 7.80 8.64
CA TYR B 264 -21.06 6.94 9.04
C TYR B 264 -22.12 7.01 7.94
N GLN B 265 -22.05 6.08 6.99
CA GLN B 265 -22.98 6.10 5.86
C GLN B 265 -23.08 4.70 5.27
N GLY B 266 -24.22 4.43 4.65
CA GLY B 266 -24.45 3.16 3.99
C GLY B 266 -25.89 2.71 4.09
N GLU B 267 -26.63 3.32 5.01
CA GLU B 267 -28.02 2.92 5.23
C GLU B 267 -28.88 3.17 4.00
N SER B 268 -28.64 4.27 3.29
CA SER B 268 -29.44 4.60 2.12
C SER B 268 -29.08 3.75 0.90
N ASN B 269 -27.99 2.98 0.97
CA ASN B 269 -27.58 2.13 -0.13
C ASN B 269 -28.03 0.69 0.05
N MET B 270 -28.88 0.41 1.04
CA MET B 270 -29.32 -0.97 1.25
C MET B 270 -30.09 -1.49 0.04
N ASP B 271 -30.94 -0.64 -0.56
CA ASP B 271 -31.74 -1.03 -1.72
C ASP B 271 -31.40 -0.20 -2.95
N TYR B 272 -30.29 0.53 -2.93
CA TYR B 272 -29.86 1.33 -4.07
C TYR B 272 -28.38 1.07 -4.34
N ASN B 273 -28.09 0.51 -5.51
CA ASN B 273 -26.72 0.21 -5.91
C ASN B 273 -25.97 -0.53 -4.81
N ARG B 274 -26.65 -1.53 -4.24
CA ARG B 274 -26.06 -2.30 -3.15
C ARG B 274 -24.78 -3.00 -3.60
N ASN B 275 -24.85 -3.74 -4.71
CA ASN B 275 -23.74 -4.58 -5.13
C ASN B 275 -22.54 -3.80 -5.62
N LEU B 276 -22.66 -2.48 -5.80
CA LEU B 276 -21.54 -1.64 -6.18
C LEU B 276 -20.87 -0.96 -4.99
N TYR B 277 -21.34 -1.21 -3.76
CA TYR B 277 -20.82 -0.48 -2.62
C TYR B 277 -19.38 -0.85 -2.32
N ASN B 278 -19.04 -2.14 -2.45
CA ASN B 278 -17.66 -2.56 -2.21
C ASN B 278 -16.70 -1.95 -3.22
N CYS B 279 -17.21 -1.44 -4.35
CA CYS B 279 -16.41 -0.62 -5.24
C CYS B 279 -16.41 0.83 -4.82
N THR B 280 -17.59 1.41 -4.58
CA THR B 280 -17.70 2.85 -4.41
C THR B 280 -17.01 3.32 -3.13
N PHE B 281 -17.23 2.62 -2.01
CA PHE B 281 -16.73 3.12 -0.73
C PHE B 281 -15.21 3.18 -0.70
N PRO B 282 -14.46 2.12 -1.05
CA PRO B 282 -13.00 2.28 -1.15
C PRO B 282 -12.61 3.36 -2.14
N ALA B 283 -13.25 3.37 -3.30
CA ALA B 283 -13.01 4.43 -4.27
C ALA B 283 -13.32 5.80 -3.68
N LEU B 284 -14.39 5.90 -2.89
CA LEU B 284 -14.72 7.18 -2.27
C LEU B 284 -13.59 7.65 -1.37
N ILE B 285 -13.11 6.78 -0.47
CA ILE B 285 -12.06 7.22 0.45
C ILE B 285 -10.80 7.56 -0.31
N GLU B 286 -10.48 6.78 -1.36
CA GLU B 286 -9.26 7.06 -2.12
C GLU B 286 -9.36 8.41 -2.83
N ASP B 287 -10.51 8.67 -3.45
CA ASP B 287 -10.69 9.95 -4.15
C ASP B 287 -10.68 11.12 -3.16
N TRP B 288 -11.30 10.95 -1.99
CA TRP B 288 -11.21 11.98 -0.97
C TRP B 288 -9.76 12.23 -0.59
N ARG B 289 -9.01 11.16 -0.37
CA ARG B 289 -7.59 11.30 -0.01
C ARG B 289 -6.84 12.11 -1.06
N GLN B 290 -6.98 11.72 -2.32
CA GLN B 290 -6.24 12.41 -3.38
C GLN B 290 -6.68 13.86 -3.51
N THR B 291 -7.99 14.12 -3.44
CA THR B 291 -8.51 15.48 -3.66
C THR B 291 -8.12 16.40 -2.51
N PHE B 292 -8.19 15.91 -1.27
CA PHE B 292 -7.73 16.71 -0.14
C PHE B 292 -6.22 16.92 -0.18
N HIS B 293 -5.47 15.91 -0.65
CA HIS B 293 -4.03 16.06 -0.76
C HIS B 293 -3.68 17.19 -1.72
N ARG B 294 -4.30 17.21 -2.90
CA ARG B 294 -4.00 18.27 -3.86
C ARG B 294 -4.59 19.61 -3.41
N GLY B 295 -5.75 19.59 -2.75
CA GLY B 295 -6.38 20.84 -2.36
C GLY B 295 -5.61 21.58 -1.28
N SER B 296 -5.05 20.83 -0.33
CA SER B 296 -4.26 21.42 0.75
C SER B 296 -2.79 21.59 0.37
N GLN B 297 -2.44 21.33 -0.89
CA GLN B 297 -1.06 21.44 -1.35
C GLN B 297 -0.15 20.49 -0.60
N GLY B 298 -0.60 19.23 -0.50
CA GLY B 298 0.21 18.17 0.05
C GLY B 298 0.27 18.12 1.56
N GLN B 299 -0.38 19.03 2.27
CA GLN B 299 -0.28 19.05 3.71
C GLN B 299 -1.08 17.92 4.35
N THR B 300 -2.32 17.71 3.89
CA THR B 300 -3.06 16.53 4.31
C THR B 300 -2.39 15.27 3.79
N GLU B 301 -2.18 14.31 4.67
CA GLU B 301 -1.54 13.06 4.27
C GLU B 301 -2.29 12.44 3.10
N ARG B 302 -1.53 11.96 2.12
CA ARG B 302 -2.13 11.32 0.95
C ARG B 302 -2.88 10.05 1.33
N PHE B 303 -2.56 9.44 2.47
CA PHE B 303 -3.31 8.32 3.01
C PHE B 303 -3.80 8.65 4.42
N PHE B 304 -4.58 9.72 4.58
CA PHE B 304 -4.97 10.12 5.92
C PHE B 304 -5.93 9.10 6.52
N PRO B 305 -6.03 9.07 7.85
CA PRO B 305 -6.92 8.09 8.49
C PRO B 305 -8.37 8.28 8.07
N PHE B 306 -9.01 7.16 7.73
CA PHE B 306 -10.43 7.13 7.39
C PHE B 306 -11.10 6.11 8.30
N GLY B 307 -11.66 6.57 9.40
CA GLY B 307 -12.40 5.71 10.31
C GLY B 307 -13.88 5.78 9.98
N PHE B 308 -14.52 4.61 9.94
CA PHE B 308 -15.93 4.56 9.58
C PHE B 308 -16.66 3.59 10.50
N VAL B 309 -17.99 3.72 10.48
CA VAL B 309 -18.87 2.90 11.31
C VAL B 309 -19.56 1.88 10.41
N GLN B 310 -19.46 0.61 10.80
CA GLN B 310 -20.26 -0.43 10.16
C GLN B 310 -21.71 -0.27 10.61
N LEU B 311 -22.64 -0.45 9.67
CA LEU B 311 -24.04 -0.20 9.97
C LEU B 311 -24.47 -0.93 11.22
N SER B 312 -25.40 -0.32 11.96
CA SER B 312 -25.89 -0.87 13.22
C SER B 312 -27.13 -1.71 12.94
N SER B 313 -27.80 -2.15 14.00
CA SER B 313 -28.98 -2.98 13.84
C SER B 313 -30.15 -2.17 13.29
N TYR B 314 -31.16 -2.88 12.80
CA TYR B 314 -32.32 -2.24 12.18
C TYR B 314 -33.48 -3.22 12.18
N LEU B 315 -34.54 -2.91 12.91
CA LEU B 315 -35.77 -3.70 12.86
C LEU B 315 -36.45 -3.43 11.53
N ALA B 316 -36.40 -4.41 10.64
CA ALA B 316 -36.88 -4.23 9.27
C ALA B 316 -38.03 -5.18 8.98
N PRO B 317 -38.98 -4.77 8.14
CA PRO B 317 -40.02 -5.71 7.69
C PRO B 317 -39.38 -6.95 7.09
N PRO B 318 -40.00 -8.11 7.25
CA PRO B 318 -39.39 -9.34 6.72
C PRO B 318 -39.14 -9.22 5.23
N SER B 319 -37.99 -9.72 4.79
CA SER B 319 -37.61 -9.60 3.39
C SER B 319 -36.76 -10.81 3.00
N PRO B 320 -36.88 -11.29 1.77
CA PRO B 320 -35.99 -12.37 1.33
C PRO B 320 -34.53 -11.95 1.33
N ASP B 321 -34.22 -10.81 0.72
CA ASP B 321 -32.86 -10.27 0.67
C ASP B 321 -32.85 -8.94 1.40
N GLU B 322 -32.08 -8.86 2.48
CA GLU B 322 -31.94 -7.65 3.26
C GLU B 322 -30.68 -6.92 2.83
N GLY B 323 -30.81 -5.60 2.63
CA GLY B 323 -29.66 -4.83 2.19
C GLY B 323 -28.65 -4.61 3.30
N PHE B 324 -29.12 -4.39 4.53
CA PHE B 324 -28.22 -4.03 5.62
C PHE B 324 -27.05 -4.97 5.81
N PRO B 325 -27.22 -6.29 5.88
CA PRO B 325 -26.04 -7.16 6.00
C PRO B 325 -25.12 -7.07 4.80
N HIS B 326 -25.70 -6.96 3.60
CA HIS B 326 -24.88 -6.79 2.40
C HIS B 326 -24.02 -5.54 2.48
N ILE B 327 -24.59 -4.44 2.98
CA ILE B 327 -23.83 -3.19 3.06
C ILE B 327 -22.79 -3.27 4.18
N ARG B 328 -23.13 -3.93 5.28
CA ARG B 328 -22.12 -4.17 6.32
C ARG B 328 -20.94 -4.93 5.74
N TRP B 329 -21.22 -5.87 4.83
CA TRP B 329 -20.13 -6.62 4.21
C TRP B 329 -19.35 -5.75 3.25
N HIS B 330 -20.05 -5.04 2.36
CA HIS B 330 -19.40 -4.23 1.33
C HIS B 330 -18.64 -3.05 1.91
N GLN B 331 -18.95 -2.64 3.14
CA GLN B 331 -18.21 -1.56 3.78
C GLN B 331 -16.78 -1.94 4.11
N THR B 332 -16.48 -3.24 4.12
CA THR B 332 -15.12 -3.73 4.34
C THR B 332 -14.46 -4.21 3.04
N ALA B 333 -15.05 -3.89 1.89
CA ALA B 333 -14.62 -4.43 0.61
C ALA B 333 -14.73 -5.95 0.59
N ASP B 334 -15.77 -6.48 1.24
CA ASP B 334 -16.03 -7.91 1.29
C ASP B 334 -14.89 -8.68 1.95
N PHE B 335 -14.11 -8.01 2.81
CA PHE B 335 -12.99 -8.64 3.49
C PHE B 335 -13.23 -8.92 4.97
N GLY B 336 -14.25 -8.29 5.58
CA GLY B 336 -14.61 -8.56 6.95
C GLY B 336 -13.89 -7.72 7.99
N TYR B 337 -12.75 -7.12 7.64
CA TYR B 337 -12.00 -6.31 8.59
C TYR B 337 -11.36 -5.14 7.87
N VAL B 338 -10.95 -4.15 8.67
CA VAL B 338 -10.06 -3.09 8.20
C VAL B 338 -9.01 -2.83 9.26
N PRO B 339 -7.84 -2.33 8.84
CA PRO B 339 -7.42 -1.99 7.48
C PRO B 339 -7.18 -3.24 6.64
N ASN B 340 -7.35 -3.14 5.33
CA ASN B 340 -7.04 -4.23 4.41
C ASN B 340 -6.36 -3.64 3.18
N VAL B 341 -6.04 -4.51 2.21
CA VAL B 341 -5.27 -4.06 1.05
C VAL B 341 -6.03 -2.99 0.27
N LYS B 342 -7.36 -3.17 0.13
CA LYS B 342 -8.15 -2.21 -0.63
C LYS B 342 -8.44 -0.93 0.14
N MET B 343 -8.24 -0.92 1.46
CA MET B 343 -8.43 0.27 2.28
C MET B 343 -7.29 0.36 3.28
N PRO B 344 -6.16 0.94 2.89
CA PRO B 344 -5.06 1.11 3.84
C PRO B 344 -5.35 2.25 4.81
N ASN B 345 -4.81 2.12 6.02
CA ASN B 345 -4.89 3.16 7.03
C ASN B 345 -6.34 3.54 7.33
N THR B 346 -7.16 2.52 7.57
CA THR B 346 -8.56 2.70 7.91
C THR B 346 -8.92 1.82 9.11
N PHE B 347 -9.78 2.35 9.98
CA PHE B 347 -10.27 1.61 11.14
C PHE B 347 -11.79 1.64 11.15
N MET B 348 -12.38 0.70 11.89
CA MET B 348 -13.81 0.46 11.84
C MET B 348 -14.32 0.15 13.24
N ALA B 349 -15.63 0.37 13.42
CA ALA B 349 -16.32 0.01 14.65
C ALA B 349 -17.56 -0.80 14.30
N VAL B 350 -17.68 -1.99 14.89
CA VAL B 350 -18.84 -2.86 14.68
C VAL B 350 -19.94 -2.44 15.64
N THR B 351 -21.15 -2.21 15.12
CA THR B 351 -22.23 -1.63 15.91
C THR B 351 -23.56 -2.38 15.73
N MET B 352 -23.53 -3.61 15.21
CA MET B 352 -24.79 -4.33 15.00
C MET B 352 -25.37 -4.84 16.31
N ASP B 353 -24.57 -4.97 17.36
CA ASP B 353 -25.05 -5.44 18.66
C ASP B 353 -25.54 -4.30 19.55
N LEU B 354 -25.45 -3.06 19.08
CA LEU B 354 -25.91 -1.90 19.85
C LEU B 354 -27.27 -1.43 19.36
N GLY B 355 -28.20 -2.37 19.21
CA GLY B 355 -29.50 -2.06 18.66
C GLY B 355 -30.43 -1.44 19.69
N ASP B 356 -31.27 -0.51 19.23
CA ASP B 356 -32.25 0.16 20.06
C ASP B 356 -33.63 -0.13 19.49
N ARG B 357 -34.40 -0.95 20.20
CA ARG B 357 -35.73 -1.34 19.74
C ARG B 357 -36.75 -0.23 19.95
N ASP B 358 -36.71 0.42 21.11
CA ASP B 358 -37.71 1.41 21.49
C ASP B 358 -37.22 2.84 21.30
N SER B 359 -36.28 3.06 20.40
CA SER B 359 -35.80 4.42 20.16
C SER B 359 -36.92 5.27 19.56
N PRO B 360 -37.05 6.54 19.97
CA PRO B 360 -38.14 7.36 19.44
C PRO B 360 -37.92 7.80 18.01
N PHE B 361 -36.70 7.68 17.49
CA PHE B 361 -36.41 8.08 16.11
C PHE B 361 -36.49 6.92 15.14
N GLY B 362 -36.43 5.69 15.63
CA GLY B 362 -36.52 4.50 14.79
C GLY B 362 -35.47 3.51 15.22
N SER B 363 -35.74 2.22 14.95
CA SER B 363 -34.75 1.19 15.23
C SER B 363 -33.44 1.46 14.50
N VAL B 364 -33.52 2.14 13.35
CA VAL B 364 -32.35 2.44 12.54
C VAL B 364 -31.47 3.51 13.16
N HIS B 365 -32.00 4.27 14.14
CA HIS B 365 -31.28 5.38 14.77
C HIS B 365 -31.07 5.09 16.25
N PRO B 366 -30.23 4.10 16.57
CA PRO B 366 -30.02 3.75 17.98
C PRO B 366 -29.39 4.90 18.75
N ARG B 367 -29.79 5.04 20.01
CA ARG B 367 -29.33 6.13 20.86
C ARG B 367 -28.01 5.84 21.55
N ASP B 368 -27.52 4.60 21.50
CA ASP B 368 -26.21 4.28 22.09
C ASP B 368 -25.15 4.65 21.07
N LYS B 369 -24.63 5.88 21.21
CA LYS B 369 -23.50 6.33 20.41
C LYS B 369 -22.20 6.38 21.22
N GLN B 370 -22.27 6.22 22.54
CA GLN B 370 -21.05 6.22 23.34
C GLN B 370 -20.20 4.98 23.04
N THR B 371 -20.84 3.81 22.93
CA THR B 371 -20.09 2.60 22.63
C THR B 371 -19.44 2.69 21.24
N VAL B 372 -20.16 3.29 20.29
CA VAL B 372 -19.60 3.47 18.95
C VAL B 372 -18.36 4.36 19.02
N ALA B 373 -18.45 5.46 19.77
CA ALA B 373 -17.30 6.34 19.92
C ALA B 373 -16.15 5.61 20.60
N TYR B 374 -16.44 4.75 21.57
CA TYR B 374 -15.38 3.99 22.23
C TYR B 374 -14.66 3.07 21.25
N ARG B 375 -15.42 2.33 20.45
CA ARG B 375 -14.81 1.38 19.52
C ARG B 375 -14.04 2.12 18.42
N LEU B 376 -14.58 3.23 17.92
CA LEU B 376 -13.85 4.05 16.97
C LEU B 376 -12.58 4.60 17.59
N HIS B 377 -12.64 4.95 18.88
CA HIS B 377 -11.46 5.48 19.56
C HIS B 377 -10.38 4.40 19.70
N LEU B 378 -10.79 3.16 19.95
CA LEU B 378 -9.85 2.05 19.89
C LEU B 378 -9.21 1.95 18.52
N GLY B 379 -10.02 1.92 17.47
CA GLY B 379 -9.49 1.83 16.12
C GLY B 379 -8.50 2.95 15.81
N ALA B 380 -8.84 4.17 16.22
CA ALA B 380 -7.98 5.31 15.95
C ALA B 380 -6.67 5.21 16.72
N ARG B 381 -6.73 4.84 18.00
CA ARG B 381 -5.51 4.70 18.78
C ARG B 381 -4.59 3.65 18.16
N ALA B 382 -5.16 2.53 17.71
CA ALA B 382 -4.32 1.47 17.17
C ALA B 382 -3.73 1.86 15.82
N VAL B 383 -4.59 2.28 14.88
CA VAL B 383 -4.14 2.47 13.51
C VAL B 383 -3.41 3.79 13.34
N VAL B 384 -3.85 4.84 14.03
CA VAL B 384 -3.40 6.20 13.76
C VAL B 384 -2.34 6.66 14.75
N TYR B 385 -2.62 6.53 16.05
CA TYR B 385 -1.79 7.11 17.09
C TYR B 385 -0.83 6.10 17.71
N GLY B 386 -0.36 5.13 16.91
CA GLY B 386 0.74 4.29 17.32
C GLY B 386 0.52 3.52 18.60
N GLU B 387 -0.73 3.21 18.92
CA GLU B 387 -1.04 2.36 20.08
C GLU B 387 -1.20 0.91 19.61
N LYS B 388 -0.14 0.42 18.98
CA LYS B 388 -0.12 -0.97 18.52
C LYS B 388 -0.32 -1.92 19.70
N ASN B 389 -0.59 -3.18 19.36
CA ASN B 389 -0.85 -4.22 20.35
C ASN B 389 -2.09 -3.90 21.18
N LEU B 390 -2.99 -3.10 20.65
CA LEU B 390 -4.28 -2.80 21.27
C LEU B 390 -5.37 -3.38 20.40
N ILE B 391 -6.20 -4.26 20.98
CA ILE B 391 -7.21 -5.00 20.23
C ILE B 391 -8.26 -4.00 19.77
N PHE B 392 -8.37 -3.80 18.46
CA PHE B 392 -9.39 -2.92 17.89
C PHE B 392 -10.26 -3.60 16.84
N GLN B 393 -9.93 -4.82 16.42
CA GLN B 393 -10.78 -5.62 15.56
C GLN B 393 -11.36 -6.78 16.35
N GLY B 394 -12.58 -7.19 15.98
CA GLY B 394 -13.25 -8.26 16.67
C GLY B 394 -12.76 -9.63 16.21
N PRO B 395 -13.03 -10.66 17.00
CA PRO B 395 -12.56 -12.01 16.64
C PRO B 395 -13.12 -12.46 15.30
N LEU B 396 -12.21 -12.71 14.35
CA LEU B 396 -12.59 -13.16 13.02
C LEU B 396 -11.92 -14.50 12.71
N PRO B 397 -12.63 -15.43 12.05
CA PRO B 397 -12.07 -16.77 11.83
C PRO B 397 -10.95 -16.74 10.79
N GLU B 398 -9.77 -17.20 11.21
CA GLU B 398 -8.67 -17.36 10.26
C GLU B 398 -8.80 -18.63 9.45
N LYS B 399 -9.39 -19.69 10.02
CA LYS B 399 -9.50 -20.97 9.33
C LYS B 399 -10.93 -21.49 9.38
N ILE B 400 -11.43 -21.95 8.24
CA ILE B 400 -12.69 -22.68 8.14
C ILE B 400 -12.40 -23.98 7.38
N GLU B 401 -12.79 -25.11 7.96
CA GLU B 401 -12.62 -26.40 7.32
C GLU B 401 -13.88 -27.23 7.54
N LEU B 402 -14.15 -28.13 6.61
CA LEU B 402 -15.37 -28.94 6.63
C LEU B 402 -15.02 -30.40 6.82
N LEU B 403 -15.63 -31.04 7.82
CA LEU B 403 -15.47 -32.46 8.06
C LEU B 403 -16.74 -33.14 7.55
N ALA B 404 -16.67 -33.68 6.34
CA ALA B 404 -17.85 -34.24 5.69
C ALA B 404 -18.29 -35.54 6.37
N ARG B 405 -17.34 -36.35 6.82
CA ARG B 405 -17.70 -37.60 7.48
C ARG B 405 -18.38 -37.33 8.82
N GLN B 406 -17.87 -36.36 9.58
CA GLN B 406 -18.48 -36.02 10.87
C GLN B 406 -19.70 -35.12 10.73
N GLU B 407 -19.97 -34.60 9.52
CA GLU B 407 -21.09 -33.69 9.29
C GLU B 407 -20.92 -32.38 10.04
N LEU B 408 -19.66 -31.90 10.12
CA LEU B 408 -19.37 -30.72 10.92
C LEU B 408 -18.54 -29.71 10.11
N ILE B 409 -18.37 -28.53 10.71
CA ILE B 409 -17.48 -27.50 10.17
C ILE B 409 -16.67 -26.94 11.33
N ASN B 410 -15.34 -27.05 11.24
CA ASN B 410 -14.45 -26.63 12.30
C ASN B 410 -13.87 -25.26 11.93
N ILE B 411 -14.08 -24.28 12.82
CA ILE B 411 -13.69 -22.90 12.56
C ILE B 411 -12.75 -22.47 13.68
N THR B 412 -11.63 -21.85 13.30
CA THR B 412 -10.63 -21.36 14.24
C THR B 412 -10.40 -19.87 14.01
N TYR B 413 -10.43 -19.11 15.11
CA TYR B 413 -10.36 -17.66 15.10
C TYR B 413 -8.95 -17.19 15.45
N HIS B 414 -8.59 -16.01 14.92
CA HIS B 414 -7.25 -15.48 15.15
C HIS B 414 -7.06 -15.09 16.62
N GLN B 415 -8.09 -14.52 17.24
CA GLN B 415 -8.06 -14.17 18.65
C GLN B 415 -8.95 -15.14 19.43
N GLN B 416 -8.65 -15.28 20.72
CA GLN B 416 -9.49 -16.09 21.59
C GLN B 416 -10.92 -15.55 21.59
N ILE B 417 -11.87 -16.47 21.73
CA ILE B 417 -13.28 -16.12 21.70
C ILE B 417 -13.91 -16.50 23.03
N GLN B 418 -15.03 -15.84 23.32
CA GLN B 418 -15.78 -16.04 24.55
C GLN B 418 -17.25 -16.07 24.16
N LEU B 419 -17.97 -17.08 24.65
CA LEU B 419 -19.34 -17.32 24.22
C LEU B 419 -20.30 -16.56 25.11
N GLN B 420 -21.07 -15.64 24.55
CA GLN B 420 -22.06 -14.94 25.35
C GLN B 420 -23.44 -15.57 25.27
N ARG B 421 -23.77 -16.24 24.17
CA ARG B 421 -25.04 -16.92 24.04
C ARG B 421 -24.96 -17.89 22.87
N GLN B 422 -25.72 -18.97 22.95
CA GLN B 422 -25.89 -19.86 21.81
C GLN B 422 -27.12 -19.43 21.03
N ASP B 423 -26.98 -19.39 19.70
CA ASP B 423 -28.08 -19.03 18.81
C ASP B 423 -28.09 -20.03 17.66
N ASN B 424 -29.05 -20.95 17.68
CA ASN B 424 -29.12 -21.96 16.62
C ASN B 424 -29.22 -21.32 15.25
N LYS B 425 -29.83 -20.14 15.15
CA LYS B 425 -30.19 -19.56 13.87
C LYS B 425 -29.21 -18.52 13.36
N ILE B 426 -28.19 -18.15 14.13
CA ILE B 426 -27.32 -17.05 13.71
C ILE B 426 -26.34 -17.51 12.62
N PHE B 427 -25.82 -18.74 12.74
CA PHE B 427 -24.95 -19.29 11.71
C PHE B 427 -25.81 -19.92 10.63
N GLN B 428 -25.53 -19.58 9.38
CA GLN B 428 -26.29 -20.11 8.24
C GLN B 428 -25.33 -20.67 7.21
N ILE B 429 -25.71 -21.80 6.60
CA ILE B 429 -24.90 -22.42 5.57
C ILE B 429 -25.77 -22.68 4.33
N SER B 430 -25.13 -22.70 3.18
CA SER B 430 -25.82 -22.78 1.89
C SER B 430 -25.86 -24.22 1.39
N CYS B 431 -27.04 -24.65 0.95
CA CYS B 431 -27.29 -26.04 0.54
C CYS B 431 -27.54 -26.07 -0.96
N CYS B 432 -26.52 -26.44 -1.73
CA CYS B 432 -26.60 -26.47 -3.20
C CYS B 432 -26.82 -27.91 -3.64
N SER B 433 -28.09 -28.29 -3.77
CA SER B 433 -28.50 -29.59 -4.29
C SER B 433 -29.15 -29.38 -5.65
N ASN B 434 -28.86 -30.28 -6.59
CA ASN B 434 -29.12 -30.04 -8.01
C ASN B 434 -28.47 -28.74 -8.47
N HIS B 435 -27.40 -28.34 -7.77
CA HIS B 435 -26.68 -27.11 -8.03
C HIS B 435 -27.54 -25.88 -7.77
N GLN B 436 -28.53 -26.01 -6.89
CA GLN B 436 -29.42 -24.90 -6.51
C GLN B 436 -29.31 -24.70 -5.01
N CYS B 437 -28.79 -23.54 -4.61
CA CYS B 437 -28.39 -23.31 -3.23
C CYS B 437 -29.56 -22.81 -2.38
N LYS B 438 -29.37 -22.93 -1.06
CA LYS B 438 -30.41 -22.58 -0.09
C LYS B 438 -29.73 -22.31 1.24
N TRP B 439 -30.07 -21.18 1.86
CA TRP B 439 -29.49 -20.80 3.15
C TRP B 439 -30.33 -21.39 4.29
N LEU B 440 -29.67 -22.13 5.17
CA LEU B 440 -30.33 -22.82 6.26
C LEU B 440 -29.59 -22.59 7.57
N PRO B 441 -30.30 -22.53 8.69
CA PRO B 441 -29.63 -22.36 9.98
C PRO B 441 -28.71 -23.53 10.30
N ALA B 442 -27.52 -23.21 10.79
CA ALA B 442 -26.54 -24.21 11.23
C ALA B 442 -26.26 -24.03 12.71
N PRO B 443 -26.63 -24.97 13.59
CA PRO B 443 -26.42 -24.75 15.02
C PRO B 443 -24.98 -25.02 15.44
N MET B 444 -24.50 -24.20 16.36
CA MET B 444 -23.19 -24.43 16.97
C MET B 444 -23.24 -25.69 17.84
N SER B 445 -22.20 -26.52 17.73
CA SER B 445 -22.12 -27.77 18.47
C SER B 445 -21.11 -27.70 19.61
N THR B 446 -19.85 -27.39 19.30
CA THR B 446 -18.80 -27.34 20.31
C THR B 446 -18.11 -25.99 20.25
N PHE B 447 -17.65 -25.53 21.40
CA PHE B 447 -16.99 -24.24 21.53
C PHE B 447 -15.69 -24.41 22.29
N SER B 448 -14.72 -23.54 21.99
CA SER B 448 -13.43 -23.57 22.68
C SER B 448 -12.86 -22.17 22.72
N THR B 449 -11.75 -22.03 23.45
CA THR B 449 -11.16 -20.71 23.65
C THR B 449 -10.85 -20.03 22.32
N ARG B 450 -10.47 -20.79 21.30
CA ARG B 450 -10.09 -20.24 20.01
C ARG B 450 -10.79 -20.88 18.82
N THR B 451 -11.63 -21.90 19.03
CA THR B 451 -12.26 -22.62 17.93
C THR B 451 -13.66 -23.03 18.34
N LEU B 452 -14.51 -23.22 17.32
CA LEU B 452 -15.85 -23.74 17.52
C LEU B 452 -16.23 -24.63 16.34
N THR B 453 -17.12 -25.59 16.59
CA THR B 453 -17.53 -26.55 15.58
C THR B 453 -19.03 -26.41 15.33
N LEU B 454 -19.38 -26.13 14.08
CA LEU B 454 -20.73 -26.00 13.57
C LEU B 454 -21.23 -27.34 13.05
N ASN B 455 -22.55 -27.45 12.89
CA ASN B 455 -23.19 -28.70 12.50
C ASN B 455 -23.84 -28.56 11.13
N THR B 456 -23.71 -29.63 10.33
CA THR B 456 -24.19 -29.66 8.95
C THR B 456 -25.43 -30.53 8.77
N LYS B 457 -25.90 -31.16 9.84
CA LYS B 457 -26.95 -32.18 9.70
C LYS B 457 -28.13 -31.76 8.84
N PRO B 458 -28.64 -30.52 8.89
CA PRO B 458 -29.85 -30.19 8.13
C PRO B 458 -29.65 -30.15 6.63
N CYS B 459 -28.42 -30.11 6.13
CA CYS B 459 -28.15 -29.91 4.71
C CYS B 459 -27.55 -31.15 4.05
N ARG B 460 -27.52 -32.29 4.72
CA ARG B 460 -26.89 -33.49 4.17
C ARG B 460 -25.43 -33.14 3.91
N ASP B 461 -24.90 -33.32 2.69
CA ASP B 461 -23.49 -33.09 2.42
C ASP B 461 -23.20 -31.99 1.41
N SER B 462 -24.21 -31.43 0.75
CA SER B 462 -23.97 -30.39 -0.27
C SER B 462 -23.84 -29.03 0.42
N VAL B 463 -22.67 -28.80 1.02
CA VAL B 463 -22.34 -27.53 1.67
C VAL B 463 -21.48 -26.72 0.74
N ALA B 464 -21.72 -25.42 0.68
CA ALA B 464 -20.93 -24.53 -0.17
C ALA B 464 -20.37 -23.32 0.57
N ALA B 465 -21.12 -22.74 1.51
CA ALA B 465 -20.69 -21.51 2.15
C ALA B 465 -21.32 -21.40 3.53
N VAL B 466 -20.66 -20.63 4.39
CA VAL B 466 -21.12 -20.34 5.74
C VAL B 466 -21.17 -18.82 5.91
N ARG B 467 -22.00 -18.38 6.85
CA ARG B 467 -22.09 -16.96 7.16
C ARG B 467 -22.59 -16.79 8.58
N TYR B 468 -22.17 -15.69 9.20
CA TYR B 468 -22.42 -15.43 10.62
C TYR B 468 -22.87 -13.99 10.79
N ALA B 469 -24.04 -13.83 11.43
CA ALA B 469 -24.59 -12.53 11.81
C ALA B 469 -25.09 -11.75 10.60
N TRP B 470 -25.67 -12.45 9.64
CA TRP B 470 -26.13 -11.85 8.38
C TRP B 470 -27.61 -11.48 8.44
N ASP B 471 -28.01 -10.76 9.48
CA ASP B 471 -29.37 -10.26 9.61
C ASP B 471 -29.34 -8.77 9.91
N SER B 472 -30.35 -8.05 9.42
CA SER B 472 -30.42 -6.61 9.68
C SER B 472 -30.48 -6.33 11.17
N TRP B 473 -31.25 -7.12 11.92
CA TRP B 473 -31.29 -7.07 13.38
C TRP B 473 -30.78 -8.42 13.87
N PRO B 474 -29.45 -8.59 13.97
CA PRO B 474 -28.91 -9.92 14.32
C PRO B 474 -29.15 -10.33 15.77
N CYS B 475 -29.00 -9.41 16.72
CA CYS B 475 -29.07 -9.78 18.13
C CYS B 475 -29.66 -8.61 18.90
N GLU B 476 -29.99 -8.88 20.16
CA GLU B 476 -30.48 -7.84 21.05
C GLU B 476 -29.29 -7.07 21.64
N TYR B 477 -29.59 -5.96 22.30
CA TYR B 477 -28.55 -5.01 22.67
C TYR B 477 -27.42 -5.67 23.45
N LYS B 478 -26.19 -5.53 22.92
CA LYS B 478 -24.99 -6.07 23.55
C LYS B 478 -25.19 -7.53 23.96
N GLN B 479 -25.86 -8.30 23.09
CA GLN B 479 -26.22 -9.67 23.39
C GLN B 479 -25.98 -10.60 22.20
N CYS B 480 -24.93 -10.32 21.42
CA CYS B 480 -24.58 -11.19 20.30
C CYS B 480 -23.81 -12.41 20.81
N PRO B 481 -23.80 -13.51 20.04
CA PRO B 481 -23.21 -14.75 20.58
C PRO B 481 -21.71 -14.69 20.86
N ILE B 482 -20.89 -14.29 19.90
CA ILE B 482 -19.44 -14.42 20.02
C ILE B 482 -18.84 -13.07 20.38
N TYR B 483 -17.94 -13.08 21.36
CA TYR B 483 -17.33 -11.86 21.87
C TYR B 483 -15.89 -12.17 22.25
N HIS B 484 -15.07 -11.13 22.26
CA HIS B 484 -13.74 -11.26 22.83
C HIS B 484 -13.83 -11.03 24.34
N PRO B 485 -13.21 -11.89 25.16
CA PRO B 485 -13.32 -11.69 26.61
C PRO B 485 -12.61 -10.44 27.09
N SER B 486 -11.44 -10.13 26.52
CA SER B 486 -10.65 -9.00 27.01
C SER B 486 -11.18 -7.68 26.47
N SER B 487 -11.32 -7.57 25.15
CA SER B 487 -11.56 -6.28 24.50
C SER B 487 -13.03 -5.88 24.47
N THR B 488 -13.94 -6.77 24.86
CA THR B 488 -15.38 -6.47 24.81
C THR B 488 -15.80 -6.05 23.40
N LEU B 489 -15.14 -6.62 22.40
CA LEU B 489 -15.47 -6.37 21.00
C LEU B 489 -16.23 -7.57 20.41
N PRO B 490 -17.30 -7.34 19.66
CA PRO B 490 -18.06 -8.48 19.13
C PRO B 490 -17.40 -9.08 17.90
N ALA B 491 -17.67 -10.37 17.69
CA ALA B 491 -17.22 -11.01 16.47
C ALA B 491 -17.95 -10.37 15.29
N PRO B 492 -17.24 -9.74 14.36
CA PRO B 492 -17.92 -9.04 13.26
C PRO B 492 -18.61 -10.03 12.34
N PRO B 493 -19.64 -9.59 11.61
CA PRO B 493 -20.34 -10.50 10.70
C PRO B 493 -19.46 -10.86 9.52
N PHE B 494 -19.74 -12.01 8.92
CA PHE B 494 -18.92 -12.40 7.78
C PHE B 494 -19.61 -13.48 6.96
N VAL B 495 -19.08 -13.68 5.76
CA VAL B 495 -19.44 -14.79 4.87
C VAL B 495 -18.14 -15.42 4.39
N ALA B 496 -18.13 -16.75 4.30
CA ALA B 496 -16.99 -17.51 3.83
C ALA B 496 -17.46 -18.60 2.89
N PHE B 497 -16.61 -18.97 1.95
CA PHE B 497 -16.91 -19.99 0.96
C PHE B 497 -16.00 -21.19 1.15
N ILE B 498 -16.49 -22.35 0.73
CA ILE B 498 -15.74 -23.59 0.87
C ILE B 498 -15.29 -24.09 -0.50
C1 NAG C . 36.65 -2.45 -20.21
C2 NAG C . 36.38 -0.94 -20.14
C3 NAG C . 37.38 -0.24 -19.22
C4 NAG C . 37.54 -0.95 -17.89
C5 NAG C . 37.79 -2.44 -18.11
C6 NAG C . 37.84 -3.23 -16.82
C7 NAG C . 35.41 -0.38 -22.33
C8 NAG C . 35.66 0.29 -23.66
N2 NAG C . 36.42 -0.36 -21.46
O3 NAG C . 36.94 1.09 -19.00
O4 NAG C . 38.66 -0.40 -17.21
O5 NAG C . 36.73 -2.98 -18.89
O6 NAG C . 36.70 -2.97 -16.00
O7 NAG C . 34.34 -0.92 -22.07
H2 NAG C . 35.49 -0.82 -19.75
H3 NAG C . 38.25 -0.24 -19.68
H4 NAG C . 36.73 -0.84 -17.36
H5 NAG C . 38.64 -2.55 -18.58
H61 NAG C . 38.65 -2.99 -16.33
H62 NAG C . 37.87 -4.18 -17.03
H81 NAG C . 34.89 0.16 -24.24
H82 NAG C . 36.46 -0.09 -24.07
H83 NAG C . 35.79 1.25 -23.51
HN2 NAG C . 37.19 0.06 -21.72
HO3 NAG C . 36.94 1.26 -18.12
HO6 NAG C . 36.20 -3.69 -15.96
C1 NAG C . 38.32 0.08 -15.90
C2 NAG C . 39.60 0.72 -15.40
C3 NAG C . 39.40 1.20 -13.97
C4 NAG C . 38.19 2.14 -13.91
C5 NAG C . 36.96 1.50 -14.55
C6 NAG C . 35.81 2.46 -14.69
C7 NAG C . 40.71 -1.45 -15.05
C8 NAG C . 41.96 -2.24 -15.27
N2 NAG C . 40.73 -0.18 -15.49
O3 NAG C . 40.56 1.87 -13.51
O4 NAG C . 37.88 2.46 -12.56
O5 NAG C . 37.26 1.05 -15.89
O6 NAG C . 36.12 3.54 -15.59
O7 NAG C . 39.72 -1.92 -14.50
H2 NAG C . 39.80 1.51 -15.95
H3 NAG C . 39.23 0.43 -13.39
H4 NAG C . 38.42 2.95 -14.39
H5 NAG C . 36.69 0.73 -14.02
H61 NAG C . 35.59 2.84 -13.81
H62 NAG C . 35.03 1.99 -15.03
H81 NAG C . 42.74 -1.66 -15.13
H82 NAG C . 41.97 -2.58 -16.18
H83 NAG C . 41.99 -2.98 -14.64
HN2 NAG C . 41.49 0.12 -15.89
HO3 NAG C . 40.50 1.99 -12.63
HO6 NAG C . 35.55 4.20 -15.46
C1 BMA C . 38.16 3.85 -12.33
C2 BMA C . 37.16 4.38 -11.30
C3 BMA C . 37.50 5.80 -10.93
C4 BMA C . 38.95 5.90 -10.46
C5 BMA C . 39.93 5.31 -11.51
C6 BMA C . 41.35 5.16 -10.97
O2 BMA C . 37.21 3.61 -10.11
O3 BMA C . 36.65 6.23 -9.88
O4 BMA C . 39.27 7.25 -10.22
O5 BMA C . 39.51 3.98 -11.90
O6 BMA C . 41.66 3.76 -10.95
H2 BMA C . 36.15 4.32 -11.74
H3 BMA C . 37.35 6.49 -11.78
H4 BMA C . 39.06 5.27 -9.57
H5 BMA C . 39.92 5.98 -12.39
H61 BMA C . 41.38 5.60 -9.97
H62 BMA C . 42.04 5.72 -11.63
HO2 BMA C . 36.65 2.85 -10.25
HO4 BMA C . 38.68 7.54 -9.50
C1 MAN C . 35.85 7.45 -10.00
C2 MAN C . 34.48 7.00 -9.35
C3 MAN C . 33.29 7.52 -10.09
C4 MAN C . 33.55 8.94 -10.55
C5 MAN C . 34.58 8.91 -11.67
C6 MAN C . 35.11 10.32 -11.99
O2 MAN C . 34.37 7.51 -8.01
O3 MAN C . 32.11 7.46 -9.31
O4 MAN C . 32.34 9.52 -11.03
O5 MAN C . 35.73 8.03 -11.34
O6 MAN C . 35.78 10.29 -13.25
H2 MAN C . 34.45 5.90 -9.37
H3 MAN C . 33.10 6.90 -10.97
H4 MAN C . 33.95 9.52 -9.70
H5 MAN C . 34.10 8.48 -12.57
H61 MAN C . 35.79 10.61 -11.18
H62 MAN C . 34.25 11.00 -12.01
HO2 MAN C . 35.23 7.48 -7.59
HO3 MAN C . 32.13 6.59 -8.89
HO4 MAN C . 31.69 9.39 -10.32
HO6 MAN C . 35.10 10.22 -13.94
C1 MAN C . 43.10 3.57 -10.90
C2 MAN C . 43.40 2.05 -11.09
C3 MAN C . 43.06 1.27 -9.82
C4 MAN C . 43.68 1.93 -8.58
C5 MAN C . 43.19 3.38 -8.49
C6 MAN C . 43.72 4.12 -7.27
O2 MAN C . 44.79 1.82 -11.34
O3 MAN C . 43.47 -0.10 -9.91
O4 MAN C . 43.31 1.22 -7.40
O5 MAN C . 43.64 4.07 -9.68
O6 MAN C . 43.19 5.44 -7.27
H2 MAN C . 42.78 1.69 -11.92
H3 MAN C . 41.97 1.25 -9.69
H4 MAN C . 44.78 1.93 -8.69
H5 MAN C . 42.10 3.39 -8.43
H61 MAN C . 44.83 4.13 -7.32
H62 MAN C . 43.43 3.56 -6.37
HO2 MAN C . 45.12 2.51 -11.92
HO3 MAN C . 43.14 -0.42 -10.77
HO4 MAN C . 43.48 0.29 -7.59
HO6 MAN C . 43.19 5.75 -8.19
C1 NAG D . 28.86 -19.63 -26.12
C2 NAG D . 29.90 -20.52 -26.84
C3 NAG D . 30.21 -20.00 -28.25
C4 NAG D . 28.94 -19.73 -29.03
C5 NAG D . 28.05 -18.79 -28.23
C6 NAG D . 26.73 -18.51 -28.90
C7 NAG D . 31.40 -21.59 -25.20
C8 NAG D . 32.72 -21.51 -24.51
N2 NAG D . 31.13 -20.61 -26.07
O3 NAG D . 31.01 -20.96 -28.93
O4 NAG D . 29.23 -19.15 -30.30
O5 NAG D . 27.74 -19.40 -26.98
O6 NAG D . 26.19 -19.70 -29.46
O7 NAG D . 30.61 -22.51 -24.99
H2 NAG D . 29.51 -21.42 -26.93
H3 NAG D . 30.71 -19.16 -28.16
H4 NAG D . 28.46 -20.57 -29.20
H5 NAG D . 28.51 -17.94 -28.09
H61 NAG D . 26.85 -17.86 -29.62
H62 NAG D . 26.10 -18.15 -28.25
H81 NAG D . 32.85 -22.29 -23.95
H82 NAG D . 32.75 -20.71 -23.95
H83 NAG D . 33.45 -21.47 -25.17
HN2 NAG D . 31.75 -19.96 -26.18
HO3 NAG D . 30.49 -21.61 -29.25
C1 NAG D . 29.31 -20.22 -31.27
C2 NAG D . 28.93 -19.70 -32.67
C3 NAG D . 29.04 -20.82 -33.70
C4 NAG D . 30.38 -21.55 -33.60
C5 NAG D . 30.72 -21.91 -32.15
C6 NAG D . 32.12 -22.46 -31.99
C7 NAG D . 27.32 -17.84 -32.72
C8 NAG D . 25.87 -17.47 -32.73
N2 NAG D . 27.58 -19.15 -32.67
O3 NAG D . 28.89 -20.28 -35.01
O4 NAG D . 30.27 -22.78 -34.32
O5 NAG D . 30.63 -20.76 -31.31
O6 NAG D . 33.08 -21.41 -31.89
O7 NAG D . 28.21 -17.00 -32.76
H2 NAG D . 29.55 -18.99 -32.92
H3 NAG D . 28.33 -21.47 -33.52
H4 NAG D . 31.08 -20.97 -33.96
H5 NAG D . 30.08 -22.58 -31.84
H61 NAG D . 32.34 -23.02 -32.76
H62 NAG D . 32.16 -23.00 -31.19
H81 NAG D . 25.42 -17.89 -31.96
H82 NAG D . 25.46 -17.78 -33.55
H83 NAG D . 25.79 -16.50 -32.67
HN2 NAG D . 26.88 -19.73 -32.64
HO3 NAG D . 28.53 -20.89 -35.55
HO6 NAG D . 33.89 -21.75 -31.95
C1 BMA D . 30.99 -22.84 -35.57
C2 BMA D . 30.56 -24.17 -36.22
C3 BMA D . 31.11 -24.31 -37.64
C4 BMA D . 30.82 -23.05 -38.45
C5 BMA D . 31.41 -21.83 -37.73
C6 BMA D . 31.22 -20.54 -38.50
O2 BMA D . 29.14 -24.23 -36.33
O3 BMA D . 30.59 -25.46 -38.29
O4 BMA D . 31.38 -23.16 -39.75
O5 BMA D . 30.76 -21.72 -36.43
O6 BMA D . 32.49 -20.07 -38.92
C1 FUC D . 24.76 -19.75 -29.31
C2 FUC D . 24.36 -21.07 -29.97
C3 FUC D . 24.90 -22.26 -29.15
C4 FUC D . 24.39 -22.17 -27.71
C5 FUC D . 24.75 -20.81 -27.10
C6 FUC D . 24.07 -20.58 -25.76
O2 FUC D . 24.82 -21.14 -31.32
O3 FUC D . 24.44 -23.49 -29.69
O4 FUC D . 22.98 -22.34 -27.70
O5 FUC D . 24.35 -19.71 -27.95
H2 FUC D . 23.27 -21.15 -29.99
H3 FUC D . 26.00 -22.21 -29.15
H4 FUC D . 24.89 -22.95 -27.11
H5 FUC D . 25.85 -20.78 -27.00
H61 FUC D . 24.66 -19.87 -25.17
H62 FUC D . 23.99 -21.52 -25.21
H63 FUC D . 23.07 -20.17 -25.91
HO2 FUC D . 25.79 -21.10 -31.27
HO3 FUC D . 23.67 -23.75 -29.17
HO4 FUC D . 22.79 -22.71 -26.82
C1 NAG E . 14.25 -21.05 7.90
C2 NAG E . 13.91 -22.20 8.81
C3 NAG E . 12.79 -23.01 8.18
C4 NAG E . 11.62 -22.11 7.76
C5 NAG E . 12.07 -20.80 7.11
C6 NAG E . 10.96 -19.76 7.08
C7 NAG E . 15.68 -23.05 10.28
C8 NAG E . 16.85 -23.98 10.40
N2 NAG E . 15.06 -23.03 9.09
O3 NAG E . 12.33 -23.99 9.10
O4 NAG E . 10.85 -22.79 6.77
O5 NAG E . 13.16 -20.19 7.80
O6 NAG E . 9.76 -20.29 6.56
O7 NAG E . 15.29 -22.37 11.22
H2 NAG E . 13.59 -21.83 9.67
H3 NAG E . 13.15 -23.45 7.39
H4 NAG E . 11.13 -21.91 8.58
H5 NAG E . 12.36 -21.00 6.20
H61 NAG E . 11.25 -19.01 6.54
H62 NAG E . 10.80 -19.45 8.00
H81 NAG E . 17.11 -24.06 11.33
H82 NAG E . 17.60 -23.61 9.89
H83 NAG E . 16.62 -24.84 10.04
HN2 NAG E . 15.39 -23.55 8.42
HO3 NAG E . 12.13 -24.74 8.66
HO6 NAG E . 9.76 -20.20 5.68
C1 NAG E . 9.78 -23.53 7.34
C2 NAG E . 8.53 -23.31 6.48
C3 NAG E . 7.37 -24.12 7.02
C4 NAG E . 7.76 -25.60 7.13
C5 NAG E . 9.07 -25.76 7.91
C6 NAG E . 9.60 -27.18 7.86
C7 NAG E . 7.31 -21.42 5.52
C8 NAG E . 7.03 -19.95 5.61
N2 NAG E . 8.18 -21.90 6.42
O3 NAG E . 6.25 -23.98 6.17
O4 NAG E . 6.70 -26.21 7.85
O5 NAG E . 10.09 -24.92 7.36
O6 NAG E . 9.61 -27.79 9.14
O7 NAG E . 6.80 -22.14 4.68
H2 NAG E . 8.75 -23.61 5.58
H3 NAG E . 7.15 -23.79 7.90
H4 NAG E . 7.89 -26.00 6.25
H5 NAG E . 8.90 -25.51 8.84
H61 NAG E . 10.52 -27.16 7.50
H62 NAG E . 9.04 -27.71 7.25
H81 NAG E . 7.69 -19.46 5.09
H82 NAG E . 7.07 -19.67 6.54
H83 NAG E . 6.14 -19.77 5.25
HN2 NAG E . 8.55 -21.33 7.02
HO3 NAG E . 5.56 -24.43 6.50
HO6 NAG E . 9.95 -28.60 9.07
C1 BMA E . 6.30 -27.47 7.33
C2 BMA E . 6.13 -28.21 8.62
C3 BMA E . 5.44 -29.52 8.39
C4 BMA E . 4.14 -29.33 7.61
C5 BMA E . 4.52 -28.69 6.27
C6 BMA E . 3.34 -28.57 5.30
O2 BMA E . 5.32 -27.46 9.51
O3 BMA E . 5.25 -30.24 9.61
O4 BMA E . 3.49 -30.57 7.40
O5 BMA E . 5.09 -27.39 6.58
O6 BMA E . 2.58 -27.41 5.59
H2 BMA E . 7.13 -28.40 9.05
H3 BMA E . 6.07 -30.19 7.78
H4 BMA E . 3.47 -28.66 8.16
H5 BMA E . 5.28 -29.30 5.74
H61 BMA E . 2.74 -29.49 5.38
H62 BMA E . 3.76 -28.53 4.28
HO2 BMA E . 5.61 -26.53 9.43
HO4 BMA E . 2.89 -30.66 8.17
C1 MAN E . 5.51 -31.64 9.36
C2 MAN E . 5.30 -32.40 10.74
C3 MAN E . 6.59 -33.02 11.30
C4 MAN E . 7.43 -33.60 10.18
C5 MAN E . 7.92 -32.43 9.35
C6 MAN E . 8.86 -32.84 8.22
O2 MAN E . 4.38 -33.47 10.59
O3 MAN E . 6.32 -34.01 12.29
O4 MAN E . 8.53 -34.33 10.70
O5 MAN E . 6.81 -31.82 8.70
O6 MAN E . 10.08 -32.11 8.34
H2 MAN E . 4.95 -31.66 11.47
H3 MAN E . 7.16 -32.24 11.80
H4 MAN E . 6.81 -34.27 9.56
H5 MAN E . 8.45 -31.74 10.02
H61 MAN E . 8.36 -32.62 7.26
H62 MAN E . 9.04 -33.92 8.28
HO2 MAN E . 3.66 -33.19 10.01
HO3 MAN E . 5.56 -33.68 12.80
HO4 MAN E . 8.14 -35.14 11.06
HO6 MAN E . 10.22 -31.62 7.52
C1 MAN E . 1.43 -27.35 4.71
C2 MAN E . 0.51 -26.20 5.22
C3 MAN E . -0.13 -26.60 6.55
C4 MAN E . -0.83 -27.96 6.43
C5 MAN E . 0.16 -29.03 5.93
C6 MAN E . -0.51 -30.38 5.69
O2 MAN E . -0.57 -25.94 4.32
O3 MAN E . -1.03 -25.61 7.01
O4 MAN E . -1.35 -28.35 7.70
O5 MAN E . 0.74 -28.60 4.68
O6 MAN E . 0.10 -30.99 4.56
H2 MAN E . 1.11 -25.30 5.35
H3 MAN E . 0.65 -26.70 7.31
H4 MAN E . -1.64 -27.87 5.68
H5 MAN E . 0.94 -29.16 6.68
H61 MAN E . -1.59 -30.21 5.52
H62 MAN E . -0.39 -31.00 6.59
HO2 MAN E . -0.23 -25.90 3.42
HO3 MAN E . -0.58 -24.76 6.86
HO4 MAN E . -2.03 -27.69 7.91
HO6 MAN E . 1.04 -30.77 4.58
C1 NAG F . -2.92 -4.96 -13.96
C2 NAG F . -4.20 -4.31 -13.44
C3 NAG F . -5.40 -4.93 -14.15
C4 NAG F . -5.23 -4.83 -15.66
C5 NAG F . -3.87 -5.35 -16.11
C6 NAG F . -3.57 -5.06 -17.56
C7 NAG F . -3.75 -3.61 -11.13
C8 NAG F . -3.97 -3.90 -9.68
N2 NAG F . -4.32 -4.46 -12.00
O3 NAG F . -6.59 -4.27 -13.74
O4 NAG F . -6.27 -5.60 -16.29
O5 NAG F . -2.81 -4.74 -15.35
O6 NAG F . -3.18 -3.70 -17.74
O7 NAG F . -3.08 -2.66 -11.50
H2 NAG F . -4.17 -3.37 -13.65
H3 NAG F . -5.46 -5.88 -13.90
H4 NAG F . -5.31 -3.90 -15.92
H5 NAG F . -3.85 -6.32 -15.96
H61 NAG F . -4.37 -5.23 -18.10
H62 NAG F . -2.85 -5.64 -17.87
H81 NAG F . -3.52 -4.73 -9.44
H82 NAG F . -4.94 -4.00 -9.51
H83 NAG F . -3.63 -3.17 -9.14
HN2 NAG F . -4.80 -5.16 -11.66
HO3 NAG F . -7.29 -4.64 -14.16
HO6 NAG F . -3.00 -3.55 -18.60
C1 NAG F . -7.07 -4.84 -17.22
C2 NAG F . -8.41 -5.56 -17.44
C3 NAG F . -9.29 -4.77 -18.40
C4 NAG F . -9.43 -3.31 -17.97
C5 NAG F . -8.05 -2.70 -17.68
C6 NAG F . -8.14 -1.31 -17.09
C7 NAG F . -7.79 -7.24 -19.14
C8 NAG F . -7.67 -8.71 -19.43
N2 NAG F . -8.22 -6.92 -17.91
O3 NAG F . -10.58 -5.37 -18.46
O4 NAG F . -10.00 -2.56 -19.03
O5 NAG F . -7.32 -3.50 -16.75
O6 NAG F . -8.51 -1.36 -15.72
O7 NAG F . -7.49 -6.38 -19.96
H2 NAG F . -8.86 -5.60 -16.58
H3 NAG F . -8.88 -4.79 -19.29
H4 NAG F . -9.98 -3.28 -17.17
H5 NAG F . -7.55 -2.67 -18.53
H61 NAG F . -8.80 -0.79 -17.59
H62 NAG F . -7.27 -0.88 -17.17
H81 NAG F . -8.55 -9.12 -19.33
H82 NAG F . -7.03 -9.11 -18.82
H83 NAG F . -7.36 -8.82 -20.35
HN2 NAG F . -8.41 -7.61 -17.33
HO3 NAG F . -10.91 -5.30 -19.28
HO6 NAG F . -8.76 -0.56 -15.46
C1 BMA F . -11.43 -2.51 -19.08
C2 BMA F . -11.76 -1.04 -19.25
C3 BMA F . -13.26 -0.84 -19.44
C4 BMA F . -13.79 -1.74 -20.55
C5 BMA F . -13.36 -3.21 -20.32
C6 BMA F . -13.76 -4.11 -21.49
O2 BMA F . -11.14 -0.52 -20.42
O3 BMA F . -13.49 0.54 -19.74
O4 BMA F . -15.21 -1.67 -20.60
O5 BMA F . -11.92 -3.25 -20.17
O6 BMA F . -12.82 -5.16 -21.63
H2 BMA F . -11.42 -0.51 -18.35
H3 BMA F . -13.83 -1.08 -18.53
H4 BMA F . -13.34 -1.41 -21.50
H5 BMA F . -13.82 -3.60 -19.40
H61 BMA F . -13.80 -3.48 -22.40
H62 BMA F . -14.77 -4.49 -21.29
HO2 BMA F . -10.22 -0.81 -20.39
HO4 BMA F . -15.41 -0.97 -21.23
C1 MAN F . -14.75 1.07 -19.30
C2 MAN F . -15.22 2.00 -20.42
C3 MAN F . -14.22 3.14 -20.57
C4 MAN F . -14.03 3.86 -19.23
C5 MAN F . -13.63 2.84 -18.14
C6 MAN F . -13.56 3.46 -16.75
O2 MAN F . -16.47 2.65 -20.09
O3 MAN F . -14.58 4.06 -21.60
O4 MAN F . -13.01 4.85 -19.35
O5 MAN F . -14.61 1.77 -18.10
O6 MAN F . -12.92 4.73 -16.86
H2 MAN F . -15.35 1.43 -21.35
H3 MAN F . -13.25 2.72 -20.89
H4 MAN F . -15.00 4.31 -18.95
H5 MAN F . -12.65 2.43 -18.38
H61 MAN F . -12.98 2.78 -16.09
H62 MAN F . -14.58 3.56 -16.35
HO2 MAN F . -17.11 1.98 -19.82
HO3 MAN F . -14.47 3.56 -22.43
HO4 MAN F . -13.33 5.47 -20.02
HO6 MAN F . -12.24 4.65 -17.55
C1 MAN F . -13.05 -5.81 -22.91
C2 MAN F . -12.73 -7.33 -22.78
C3 MAN F . -11.21 -7.55 -22.70
C4 MAN F . -10.51 -6.84 -23.86
C5 MAN F . -10.86 -5.34 -23.85
C6 MAN F . -10.23 -4.58 -25.01
O2 MAN F . -13.17 -8.07 -23.92
O3 MAN F . -10.86 -8.93 -22.68
O4 MAN F . -9.10 -7.00 -23.75
O5 MAN F . -12.29 -5.19 -23.95
O6 MAN F . -11.26 -3.87 -25.69
H2 MAN F . -13.20 -7.72 -21.86
H3 MAN F . -10.84 -7.12 -21.76
H4 MAN F . -10.87 -7.27 -24.81
H5 MAN F . -10.51 -4.91 -22.90
H61 MAN F . -9.74 -5.30 -25.67
H62 MAN F . -9.47 -3.89 -24.61
HO2 MAN F . -14.04 -7.75 -24.19
HO3 MAN F . -11.42 -9.32 -21.99
HO4 MAN F . -8.95 -7.95 -23.84
HO6 MAN F . -11.67 -3.26 -25.06
C1 NAG G . 2.41 23.80 -22.21
C2 NAG G . 2.26 25.25 -22.65
C3 NAG G . 3.44 26.07 -22.15
C4 NAG G . 3.59 25.92 -20.64
C5 NAG G . 3.65 24.45 -20.25
C6 NAG G . 3.63 24.22 -18.76
C7 NAG G . 0.98 25.40 -24.74
C8 NAG G . 1.05 25.53 -26.23
N2 NAG G . 2.15 25.37 -24.10
O3 NAG G . 3.25 27.45 -22.48
O4 NAG G . 4.80 26.55 -20.22
O5 NAG G . 2.51 23.74 -20.78
O6 NAG G . 2.86 25.22 -18.09
O7 NAG G . -0.10 25.33 -24.15
H2 NAG G . 1.44 25.61 -22.26
H3 NAG G . 4.26 25.76 -22.58
H4 NAG G . 2.82 26.34 -20.20
H5 NAG G . 4.46 24.06 -20.63
H61 NAG G . 4.55 24.25 -18.41
H62 NAG G . 3.24 23.35 -18.57
H81 NAG G . 1.50 24.74 -26.61
H82 NAG G . 1.54 26.33 -26.47
H83 NAG G . 0.15 25.59 -26.60
HN2 NAG G . 2.91 25.41 -24.59
HO3 NAG G . 4.01 27.89 -22.38
HO6 NAG G . 2.83 25.03 -17.22
C1 NAG G . 4.51 27.56 -19.23
C2 NAG G . 5.72 27.70 -18.33
C3 NAG G . 5.48 28.78 -17.28
C4 NAG G . 5.14 30.09 -17.97
C5 NAG G . 3.95 29.90 -18.91
C6 NAG G . 3.64 31.14 -19.73
C7 NAG G . 7.21 25.79 -17.92
C8 NAG G . 7.39 24.50 -17.18
N2 NAG G . 6.05 26.44 -17.70
O3 NAG G . 6.64 28.94 -16.47
O4 NAG G . 4.82 31.09 -17.01
O5 NAG G . 4.22 28.84 -19.85
O6 NAG G . 3.24 32.22 -18.91
O7 NAG G . 8.07 26.24 -18.67
H2 NAG G . 6.49 27.97 -18.88
H3 NAG G . 4.74 28.51 -16.71
H4 NAG G . 5.90 30.40 -18.49
H5 NAG G . 3.16 29.66 -18.38
H61 NAG G . 2.92 30.93 -20.36
H62 NAG G . 4.44 31.39 -20.23
H81 NAG G . 6.77 23.84 -17.54
H82 NAG G . 7.21 24.64 -16.23
H83 NAG G . 8.31 24.19 -17.30
HN2 NAG G . 5.45 26.06 -17.12
HO3 NAG G . 6.41 28.83 -15.62
HO6 NAG G . 3.07 32.93 -19.41
C1 NAG H . -23.23 9.62 31.71
C2 NAG H . -22.37 8.42 32.16
C3 NAG H . -21.24 8.87 33.09
C4 NAG H . -20.49 10.06 32.53
C5 NAG H . -21.45 11.17 32.12
C6 NAG H . -20.78 12.33 31.45
C7 NAG H . -23.94 6.51 32.19
C8 NAG H . -24.71 5.58 33.06
N2 NAG H . -23.20 7.42 32.83
O3 NAG H . -20.34 7.78 33.28
O4 NAG H . -19.63 10.56 33.55
O5 NAG H . -22.40 10.64 31.18
O6 NAG H . -19.93 11.92 30.39
O7 NAG H . -23.96 6.45 30.97
H2 NAG H . -21.97 8.03 31.36
H3 NAG H . -21.65 9.13 33.94
H4 NAG H . -19.97 9.79 31.75
H5 NAG H . -21.93 11.49 32.92
H61 NAG H . -20.25 12.82 32.12
H62 NAG H . -21.46 12.94 31.10
H81 NAG H . -25.27 5.00 32.50
H82 NAG H . -25.27 6.08 33.66
H83 NAG H . -24.09 5.02 33.57
HN2 NAG H . -23.21 7.43 33.74
HO3 NAG H . -19.51 8.05 33.10
HO6 NAG H . -20.27 12.20 29.62
C1 NAG H . -18.27 10.63 33.12
C2 NAG H . -17.50 11.08 34.37
C3 NAG H . -16.04 11.27 34.02
C4 NAG H . -15.48 10.00 33.40
C5 NAG H . -16.35 9.51 32.25
C6 NAG H . -15.94 8.14 31.73
C7 NAG H . -18.36 13.38 34.23
C8 NAG H . -18.98 14.51 34.99
N2 NAG H . -18.08 12.28 34.94
O3 NAG H . -15.31 11.61 35.20
O4 NAG H . -14.16 10.21 32.92
O5 NAG H . -17.72 9.39 32.65
O6 NAG H . -16.12 7.15 32.72
O7 NAG H . -18.12 13.45 33.03
H2 NAG H . -17.56 10.37 35.04
H3 NAG H . -15.94 12.02 33.38
H4 NAG H . -15.46 9.32 34.10
H5 NAG H . -16.31 10.16 31.52
H61 NAG H . -14.99 8.17 31.48
H62 NAG H . -16.48 7.92 30.95
H81 NAG H . -18.57 14.56 35.87
H82 NAG H . -19.94 14.35 35.08
H83 NAG H . -18.83 15.35 34.51
HN2 NAG H . -18.26 12.29 35.83
HO3 NAG H . -14.50 11.90 34.97
HO6 NAG H . -15.68 6.41 32.50
C1 BMA H . -13.25 9.46 33.73
C2 BMA H . -12.08 9.03 32.83
C3 BMA H . -11.01 8.34 33.67
C4 BMA H . -10.59 9.26 34.82
C5 BMA H . -11.80 9.72 35.66
C6 BMA H . -11.43 10.82 36.65
O2 BMA H . -11.46 10.14 32.21
O3 BMA H . -9.87 8.07 32.84
O4 BMA H . -9.67 8.56 35.65
O5 BMA H . -12.82 10.27 34.82
O6 BMA H . -12.15 12.01 36.28
H2 BMA H . -12.47 8.34 32.07
H3 BMA H . -11.37 7.40 34.08
H4 BMA H . -10.16 10.17 34.38
H5 BMA H . -12.19 8.84 36.20
H61 BMA H . -10.34 10.98 36.62
H62 BMA H . -11.70 10.49 37.67
HO2 BMA H . -11.99 10.33 31.41
HO4 BMA H . -8.90 8.38 35.08
C1 MAN H . -9.33 6.72 32.76
C2 MAN H . -9.00 6.61 31.23
C3 MAN H . -9.34 5.26 30.65
C4 MAN H . -8.99 4.18 31.63
C5 MAN H . -9.97 4.23 32.80
C6 MAN H . -9.51 3.37 33.98
O2 MAN H . -7.60 6.78 31.01
O3 MAN H . -8.71 5.04 29.40
O4 MAN H . -9.08 2.91 31.01
O5 MAN H . -10.17 5.63 33.29
O6 MAN H . -10.60 3.18 34.87
H2 MAN H . -9.60 7.37 30.69
H3 MAN H . -10.42 5.21 30.44
H4 MAN H . -7.97 4.36 32.01
H5 MAN H . -10.95 3.89 32.45
H61 MAN H . -8.67 3.88 34.47
H62 MAN H . -9.15 2.40 33.58
HO2 MAN H . -7.27 7.45 31.61
HO3 MAN H . -8.80 5.87 28.91
HO4 MAN H . -8.53 2.98 30.20
HO6 MAN H . -11.21 2.55 34.46
C1 MAN H . -12.23 12.92 37.40
C2 MAN H . -13.19 14.09 37.01
C3 MAN H . -12.52 15.05 36.02
C4 MAN H . -11.12 15.47 36.52
C5 MAN H . -10.28 14.21 36.75
C6 MAN H . -8.87 14.51 37.21
O2 MAN H . -13.54 14.87 38.16
O3 MAN H . -13.31 16.21 35.78
O4 MAN H . -10.50 16.30 35.57
O5 MAN H . -10.93 13.40 37.75
O6 MAN H . -8.16 13.27 37.34
H2 MAN H . -14.08 13.65 36.54
H3 MAN H . -12.40 14.55 35.06
H4 MAN H . -11.24 15.99 37.49
H5 MAN H . -10.21 13.65 35.79
H61 MAN H . -8.92 15.05 38.16
H62 MAN H . -8.38 15.16 36.46
HO2 MAN H . -13.68 14.30 38.91
HO3 MAN H . -14.21 15.87 35.59
HO4 MAN H . -11.16 16.98 35.34
HO6 MAN H . -8.79 12.63 37.73
C1 NAG I . -37.23 15.16 18.95
C2 NAG I . -38.33 16.03 19.59
C3 NAG I . -39.26 15.19 20.47
C4 NAG I . -39.76 13.96 19.73
C5 NAG I . -38.58 13.18 19.19
C6 NAG I . -38.99 11.97 18.37
C7 NAG I . -37.54 18.34 19.93
C8 NAG I . -36.91 19.30 20.90
N2 NAG I . -37.73 17.10 20.39
O3 NAG I . -40.35 16.00 20.89
O4 NAG I . -40.54 13.14 20.58
O5 NAG I . -37.82 14.02 18.32
O6 NAG I . -40.08 12.30 17.53
O7 NAG I . -37.84 18.67 18.79
H2 NAG I . -38.87 16.41 18.88
H3 NAG I . -38.75 14.88 21.25
H4 NAG I . -40.33 14.24 18.98
H5 NAG I . -38.02 12.88 19.94
H61 NAG I . -39.24 11.24 18.97
H62 NAG I . -38.23 11.69 17.82
H81 NAG I . -36.85 20.18 20.50
H82 NAG I . -36.02 18.98 21.14
H83 NAG I . -37.46 19.35 21.71
HN2 NAG I . -37.48 16.91 21.24
HO3 NAG I . -40.96 16.04 20.24
C1 NAG I . -41.94 13.50 20.42
C2 NAG I . -42.84 12.30 20.72
C3 NAG I . -44.31 12.70 20.58
C4 NAG I . -44.63 13.97 21.37
C5 NAG I . -43.59 15.06 21.10
C6 NAG I . -43.75 16.27 21.99
C7 NAG I . -41.88 10.09 20.20
C8 NAG I . -41.67 9.05 19.14
N2 NAG I . -42.55 11.18 19.82
O3 NAG I . -45.13 11.63 21.05
O4 NAG I . -45.88 14.46 20.91
O5 NAG I . -42.26 14.56 21.32
O6 NAG I . -43.13 16.07 23.26
O7 NAG I . -41.48 9.94 21.35
H2 NAG I . -42.69 12.01 21.63
H3 NAG I . -44.50 12.87 19.64
H4 NAG I . -44.63 13.76 22.31
H5 NAG I . -43.67 15.34 20.16
H61 NAG I . -44.70 16.44 22.13
H62 NAG I . -43.34 17.04 21.56
H81 NAG I . -41.24 9.45 18.37
H82 NAG I . -42.54 8.68 18.87
H83 NAG I . -41.11 8.33 19.50
HN2 NAG I . -42.82 11.25 18.95
HO3 NAG I . -45.91 11.63 20.62
HO6 NAG I . -43.37 16.72 23.80
C1 BMA I . -46.98 14.33 21.83
C2 BMA I . -48.23 14.76 21.03
C3 BMA I . -49.51 14.51 21.82
C4 BMA I . -49.53 13.08 22.36
C5 BMA I . -48.29 12.84 23.22
C6 BMA I . -48.24 11.47 23.85
O2 BMA I . -48.34 14.02 19.82
O3 BMA I . -50.67 14.75 21.03
O4 BMA I . -50.71 12.87 23.15
O5 BMA I . -47.12 13.02 22.37
O6 BMA I . -48.37 11.61 25.26
C1 FUC I . -39.98 11.65 16.25
C2 FUC I . -41.23 12.10 15.49
C3 FUC I . -41.15 13.59 15.19
C4 FUC I . -39.88 13.90 14.41
C5 FUC I . -38.65 13.40 15.16
C6 FUC I . -37.39 13.49 14.32
O2 FUC I . -42.42 11.79 16.20
O3 FUC I . -42.26 13.98 14.40
O4 FUC I . -39.95 13.30 13.13
O5 FUC I . -38.79 12.01 15.55
H2 FUC I . -41.26 11.56 14.54
H3 FUC I . -41.14 14.15 16.15
H4 FUC I . -39.79 15.01 14.32
H5 FUC I . -38.56 14.00 16.07
H61 FUC I . -36.51 13.56 14.97
H62 FUC I . -37.42 14.37 13.67
H63 FUC I . -37.28 12.59 13.70
HO2 FUC I . -42.36 12.28 17.04
HO3 FUC I . -41.95 13.99 13.50
HO4 FUC I . -39.39 13.85 12.55
C1 NAG J . -8.94 23.87 -3.34
C2 NAG J . -8.77 24.92 -4.40
C3 NAG J . -9.74 24.63 -5.55
C4 NAG J . -9.61 23.18 -6.01
C5 NAG J . -9.47 22.18 -4.87
C6 NAG J . -8.93 20.84 -5.32
C7 NAG J . -7.99 27.14 -3.70
C8 NAG J . -8.38 28.48 -3.14
N2 NAG J . -8.98 26.26 -3.87
O3 NAG J . -9.48 25.52 -6.63
O4 NAG J . -10.79 22.83 -6.71
O5 NAG J . -8.57 22.64 -3.85
O6 NAG J . -9.64 20.33 -6.44
O7 NAG J . -6.82 26.88 -3.98
H2 NAG J . -7.85 24.88 -4.75
H3 NAG J . -10.65 24.78 -5.23
H4 NAG J . -8.80 23.14 -6.57
H5 NAG J . -10.35 22.06 -4.46
H61 NAG J . -8.99 20.20 -4.59
H62 NAG J . -7.99 20.95 -5.58
H81 NAG J . -7.63 29.10 -3.22
H82 NAG J . -8.62 28.38 -2.20
H83 NAG J . -9.14 28.82 -3.64
HN2 NAG J . -9.83 26.51 -3.65
HO3 NAG J . -10.23 25.74 -7.02
HO6 NAG J . -10.34 19.87 -6.16
C1 NAG J . -10.69 23.03 -8.13
C2 NAG J . -11.29 21.83 -8.83
C3 NAG J . -11.25 22.04 -10.33
C4 NAG J . -11.92 23.36 -10.72
C5 NAG J . -11.37 24.51 -9.90
C6 NAG J . -12.16 25.80 -10.06
C7 NAG J . -11.09 19.39 -8.77
C8 NAG J . -10.23 18.23 -8.36
N2 NAG J . -10.59 20.61 -8.49
O3 NAG J . -11.90 20.96 -11.00
O4 NAG J . -11.62 23.55 -12.08
O5 NAG J . -11.40 24.21 -8.49
O6 NAG J . -11.40 26.82 -10.68
O7 NAG J . -12.17 19.24 -9.32
H2 NAG J . -12.22 21.75 -8.56
H3 NAG J . -10.31 22.08 -10.62
H4 NAG J . -12.89 23.33 -10.55
H5 NAG J . -10.44 24.67 -10.16
H61 NAG J . -12.45 26.11 -9.18
H62 NAG J . -12.95 25.61 -10.61
H81 NAG J . -10.41 17.99 -7.44
H82 NAG J . -9.29 18.48 -8.45
H83 NAG J . -10.42 17.47 -8.95
HN2 NAG J . -9.80 20.67 -8.06
HO3 NAG J . -11.82 21.07 -11.88
HO6 NAG J . -11.88 27.56 -10.74
C1 BMA J . -12.72 24.01 -12.86
C2 BMA J . -12.01 25.05 -13.69
C3 BMA J . -12.91 25.53 -14.80
C4 BMA J . -13.44 24.36 -15.61
C5 BMA J . -14.24 23.48 -14.63
C6 BMA J . -15.00 22.33 -15.32
O2 BMA J . -10.85 24.49 -14.28
O3 BMA J . -12.24 26.49 -15.62
O4 BMA J . -14.28 24.81 -16.66
O5 BMA J . -13.30 22.99 -13.66
O6 BMA J . -14.12 21.22 -15.52
H2 BMA J . -11.76 25.91 -13.04
H3 BMA J . -13.78 26.06 -14.40
H4 BMA J . -12.61 23.78 -16.03
H5 BMA J . -15.03 24.07 -14.13
H61 BMA J . -15.40 22.71 -16.27
H62 BMA J . -15.85 22.06 -14.67
HO2 BMA J . -10.44 23.94 -13.59
HO4 BMA J . -13.67 24.89 -17.42
C1 MAN J . -13.19 27.52 -15.98
C2 MAN J . -12.40 28.58 -16.87
C3 MAN J . -12.27 29.95 -16.20
C4 MAN J . -13.54 30.32 -15.45
C5 MAN J . -13.64 29.36 -14.28
C6 MAN J . -14.83 29.62 -13.36
O2 MAN J . -13.10 28.81 -18.10
O3 MAN J . -11.95 30.97 -17.15
O4 MAN J . -13.51 31.65 -14.99
O5 MAN J . -13.85 28.03 -14.77
O6 MAN J . -14.34 29.81 -12.04
H2 MAN J . -11.40 28.20 -17.02
H3 MAN J . -11.45 29.93 -15.49
H4 MAN J . -14.42 30.18 -16.11
H5 MAN J . -12.71 29.44 -13.71
H61 MAN J . -15.52 28.77 -13.43
H62 MAN J . -15.35 30.53 -13.73
HO2 MAN J . -13.43 27.96 -18.42
HO3 MAN J . -11.34 30.56 -17.78
HO4 MAN J . -13.62 32.19 -15.78
HO6 MAN J . -14.78 29.15 -11.47
C1 MAN J . -14.82 20.18 -16.24
C2 MAN J . -13.78 19.10 -16.62
C3 MAN J . -12.85 19.64 -17.71
C4 MAN J . -13.66 20.19 -18.90
C5 MAN J . -14.67 21.25 -18.41
C6 MAN J . -15.57 21.76 -19.51
O2 MAN J . -14.40 17.94 -17.19
O3 MAN J . -11.93 18.66 -18.15
O4 MAN J . -12.79 20.77 -19.85
O5 MAN J . -15.51 20.69 -17.38
O6 MAN J . -16.86 22.01 -18.97
H2 MAN J . -13.21 18.82 -15.74
H3 MAN J . -12.26 20.46 -17.30
H4 MAN J . -14.25 19.35 -19.33
H5 MAN J . -14.09 22.10 -18.00
H61 MAN J . -15.62 20.99 -20.31
H62 MAN J . -15.14 22.68 -19.94
HO2 MAN J . -15.15 17.68 -16.63
HO3 MAN J . -11.61 18.23 -17.35
HO4 MAN J . -12.25 20.04 -20.19
HO6 MAN J . -16.74 22.37 -18.08
C1 NAG K . -18.82 -6.65 -4.70
C2 NAG K . -18.03 -7.56 -5.63
C3 NAG K . -18.94 -8.08 -6.73
C4 NAG K . -20.18 -8.75 -6.15
C5 NAG K . -20.85 -7.85 -5.11
C6 NAG K . -21.93 -8.56 -4.33
C7 NAG K . -15.71 -6.78 -5.56
C8 NAG K . -14.62 -6.03 -6.27
N2 NAG K . -16.89 -6.87 -6.19
O3 NAG K . -18.23 -8.99 -7.55
O4 NAG K . -21.10 -9.02 -7.19
O5 NAG K . -19.90 -7.38 -4.14
O6 NAG K . -21.38 -9.41 -3.33
O7 NAG K . -15.52 -7.29 -4.45
H2 NAG K . -17.71 -8.33 -5.12
H3 NAG K . -19.22 -7.32 -7.29
H4 NAG K . -19.91 -9.58 -5.70
H5 NAG K . -21.23 -7.08 -5.58
H61 NAG K . -22.48 -9.10 -4.94
H62 NAG K . -22.50 -7.90 -3.90
H81 NAG K . -14.86 -5.09 -6.33
H82 NAG K . -14.52 -6.40 -7.18
H83 NAG K . -13.78 -6.12 -5.79
HN2 NAG K . -16.96 -6.48 -7.01
HO3 NAG K . -18.76 -9.29 -8.21
HO6 NAG K . -22.02 -9.81 -2.88
C1 NAG K . -21.49 -10.42 -7.29
C2 NAG K . -22.03 -10.70 -8.70
C3 NAG K . -22.43 -12.17 -8.82
C4 NAG K . -21.29 -13.08 -8.40
C5 NAG K . -20.75 -12.68 -7.03
C6 NAG K . -19.50 -13.45 -6.64
C7 NAG K . -24.37 -9.94 -8.47
C8 NAG K . -25.40 -8.96 -8.95
N2 NAG K . -23.16 -9.83 -9.02
O3 NAG K . -22.79 -12.45 -10.17
O4 NAG K . -21.79 -14.41 -8.26
O5 NAG K . -20.38 -11.30 -7.02
O6 NAG K . -18.36 -12.99 -7.36
O7 NAG K . -24.63 -10.78 -7.62
H2 NAG K . -21.32 -10.53 -9.33
H3 NAG K . -23.20 -12.34 -8.24
H4 NAG K . -20.59 -13.04 -9.07
H5 NAG K . -21.43 -12.83 -6.36
H61 NAG K . -19.64 -14.40 -6.83
H62 NAG K . -19.34 -13.34 -5.68
H81 NAG K . -25.53 -9.07 -9.91
H82 NAG K . -25.10 -8.05 -8.76
H83 NAG K . -26.24 -9.12 -8.49
HN2 NAG K . -23.02 -9.18 -9.65
HO3 NAG K . -23.44 -13.05 -10.20
HO6 NAG K . -17.71 -13.58 -7.27
C1 BMA K . -21.79 -15.23 -9.44
C2 BMA K . -21.14 -16.52 -9.00
C3 BMA K . -21.18 -17.55 -10.12
C4 BMA K . -22.60 -17.68 -10.69
C5 BMA K . -23.19 -16.30 -11.05
C6 BMA K . -24.65 -16.40 -11.47
O2 BMA K . -21.87 -17.11 -7.93
O3 BMA K . -20.71 -18.80 -9.60
O4 BMA K . -22.57 -18.52 -11.84
O5 BMA K . -23.08 -15.45 -9.89
O6 BMA K . -25.34 -15.20 -11.12
H2 BMA K . -20.10 -16.31 -8.73
H3 BMA K . -20.54 -17.28 -10.97
H4 BMA K . -23.23 -18.11 -9.90
H5 BMA K . -22.61 -15.85 -11.87
H61 BMA K . -25.10 -17.29 -10.98
H62 BMA K . -24.67 -16.56 -12.57
HO2 BMA K . -22.01 -16.39 -7.29
HO4 BMA K . -22.76 -19.41 -11.52
C1 MAN K . -20.04 -19.65 -10.56
C2 MAN K . -20.50 -21.08 -10.23
C3 MAN K . -20.04 -21.42 -8.81
C4 MAN K . -18.52 -21.23 -8.70
C5 MAN K . -18.13 -19.80 -9.12
C6 MAN K . -16.63 -19.57 -9.15
O2 MAN K . -19.87 -22.05 -11.09
O3 MAN K . -20.42 -22.73 -8.44
O4 MAN K . -18.11 -21.46 -7.36
O5 MAN K . -18.65 -19.53 -10.44
O6 MAN K . -16.06 -20.20 -7.99
H2 MAN K . -21.59 -21.14 -10.34
H3 MAN K . -20.53 -20.75 -8.11
H4 MAN K . -18.02 -21.94 -9.39
H5 MAN K . -18.58 -19.10 -8.40
H61 MAN K . -16.45 -18.49 -9.15
H62 MAN K . -16.22 -20.00 -10.08
HO2 MAN K . -19.99 -21.79 -12.00
HO3 MAN K . -21.38 -22.71 -8.35
HO4 MAN K . -18.36 -22.38 -7.17
HO6 MAN K . -16.70 -20.10 -7.27
C1 MAN K . -26.76 -15.46 -11.27
C2 MAN K . -27.46 -14.12 -11.71
C3 MAN K . -27.52 -13.14 -10.55
C4 MAN K . -28.14 -13.80 -9.31
C5 MAN K . -27.34 -15.06 -8.94
C6 MAN K . -27.93 -15.80 -7.74
O2 MAN K . -28.81 -14.35 -12.11
O3 MAN K . -28.23 -11.95 -10.89
O4 MAN K . -28.14 -12.89 -8.22
O5 MAN K . -27.33 -15.97 -10.06
O6 MAN K . -28.12 -17.15 -8.11
H2 MAN K . -26.88 -13.69 -12.54
H3 MAN K . -26.50 -12.82 -10.29
H4 MAN K . -29.17 -14.11 -9.57
H5 MAN K . -26.31 -14.76 -8.69
H61 MAN K . -28.88 -15.32 -7.47
H62 MAN K . -27.22 -15.70 -6.90
HO2 MAN K . -28.86 -15.16 -12.63
HO3 MAN K . -27.84 -11.65 -11.73
HO4 MAN K . -28.73 -12.17 -8.50
HO6 MAN K . -27.26 -17.53 -8.35
C1 NAG L . -10.73 -28.23 15.13
C2 NAG L . -10.33 -29.55 15.77
C3 NAG L . -9.47 -29.29 17.01
C4 NAG L . -8.28 -28.41 16.66
C5 NAG L . -8.73 -27.15 15.93
C6 NAG L . -7.58 -26.33 15.41
C7 NAG L . -12.01 -31.28 15.31
C8 NAG L . -13.22 -32.01 15.83
N2 NAG L . -11.50 -30.34 16.12
O3 NAG L . -9.03 -30.53 17.55
O4 NAG L . -7.61 -28.04 17.86
O5 NAG L . -9.54 -27.48 14.80
O6 NAG L . -6.49 -27.15 15.02
O7 NAG L . -11.53 -31.53 14.21
H2 NAG L . -9.80 -30.06 15.13
H3 NAG L . -10.02 -28.83 17.68
H4 NAG L . -7.68 -28.92 16.08
H5 NAG L . -9.27 -26.61 16.54
H61 NAG L . -7.29 -25.71 16.10
H62 NAG L . -7.88 -25.81 14.64
H81 NAG L . -13.94 -31.38 15.96
H82 NAG L . -12.99 -32.43 16.68
H83 NAG L . -13.49 -32.69 15.19
HN2 NAG L . -11.90 -30.20 16.92
HO3 NAG L . -8.73 -30.39 18.37
HO6 NAG L . -5.85 -26.64 14.68
C1 NAG L . -6.24 -28.48 17.81
C2 NAG L . -5.41 -27.52 18.67
C3 NAG L . -3.94 -27.96 18.66
C4 NAG L . -3.84 -29.40 19.15
C5 NAG L . -4.73 -30.31 18.31
C6 NAG L . -4.77 -31.73 18.83
C7 NAG L . -6.08 -25.19 18.93
C8 NAG L . -6.15 -23.82 18.30
N2 NAG L . -5.54 -26.16 18.19
O3 NAG L . -3.18 -27.09 19.49
O4 NAG L . -2.49 -29.83 19.07
O5 NAG L . -6.08 -29.83 18.31
O6 NAG L . -3.48 -32.34 18.76
O7 NAG L . -6.51 -25.39 20.07
H2 NAG L . -5.73 -27.57 19.57
H3 NAG L . -3.59 -27.90 17.75
H4 NAG L . -4.12 -29.44 20.08
H5 NAG L . -4.40 -30.31 17.39
H61 NAG L . -5.40 -32.25 18.30
H62 NAG L . -5.07 -31.72 19.76
H81 NAG L . -6.80 -23.84 17.57
H82 NAG L . -5.27 -23.59 17.95
H83 NAG L . -6.42 -23.17 18.96
HN2 NAG L . -5.24 -25.95 17.36
HO3 NAG L . -2.52 -26.74 19.01
HO6 NAG L . -3.54 -33.18 19.05
C1 NAG M . 35.98 -31.09 22.69
C2 NAG M . 35.90 -30.53 24.12
C3 NAG M . 36.63 -29.19 24.20
C4 NAG M . 38.05 -29.33 23.68
C5 NAG M . 38.06 -29.96 22.28
C6 NAG M . 39.45 -30.26 21.77
C7 NAG M . 33.87 -31.25 25.35
C8 NAG M . 34.65 -32.45 25.80
N2 NAG M . 34.51 -30.39 24.55
O3 NAG M . 36.63 -28.71 25.54
O4 NAG M . 38.69 -28.05 23.61
O5 NAG M . 37.35 -31.20 22.30
O6 NAG M . 39.91 -31.51 22.28
O7 NAG M . 32.71 -31.07 25.69
H2 NAG M . 36.33 -31.18 24.71
H3 NAG M . 36.14 -28.55 23.64
H4 NAG M . 38.55 -29.90 24.28
H5 NAG M . 37.62 -29.34 21.66
H61 NAG M . 40.07 -29.56 22.05
H62 NAG M . 39.43 -30.31 20.80
H81 NAG M . 35.40 -32.18 26.35
H82 NAG M . 34.97 -32.94 25.01
H83 NAG M . 34.06 -33.05 26.32
HN2 NAG M . 34.06 -29.66 24.26
HO3 NAG M . 36.65 -27.82 25.53
HO4 NAG M . 38.84 -27.84 22.77
HO6 NAG M . 40.66 -31.75 21.85
C1 NAG N . -1.90 49.28 6.54
C2 NAG N . -0.39 49.47 6.33
C3 NAG N . 0.38 48.94 7.54
C4 NAG N . -0.16 49.55 8.82
C5 NAG N . -1.66 49.37 8.93
C6 NAG N . -2.29 50.08 10.10
C7 NAG N . 0.31 49.47 3.95
C8 NAG N . 0.05 50.95 3.94
N2 NAG N . 0.08 48.83 5.10
O3 NAG N . 1.77 49.21 7.41
O4 NAG N . 0.46 48.92 9.95
O5 NAG N . -2.30 49.90 7.76
O6 NAG N . -2.52 51.46 9.79
O7 NAG N . 0.71 48.87 2.95
H2 NAG N . -0.22 50.44 6.25
H3 NAG N . 0.25 47.96 7.57
H4 NAG N . 0.05 50.50 8.83
H5 NAG N . -1.86 48.41 8.99
H61 NAG N . -1.68 50.03 10.86
H62 NAG N . -3.13 49.66 10.34
H81 NAG N . 0.65 51.40 4.55
H82 NAG N . -0.88 51.11 4.20
H83 NAG N . 0.19 51.29 3.03
HN2 NAG N . 0.21 47.93 5.13
HO3 NAG N . 2.23 48.57 7.82
HO4 NAG N . -0.16 48.47 10.41
HO6 NAG N . -3.02 51.83 10.43
#